data_9OGK
#
_entry.id   9OGK
#
_entity_poly.entity_id   1
_entity_poly.type   'polypeptide(L)'
_entity_poly.pdbx_seq_one_letter_code
;MEQRASLDSEESESPPQENSCLDPPDRDPNCKPPPVKPHIFTTRSRTRLFGKGDSEEASPLDCPYEEGGLASCPIITVSS
VLTIQRPGDGPASVRPSSQDSVSAGEKPPRLYDRRSIFDAVAQSNCQELESLLPFLQRSKKRLTDSEFKDPETGKTCLLK
AMLNLHNGQNDTIALLLDVARKTDSLKQFVNASYTDSYYKGQTALHIAIERRNMTLVTLLVENGADVQAAANGDFFKKTK
GRPGFYFGELPLSLAACTNQLAIVKFLLQNSWQPADISARDSVGNTVLHALVEVADNTVDNTKFVTSMYNEILILGAKLH
PTLKLEEITNRKGLTPLALAASSGKIGVLAYILQREIHEPECRHLSRKFTEWAYGPVHSSLYDLSCIDTCEKNSVLEVIA
YSSSETPNRHDMLLVEPLNRLLQDKWDRFVKRIFYFNFFVYCLYMIIFTAAAYYRPVEGLPPYKLKNTVGDYFRVTGEIL
SVSGGVYFFFRGIQYFLQRRPSLKSLFVDSYSEILFFVQSLFMLVSVVLYFSQRKEYVASMVFSLAMGWTNMLYYTRGFQ
QMGIYAVMIEKMILRDLCRFMFVYLVFLFGFSTAVVTLIEDGKNNSLPMESTPHKCRGSACKPGNSYNSLYSTCLELFKF
TIGMGDLEFTENYDFKAVFIILLLAYVILTYILLLNMLIALMGETVNKIAQESKNIWKLQRAITILDTEKSFLKCMRKAF
RSGKLLQVGFTPDGKDDYRWCFRVDEVNWTTWNTNVGIINEDPGNCEGVKRTLSFSLRSGRVSGRNWKNFALVPLLRDAS
TRDRHATQQEEVQLKHYTGSLKPEDAEVFKDSMVPGEK
;
_entity_poly.pdbx_strand_id   B,A,C,D
#
# COMPACT_ATOMS: atom_id res chain seq x y z
N LEU A 111 -26.48 -1.25 71.95
CA LEU A 111 -26.80 -0.08 71.15
C LEU A 111 -26.08 -0.12 69.82
N TYR A 112 -26.79 0.29 68.71
CA TYR A 112 -26.28 0.52 67.35
C TYR A 112 -26.70 1.84 66.79
N ASP A 113 -25.74 2.62 66.34
CA ASP A 113 -26.02 3.62 65.33
C ASP A 113 -25.55 3.25 64.00
N ARG A 114 -25.70 4.14 62.97
CA ARG A 114 -25.39 3.85 61.62
C ARG A 114 -23.89 3.63 61.40
N ARG A 115 -23.08 4.46 62.00
CA ARG A 115 -21.70 4.18 61.97
C ARG A 115 -21.26 2.78 62.43
N SER A 116 -21.94 2.25 63.44
CA SER A 116 -21.59 0.93 64.05
C SER A 116 -21.76 -0.24 63.06
N ILE A 117 -22.98 -0.33 62.49
CA ILE A 117 -23.37 -1.32 61.46
C ILE A 117 -22.61 -1.01 60.15
N PHE A 118 -22.43 0.20 59.70
CA PHE A 118 -21.71 0.43 58.46
C PHE A 118 -20.25 0.12 58.61
N ASP A 119 -19.73 0.20 59.86
CA ASP A 119 -18.43 -0.38 60.08
C ASP A 119 -18.46 -1.91 59.98
N ALA A 120 -19.56 -2.51 60.51
CA ALA A 120 -19.58 -3.99 60.58
C ALA A 120 -19.75 -4.68 59.27
N VAL A 121 -20.69 -4.18 58.44
CA VAL A 121 -20.73 -4.71 57.06
C VAL A 121 -19.44 -4.49 56.35
N ALA A 122 -18.77 -3.41 56.65
CA ALA A 122 -17.52 -3.14 55.87
C ALA A 122 -16.59 -4.26 56.10
N GLN A 123 -16.41 -4.79 57.34
CA GLN A 123 -15.45 -5.83 57.55
C GLN A 123 -16.08 -7.20 57.67
N SER A 124 -17.31 -7.33 57.12
CA SER A 124 -18.11 -8.63 57.12
C SER A 124 -18.21 -9.22 58.48
N ASN A 125 -18.47 -8.41 59.48
CA ASN A 125 -18.61 -8.75 60.87
C ASN A 125 -20.05 -9.09 61.16
N CYS A 126 -20.36 -10.35 61.17
CA CYS A 126 -21.72 -10.79 61.59
C CYS A 126 -21.77 -11.02 63.08
N GLN A 127 -20.66 -10.76 63.78
CA GLN A 127 -20.51 -10.92 65.18
C GLN A 127 -20.70 -9.58 65.92
N GLU A 128 -20.47 -8.42 65.20
CA GLU A 128 -20.86 -7.18 65.84
C GLU A 128 -22.35 -6.99 65.68
N LEU A 129 -23.02 -7.91 64.99
CA LEU A 129 -24.41 -7.69 64.62
C LEU A 129 -25.25 -8.78 65.20
N GLU A 130 -24.76 -9.49 66.23
CA GLU A 130 -25.56 -10.50 66.95
C GLU A 130 -26.52 -9.98 68.00
N SER A 131 -26.06 -8.95 68.81
CA SER A 131 -26.95 -8.18 69.60
C SER A 131 -27.83 -7.26 68.71
N LEU A 132 -27.54 -7.25 67.39
CA LEU A 132 -28.28 -6.31 66.55
C LEU A 132 -29.74 -6.78 66.53
N LEU A 133 -30.04 -8.10 66.54
CA LEU A 133 -31.42 -8.52 66.50
C LEU A 133 -32.09 -7.96 67.73
N PRO A 134 -31.52 -8.16 68.98
CA PRO A 134 -32.36 -7.87 70.13
C PRO A 134 -32.24 -6.39 70.44
N PHE A 135 -31.27 -5.62 69.90
CA PHE A 135 -31.27 -4.20 70.22
C PHE A 135 -32.48 -3.54 69.59
N LEU A 136 -32.72 -3.68 68.31
CA LEU A 136 -33.69 -2.96 67.54
C LEU A 136 -35.03 -3.59 67.80
N GLN A 137 -35.09 -4.72 68.49
CA GLN A 137 -36.32 -5.04 69.17
C GLN A 137 -36.60 -4.15 70.40
N ARG A 138 -35.62 -3.64 71.10
CA ARG A 138 -35.77 -2.86 72.35
C ARG A 138 -36.04 -1.40 72.10
N SER A 139 -35.18 -0.66 71.42
CA SER A 139 -35.39 0.73 71.09
C SER A 139 -36.35 0.86 69.93
N LYS A 140 -36.69 -0.29 69.33
CA LYS A 140 -37.49 -0.28 68.07
C LYS A 140 -36.96 0.71 67.07
N LYS A 141 -35.68 0.82 66.94
CA LYS A 141 -35.08 1.36 65.68
C LYS A 141 -35.28 0.37 64.56
N ARG A 142 -34.96 0.78 63.35
CA ARG A 142 -35.00 -0.09 62.17
C ARG A 142 -33.77 0.08 61.26
N LEU A 143 -33.61 -0.71 60.19
CA LEU A 143 -32.36 -0.93 59.48
C LEU A 143 -32.34 -0.24 58.14
N THR A 144 -33.49 -0.02 57.58
CA THR A 144 -33.72 0.95 56.52
C THR A 144 -33.83 2.36 57.12
N ASP A 145 -33.90 2.49 58.42
CA ASP A 145 -34.11 3.84 58.90
C ASP A 145 -33.07 4.75 58.37
N SER A 146 -33.43 6.01 58.21
CA SER A 146 -32.51 7.05 57.82
C SER A 146 -31.21 6.98 58.65
N GLU A 147 -31.36 6.55 59.93
CA GLU A 147 -30.12 6.21 60.61
C GLU A 147 -29.42 5.07 59.85
N PHE A 148 -30.01 3.95 59.73
CA PHE A 148 -29.24 2.73 59.41
C PHE A 148 -29.05 2.66 57.86
N LYS A 149 -29.48 3.63 57.12
CA LYS A 149 -29.08 3.88 55.73
C LYS A 149 -28.13 5.10 55.59
N ASP A 150 -26.97 4.88 54.90
CA ASP A 150 -26.09 6.04 54.68
C ASP A 150 -26.90 7.13 54.04
N PRO A 151 -26.99 8.34 54.59
CA PRO A 151 -28.18 9.13 54.24
C PRO A 151 -28.17 9.73 52.85
N GLU A 152 -27.06 9.78 52.06
CA GLU A 152 -27.03 10.64 50.86
C GLU A 152 -26.88 9.73 49.63
N THR A 153 -25.98 8.80 49.69
CA THR A 153 -25.87 7.67 48.76
C THR A 153 -27.06 6.72 49.03
N GLY A 154 -27.96 6.92 50.03
CA GLY A 154 -28.89 5.96 50.40
C GLY A 154 -28.24 4.57 50.53
N LYS A 155 -26.98 4.48 50.91
CA LYS A 155 -26.47 3.13 51.02
C LYS A 155 -27.01 2.49 52.28
N THR A 156 -28.12 1.84 52.15
CA THR A 156 -28.59 0.94 53.20
C THR A 156 -27.48 -0.06 53.43
N CYS A 157 -27.33 -0.65 54.60
CA CYS A 157 -26.27 -1.56 54.80
C CYS A 157 -26.13 -2.66 53.74
N LEU A 158 -27.30 -3.00 53.13
CA LEU A 158 -27.19 -3.92 52.04
C LEU A 158 -26.38 -3.25 50.91
N LEU A 159 -26.64 -1.98 50.51
CA LEU A 159 -25.85 -1.43 49.40
C LEU A 159 -24.42 -1.23 49.94
N LYS A 160 -24.14 -0.64 51.13
CA LYS A 160 -22.78 -0.40 51.45
C LYS A 160 -22.10 -1.74 51.49
N ALA A 161 -22.83 -2.76 51.85
CA ALA A 161 -22.27 -4.11 51.88
C ALA A 161 -22.07 -4.56 50.42
N MET A 162 -22.84 -4.07 49.47
CA MET A 162 -22.55 -4.38 48.10
C MET A 162 -21.28 -3.55 47.67
N LEU A 163 -21.13 -2.30 48.06
CA LEU A 163 -19.88 -1.67 47.61
C LEU A 163 -18.75 -2.34 48.36
N ASN A 164 -19.06 -3.05 49.43
CA ASN A 164 -18.09 -3.85 50.21
C ASN A 164 -18.42 -5.34 50.03
N LEU A 165 -18.79 -5.80 48.84
CA LEU A 165 -18.62 -7.22 48.62
C LEU A 165 -17.13 -7.54 48.82
N HIS A 166 -16.86 -8.55 49.63
CA HIS A 166 -15.62 -9.30 49.53
C HIS A 166 -15.86 -10.67 48.82
N ASN A 167 -15.30 -10.88 47.67
CA ASN A 167 -15.52 -12.12 46.90
C ASN A 167 -16.98 -12.32 46.57
N GLY A 168 -17.72 -11.21 46.33
CA GLY A 168 -19.08 -11.44 45.78
C GLY A 168 -20.01 -12.00 46.79
N GLN A 169 -19.65 -12.02 48.06
CA GLN A 169 -20.38 -12.73 49.07
C GLN A 169 -20.21 -12.02 50.43
N ASN A 170 -21.15 -12.31 51.32
CA ASN A 170 -21.14 -11.82 52.71
C ASN A 170 -22.29 -12.48 53.43
N ASP A 171 -22.20 -12.58 54.77
CA ASP A 171 -23.38 -13.00 55.53
C ASP A 171 -23.81 -12.06 56.61
N THR A 172 -23.20 -10.84 56.72
CA THR A 172 -23.92 -9.79 57.34
C THR A 172 -25.10 -9.52 56.46
N ILE A 173 -25.08 -9.67 55.14
CA ILE A 173 -26.33 -9.48 54.39
C ILE A 173 -27.43 -10.44 54.81
N ALA A 174 -27.11 -11.70 55.08
CA ALA A 174 -28.21 -12.66 55.36
C ALA A 174 -28.77 -12.31 56.76
N LEU A 175 -27.89 -11.92 57.71
CA LEU A 175 -28.22 -11.46 59.05
C LEU A 175 -28.79 -10.08 59.13
N LEU A 176 -28.53 -9.20 58.22
CA LEU A 176 -28.89 -7.80 58.35
C LEU A 176 -30.13 -7.60 57.51
N LEU A 177 -30.22 -8.36 56.37
CA LEU A 177 -31.54 -8.61 55.90
C LEU A 177 -32.30 -9.33 56.98
N ASP A 178 -31.60 -10.15 57.78
CA ASP A 178 -32.41 -10.85 58.80
C ASP A 178 -32.97 -9.92 59.82
N VAL A 179 -32.21 -8.97 60.38
CA VAL A 179 -32.87 -8.12 61.40
C VAL A 179 -33.91 -7.20 60.71
N ALA A 180 -33.61 -6.75 59.55
CA ALA A 180 -34.61 -6.13 58.71
C ALA A 180 -35.89 -7.00 58.60
N ARG A 181 -35.81 -8.31 58.75
CA ARG A 181 -36.99 -9.15 58.79
C ARG A 181 -37.62 -9.10 60.20
N LYS A 182 -36.81 -9.04 61.20
CA LYS A 182 -37.25 -8.98 62.56
C LYS A 182 -38.03 -7.68 62.87
N THR A 183 -37.82 -6.58 62.06
CA THR A 183 -38.50 -5.36 62.23
C THR A 183 -39.23 -4.99 60.97
N ASP A 184 -39.41 -5.88 59.96
CA ASP A 184 -40.15 -5.64 58.74
C ASP A 184 -39.84 -4.29 58.18
N SER A 185 -38.59 -3.98 58.09
CA SER A 185 -38.08 -2.93 57.24
C SER A 185 -37.77 -3.53 55.91
N LEU A 186 -38.10 -4.77 55.66
CA LEU A 186 -37.42 -5.57 54.68
C LEU A 186 -37.52 -5.07 53.23
N LYS A 187 -38.73 -4.94 52.63
CA LYS A 187 -38.69 -4.76 51.16
C LYS A 187 -37.99 -3.47 50.89
N GLN A 188 -38.22 -2.42 51.63
CA GLN A 188 -37.67 -1.12 51.46
C GLN A 188 -36.31 -1.07 52.17
N PHE A 189 -35.94 -2.13 52.87
CA PHE A 189 -34.52 -2.33 53.20
C PHE A 189 -33.75 -2.83 52.02
N VAL A 190 -34.18 -3.94 51.37
CA VAL A 190 -33.44 -4.31 50.19
C VAL A 190 -33.53 -3.28 49.08
N ASN A 191 -34.45 -2.35 49.12
CA ASN A 191 -34.75 -1.52 47.99
C ASN A 191 -34.47 -0.05 48.20
N ALA A 192 -33.66 0.27 49.20
CA ALA A 192 -33.10 1.60 49.17
C ALA A 192 -32.21 1.75 47.93
N SER A 193 -32.40 2.82 47.19
CA SER A 193 -31.45 3.15 46.08
C SER A 193 -30.65 4.36 46.46
N TYR A 194 -29.67 4.72 45.66
CA TYR A 194 -28.96 5.96 45.85
C TYR A 194 -29.83 7.17 45.48
N THR A 195 -29.78 8.26 46.21
CA THR A 195 -30.55 9.48 45.92
C THR A 195 -29.61 10.65 45.55
N ASP A 196 -28.27 10.56 45.76
CA ASP A 196 -27.38 11.56 45.21
C ASP A 196 -27.50 11.53 43.69
N SER A 197 -26.96 12.51 43.01
CA SER A 197 -27.18 12.46 41.56
C SER A 197 -26.43 11.27 40.93
N TYR A 198 -25.49 10.64 41.69
CA TYR A 198 -24.48 9.90 40.96
C TYR A 198 -24.74 8.42 40.77
N TYR A 199 -24.92 7.69 41.85
CA TYR A 199 -25.27 6.27 41.69
C TYR A 199 -26.81 6.10 41.73
N LYS A 200 -27.56 7.17 41.32
CA LYS A 200 -28.91 7.43 41.73
C LYS A 200 -29.85 6.26 41.27
N GLY A 201 -30.87 5.96 42.10
CA GLY A 201 -31.81 4.96 41.80
C GLY A 201 -31.22 3.57 41.56
N GLN A 202 -29.93 3.33 41.80
CA GLN A 202 -29.27 2.01 41.78
C GLN A 202 -29.46 1.21 43.09
N THR A 203 -30.24 0.11 43.07
CA THR A 203 -30.60 -0.62 44.25
C THR A 203 -29.73 -1.87 44.37
N ALA A 204 -29.73 -2.54 45.49
CA ALA A 204 -28.80 -3.64 45.91
C ALA A 204 -28.80 -4.66 44.77
N LEU A 205 -29.92 -4.85 44.13
CA LEU A 205 -30.01 -5.79 43.00
C LEU A 205 -29.33 -5.19 41.82
N HIS A 206 -29.62 -3.95 41.46
CA HIS A 206 -28.66 -3.26 40.52
C HIS A 206 -27.24 -3.50 40.87
N ILE A 207 -26.76 -3.43 42.12
CA ILE A 207 -25.35 -3.74 42.31
C ILE A 207 -25.08 -5.22 42.14
N ALA A 208 -25.99 -6.04 42.70
CA ALA A 208 -25.63 -7.47 42.74
C ALA A 208 -25.54 -8.01 41.32
N ILE A 209 -26.43 -7.57 40.44
CA ILE A 209 -26.30 -7.83 39.03
C ILE A 209 -25.00 -7.16 38.50
N GLU A 210 -24.69 -5.89 38.87
CA GLU A 210 -23.47 -5.31 38.27
C GLU A 210 -22.20 -6.13 38.71
N ARG A 211 -22.13 -6.59 39.97
CA ARG A 211 -21.02 -7.43 40.45
C ARG A 211 -21.12 -8.89 39.95
N ARG A 212 -22.14 -9.14 39.14
CA ARG A 212 -22.44 -10.42 38.46
C ARG A 212 -22.55 -11.61 39.42
N ASN A 213 -23.48 -11.62 40.32
CA ASN A 213 -23.64 -12.71 41.30
C ASN A 213 -25.03 -13.39 41.30
N MET A 214 -25.24 -14.53 40.60
CA MET A 214 -26.50 -15.26 40.69
C MET A 214 -27.02 -15.40 42.13
N THR A 215 -26.19 -15.62 43.14
CA THR A 215 -26.73 -15.94 44.49
C THR A 215 -27.28 -14.76 45.21
N LEU A 216 -26.46 -13.71 45.49
CA LEU A 216 -27.03 -12.65 46.30
C LEU A 216 -28.16 -12.00 45.59
N VAL A 217 -28.02 -11.90 44.22
CA VAL A 217 -29.19 -11.63 43.43
C VAL A 217 -30.37 -12.51 43.83
N THR A 218 -30.22 -13.87 43.83
CA THR A 218 -31.29 -14.77 44.25
C THR A 218 -31.74 -14.46 45.66
N LEU A 219 -30.84 -14.18 46.62
CA LEU A 219 -31.31 -13.88 47.99
C LEU A 219 -32.21 -12.62 47.94
N LEU A 220 -31.82 -11.56 47.28
CA LEU A 220 -32.49 -10.31 47.54
C LEU A 220 -33.90 -10.41 46.97
N VAL A 221 -34.03 -11.03 45.82
CA VAL A 221 -35.30 -11.20 45.08
C VAL A 221 -36.15 -12.28 45.80
N GLU A 222 -35.55 -13.37 46.37
CA GLU A 222 -36.31 -14.22 47.33
C GLU A 222 -36.72 -13.45 48.53
N ASN A 223 -36.09 -12.34 48.76
CA ASN A 223 -36.17 -11.52 49.97
C ASN A 223 -36.85 -10.22 49.65
N GLY A 224 -37.41 -10.15 48.45
CA GLY A 224 -38.32 -9.05 48.05
C GLY A 224 -37.66 -7.84 47.47
N ALA A 225 -36.47 -7.94 46.80
CA ALA A 225 -35.94 -6.85 46.03
C ALA A 225 -37.06 -6.33 45.17
N ASP A 226 -37.17 -5.05 44.94
CA ASP A 226 -38.05 -4.57 43.92
C ASP A 226 -37.32 -4.44 42.60
N VAL A 227 -37.98 -4.78 41.51
CA VAL A 227 -37.29 -5.15 40.34
C VAL A 227 -37.73 -4.25 39.16
N GLN A 228 -38.74 -3.43 39.37
CA GLN A 228 -39.04 -2.41 38.39
C GLN A 228 -38.35 -1.10 38.77
N ALA A 229 -37.58 -1.16 39.80
CA ALA A 229 -36.84 0.00 40.32
C ALA A 229 -35.87 0.56 39.32
N ALA A 230 -36.10 1.83 38.92
CA ALA A 230 -35.25 2.55 37.94
C ALA A 230 -34.04 3.09 38.62
N ALA A 231 -32.89 3.08 37.90
CA ALA A 231 -31.79 3.98 38.15
C ALA A 231 -31.57 5.06 37.05
N ASN A 232 -31.99 6.32 37.35
CA ASN A 232 -31.96 7.42 36.42
C ASN A 232 -31.19 8.68 36.87
N GLY A 233 -30.07 8.48 37.53
CA GLY A 233 -29.02 9.55 37.54
C GLY A 233 -28.34 9.79 36.25
N ASP A 234 -27.71 10.94 36.03
CA ASP A 234 -27.07 11.34 34.80
C ASP A 234 -25.98 10.28 34.48
N PHE A 235 -25.53 9.51 35.50
CA PHE A 235 -24.61 8.39 35.33
C PHE A 235 -25.21 7.35 34.47
N PHE A 236 -26.55 7.27 34.32
CA PHE A 236 -27.15 6.21 33.46
C PHE A 236 -27.57 6.70 32.07
N LYS A 237 -28.05 7.93 32.05
CA LYS A 237 -28.29 8.56 30.74
C LYS A 237 -26.97 8.91 30.12
N LYS A 238 -27.04 9.50 28.88
CA LYS A 238 -25.87 9.62 28.06
C LYS A 238 -24.79 10.40 28.83
N THR A 239 -23.55 10.32 28.45
CA THR A 239 -22.48 10.57 29.38
C THR A 239 -22.20 12.06 29.41
N LYS A 240 -22.09 12.75 30.51
CA LYS A 240 -21.83 14.19 30.45
C LYS A 240 -20.66 14.63 29.60
N GLY A 241 -19.37 14.18 29.77
CA GLY A 241 -19.01 12.93 30.39
C GLY A 241 -18.90 12.88 31.91
N ARG A 242 -19.82 12.20 32.54
CA ARG A 242 -19.83 11.98 33.98
C ARG A 242 -19.02 10.81 34.51
N PRO A 243 -18.82 9.62 33.87
CA PRO A 243 -19.72 9.00 32.84
C PRO A 243 -21.08 8.80 33.46
N GLY A 244 -22.14 8.11 32.91
CA GLY A 244 -22.04 7.06 31.93
C GLY A 244 -22.11 5.74 32.66
N PHE A 245 -22.81 4.74 32.23
CA PHE A 245 -23.18 4.50 30.84
C PHE A 245 -24.67 4.13 30.74
N TYR A 246 -25.16 3.91 29.53
CA TYR A 246 -26.55 3.64 29.22
C TYR A 246 -26.89 2.19 28.81
N PHE A 247 -27.37 1.38 29.77
CA PHE A 247 -28.01 0.14 29.48
C PHE A 247 -29.54 0.25 29.62
N GLY A 248 -29.98 1.47 29.76
CA GLY A 248 -31.36 1.81 29.98
C GLY A 248 -31.98 1.37 31.30
N GLU A 249 -31.35 1.62 32.46
CA GLU A 249 -32.12 1.70 33.72
C GLU A 249 -32.65 0.42 34.30
N LEU A 250 -33.48 -0.33 33.66
CA LEU A 250 -34.32 -1.29 34.36
C LEU A 250 -33.56 -2.57 34.61
N PRO A 251 -33.63 -3.26 35.75
CA PRO A 251 -32.58 -4.18 36.15
C PRO A 251 -32.48 -5.32 35.19
N LEU A 252 -33.56 -5.74 34.62
CA LEU A 252 -33.61 -6.79 33.61
C LEU A 252 -32.92 -6.28 32.38
N SER A 253 -33.23 -5.01 31.94
CA SER A 253 -32.39 -4.47 30.91
C SER A 253 -30.95 -4.47 31.32
N LEU A 254 -30.67 -4.27 32.64
CA LEU A 254 -29.29 -4.24 33.09
C LEU A 254 -28.73 -5.65 32.89
N ALA A 255 -29.56 -6.70 33.19
CA ALA A 255 -29.12 -8.06 33.31
C ALA A 255 -28.83 -8.68 31.92
N ALA A 256 -29.82 -8.58 31.01
CA ALA A 256 -29.63 -9.04 29.65
C ALA A 256 -28.54 -8.26 29.04
N CYS A 257 -28.56 -6.93 29.27
CA CYS A 257 -27.45 -6.14 28.67
C CYS A 257 -26.09 -6.45 29.29
N THR A 258 -26.00 -6.96 30.46
CA THR A 258 -24.73 -7.42 31.07
C THR A 258 -24.48 -8.90 30.75
N ASN A 259 -25.19 -9.48 29.76
CA ASN A 259 -24.84 -10.79 29.28
C ASN A 259 -24.77 -11.79 30.46
N GLN A 260 -25.94 -11.98 31.10
CA GLN A 260 -26.12 -12.79 32.28
C GLN A 260 -27.31 -13.70 32.04
N LEU A 261 -27.32 -14.42 30.89
CA LEU A 261 -28.45 -15.11 30.32
C LEU A 261 -29.19 -15.82 31.45
N ALA A 262 -28.47 -16.39 32.39
CA ALA A 262 -29.04 -17.11 33.47
C ALA A 262 -29.96 -16.23 34.36
N ILE A 263 -29.62 -14.96 34.68
CA ILE A 263 -30.30 -14.18 35.69
C ILE A 263 -31.39 -13.30 35.02
N VAL A 264 -31.16 -12.89 33.78
CA VAL A 264 -32.37 -12.54 33.00
C VAL A 264 -33.33 -13.74 32.85
N LYS A 265 -32.86 -14.98 32.78
CA LYS A 265 -33.79 -16.04 32.99
C LYS A 265 -34.31 -16.10 34.40
N PHE A 266 -33.46 -15.93 35.45
CA PHE A 266 -33.95 -16.06 36.77
C PHE A 266 -35.08 -15.02 37.01
N LEU A 267 -34.82 -13.70 36.85
CA LEU A 267 -35.80 -12.68 37.05
C LEU A 267 -37.08 -13.01 36.35
N LEU A 268 -37.12 -13.69 35.18
CA LEU A 268 -38.38 -13.84 34.48
C LEU A 268 -39.11 -15.15 34.82
N GLN A 269 -38.41 -16.27 34.92
CA GLN A 269 -39.00 -17.48 35.42
C GLN A 269 -39.25 -17.55 36.94
N ASN A 270 -38.77 -16.57 37.75
CA ASN A 270 -38.76 -16.74 39.19
C ASN A 270 -40.18 -16.53 39.68
N SER A 271 -40.39 -16.51 41.01
CA SER A 271 -41.71 -16.49 41.59
C SER A 271 -42.05 -15.18 42.33
N TRP A 272 -41.18 -14.65 43.13
CA TRP A 272 -41.60 -13.64 44.11
C TRP A 272 -42.10 -12.42 43.38
N GLN A 273 -41.40 -12.04 42.29
CA GLN A 273 -42.02 -11.27 41.25
C GLN A 273 -41.33 -11.51 39.93
N PRO A 274 -41.91 -12.30 38.97
CA PRO A 274 -41.26 -12.40 37.69
C PRO A 274 -41.06 -10.98 37.12
N ALA A 275 -39.99 -10.65 36.39
CA ALA A 275 -39.74 -9.27 36.06
C ALA A 275 -40.64 -8.92 34.91
N ASP A 276 -41.28 -7.73 34.99
CA ASP A 276 -42.04 -7.31 33.85
C ASP A 276 -41.15 -7.00 32.61
N ILE A 277 -41.68 -7.37 31.41
CA ILE A 277 -40.78 -7.41 30.27
C ILE A 277 -40.92 -6.18 29.39
N SER A 278 -42.04 -5.50 29.45
CA SER A 278 -42.31 -4.29 28.60
C SER A 278 -42.21 -2.95 29.38
N ALA A 279 -41.51 -2.94 30.53
CA ALA A 279 -41.39 -1.61 31.17
C ALA A 279 -40.33 -0.83 30.43
N ARG A 280 -40.77 -0.13 29.39
CA ARG A 280 -39.98 1.00 28.81
C ARG A 280 -39.36 1.88 29.91
N ASP A 281 -38.09 2.18 29.78
CA ASP A 281 -37.39 2.94 30.82
C ASP A 281 -37.65 4.41 30.66
N SER A 282 -36.95 5.32 31.37
CA SER A 282 -37.22 6.73 31.24
C SER A 282 -37.05 7.30 29.78
N VAL A 283 -36.22 6.75 28.92
CA VAL A 283 -36.11 7.29 27.56
C VAL A 283 -36.99 6.45 26.65
N GLY A 284 -37.84 5.59 27.30
CA GLY A 284 -38.71 4.71 26.57
C GLY A 284 -38.03 3.53 25.97
N ASN A 285 -36.75 3.34 26.25
CA ASN A 285 -36.16 2.17 25.71
C ASN A 285 -36.58 0.96 26.56
N THR A 286 -37.26 0.02 25.99
CA THR A 286 -37.38 -1.33 26.48
C THR A 286 -36.06 -2.08 26.52
N VAL A 287 -35.96 -3.23 27.17
CA VAL A 287 -34.82 -4.07 27.01
C VAL A 287 -34.36 -4.23 25.58
N LEU A 288 -35.30 -4.46 24.62
CA LEU A 288 -34.77 -4.78 23.27
C LEU A 288 -34.17 -3.53 22.66
N HIS A 289 -34.81 -2.40 22.89
CA HIS A 289 -34.20 -1.09 22.78
C HIS A 289 -32.90 -0.93 23.48
N ALA A 290 -32.71 -1.52 24.67
CA ALA A 290 -31.38 -1.44 25.32
C ALA A 290 -30.32 -2.37 24.71
N LEU A 291 -30.61 -3.58 24.30
CA LEU A 291 -29.53 -4.36 23.73
C LEU A 291 -29.04 -3.68 22.47
N VAL A 292 -29.99 -3.22 21.58
CA VAL A 292 -29.58 -2.53 20.39
C VAL A 292 -28.78 -1.25 20.70
N GLU A 293 -29.06 -0.52 21.81
CA GLU A 293 -28.16 0.62 22.07
C GLU A 293 -26.72 0.19 22.49
N VAL A 294 -26.40 -1.08 22.56
CA VAL A 294 -25.18 -1.57 23.22
C VAL A 294 -24.37 -2.54 22.27
N ALA A 295 -24.98 -3.08 21.20
CA ALA A 295 -24.22 -3.68 20.09
C ALA A 295 -23.17 -2.70 19.55
N ASP A 296 -21.93 -3.08 19.26
CA ASP A 296 -20.93 -2.12 18.82
C ASP A 296 -20.26 -2.67 17.55
N ASN A 297 -20.87 -3.61 16.86
CA ASN A 297 -20.38 -4.11 15.57
C ASN A 297 -18.99 -4.78 15.67
N THR A 298 -18.54 -5.17 16.88
CA THR A 298 -17.56 -6.18 17.01
C THR A 298 -18.09 -7.53 16.78
N VAL A 299 -17.41 -8.42 16.10
CA VAL A 299 -17.94 -9.77 15.67
C VAL A 299 -18.46 -10.52 16.92
N ASP A 300 -17.75 -10.38 17.99
CA ASP A 300 -18.21 -11.04 19.22
C ASP A 300 -19.23 -10.23 19.99
N ASN A 301 -19.23 -8.90 19.79
CA ASN A 301 -20.30 -8.19 20.47
C ASN A 301 -21.60 -8.51 19.84
N THR A 302 -21.72 -8.46 18.50
CA THR A 302 -22.89 -8.95 17.75
C THR A 302 -23.19 -10.36 18.17
N LYS A 303 -22.19 -11.20 18.38
CA LYS A 303 -22.46 -12.60 18.66
C LYS A 303 -23.35 -12.64 19.95
N PHE A 304 -23.01 -11.96 21.03
CA PHE A 304 -23.77 -12.28 22.24
C PHE A 304 -25.00 -11.48 22.37
N VAL A 305 -25.03 -10.26 21.78
CA VAL A 305 -26.25 -9.52 21.91
C VAL A 305 -27.36 -10.06 20.98
N THR A 306 -26.94 -10.53 19.75
CA THR A 306 -27.84 -11.10 18.80
C THR A 306 -28.43 -12.34 19.33
N SER A 307 -27.67 -13.15 20.04
CA SER A 307 -28.22 -14.25 20.88
C SER A 307 -29.01 -13.76 22.07
N MET A 308 -28.53 -12.86 22.95
CA MET A 308 -29.37 -12.43 24.07
C MET A 308 -30.68 -11.86 23.65
N TYR A 309 -30.77 -11.29 22.42
CA TYR A 309 -31.96 -10.73 21.89
C TYR A 309 -32.91 -11.80 21.26
N ASN A 310 -32.38 -12.66 20.41
CA ASN A 310 -32.94 -13.91 20.04
C ASN A 310 -33.56 -14.53 21.30
N GLU A 311 -32.80 -14.51 22.38
CA GLU A 311 -33.32 -15.15 23.60
C GLU A 311 -34.55 -14.38 24.18
N ILE A 312 -34.55 -13.04 24.36
CA ILE A 312 -35.69 -12.51 25.08
C ILE A 312 -37.01 -12.72 24.37
N LEU A 313 -36.96 -12.69 23.05
CA LEU A 313 -38.13 -12.77 22.17
C LEU A 313 -38.61 -14.23 22.15
N ILE A 314 -37.71 -15.25 22.01
CA ILE A 314 -38.19 -16.63 22.17
C ILE A 314 -38.90 -16.85 23.53
N LEU A 315 -38.38 -16.25 24.57
CA LEU A 315 -39.05 -16.29 25.87
C LEU A 315 -40.28 -15.43 25.89
N GLY A 316 -40.32 -14.23 25.28
CA GLY A 316 -41.62 -13.47 25.40
C GLY A 316 -42.70 -14.24 24.69
N ALA A 317 -42.34 -15.04 23.67
CA ALA A 317 -43.27 -15.91 22.99
C ALA A 317 -43.78 -16.98 23.92
N LYS A 318 -42.91 -17.57 24.77
CA LYS A 318 -43.30 -18.59 25.71
C LYS A 318 -44.35 -18.02 26.69
N LEU A 319 -44.17 -16.88 27.27
CA LEU A 319 -44.91 -16.52 28.49
C LEU A 319 -46.15 -15.78 28.07
N HIS A 320 -46.04 -14.87 27.09
CA HIS A 320 -47.05 -13.80 26.98
C HIS A 320 -47.22 -13.55 25.51
N PRO A 321 -47.68 -14.59 24.75
CA PRO A 321 -47.52 -14.63 23.26
C PRO A 321 -48.22 -13.42 22.66
N THR A 322 -49.23 -12.82 23.34
CA THR A 322 -50.03 -11.73 22.90
C THR A 322 -49.12 -10.48 22.78
N LEU A 323 -48.06 -10.33 23.62
CA LEU A 323 -47.28 -9.08 23.57
C LEU A 323 -46.39 -9.02 22.32
N LYS A 324 -46.87 -8.27 21.27
CA LYS A 324 -46.03 -7.98 20.15
C LYS A 324 -45.01 -6.92 20.61
N LEU A 325 -43.74 -7.36 20.78
CA LEU A 325 -42.77 -6.73 21.65
C LEU A 325 -41.69 -6.01 20.86
N GLU A 326 -41.39 -6.49 19.68
CA GLU A 326 -40.68 -5.65 18.75
C GLU A 326 -41.51 -4.60 18.16
N GLU A 327 -42.83 -4.47 18.51
CA GLU A 327 -43.49 -3.19 18.29
C GLU A 327 -43.23 -2.15 19.36
N ILE A 328 -42.70 -2.44 20.53
CA ILE A 328 -42.92 -1.43 21.61
C ILE A 328 -42.00 -0.23 21.34
N THR A 329 -42.57 1.01 21.15
CA THR A 329 -41.78 2.12 20.70
C THR A 329 -41.11 2.73 21.91
N ASN A 330 -39.94 3.33 21.79
CA ASN A 330 -39.58 4.28 22.82
C ASN A 330 -40.35 5.61 22.70
N ARG A 331 -40.08 6.56 23.57
CA ARG A 331 -40.81 7.83 23.68
C ARG A 331 -40.66 8.56 22.31
N LYS A 332 -39.55 8.21 21.61
CA LYS A 332 -39.23 8.90 20.34
C LYS A 332 -39.84 8.08 19.22
N GLY A 333 -40.58 6.99 19.50
CA GLY A 333 -41.46 6.42 18.52
C GLY A 333 -40.81 5.32 17.69
N LEU A 334 -39.51 5.05 17.92
CA LEU A 334 -38.74 4.13 17.12
C LEU A 334 -39.12 2.73 17.53
N THR A 335 -39.16 1.81 16.62
CA THR A 335 -39.11 0.36 16.93
C THR A 335 -37.67 -0.09 17.09
N PRO A 336 -37.37 -1.19 17.83
CA PRO A 336 -35.95 -1.41 18.22
C PRO A 336 -35.07 -1.57 17.02
N LEU A 337 -35.59 -2.19 16.00
CA LEU A 337 -34.94 -2.17 14.70
C LEU A 337 -34.70 -0.77 14.22
N ALA A 338 -35.68 0.16 14.27
CA ALA A 338 -35.50 1.43 13.73
C ALA A 338 -34.48 2.14 14.55
N LEU A 339 -34.35 1.78 15.82
CA LEU A 339 -33.26 2.27 16.61
C LEU A 339 -31.91 1.66 16.17
N ALA A 340 -31.74 0.38 15.86
CA ALA A 340 -30.45 -0.16 15.39
C ALA A 340 -30.03 0.62 14.17
N ALA A 341 -30.89 0.77 13.18
CA ALA A 341 -30.57 1.13 11.81
C ALA A 341 -30.33 2.59 11.74
N SER A 342 -31.05 3.36 12.57
CA SER A 342 -30.81 4.82 12.69
C SER A 342 -29.47 5.03 13.45
N SER A 343 -28.97 3.97 14.01
CA SER A 343 -27.61 4.09 14.65
C SER A 343 -26.56 3.13 14.02
N GLY A 344 -26.79 2.64 12.77
CA GLY A 344 -25.64 2.10 12.04
C GLY A 344 -25.13 0.89 12.76
N LYS A 345 -25.99 0.24 13.54
CA LYS A 345 -25.66 -1.03 14.23
C LYS A 345 -25.81 -2.16 13.23
N ILE A 346 -24.86 -2.24 12.27
CA ILE A 346 -25.09 -2.99 11.03
C ILE A 346 -25.38 -4.47 11.33
N GLY A 347 -24.91 -5.02 12.43
CA GLY A 347 -25.01 -6.43 12.68
C GLY A 347 -26.27 -6.94 13.35
N VAL A 348 -26.82 -6.26 14.34
CA VAL A 348 -28.22 -6.47 14.76
C VAL A 348 -29.17 -6.19 13.66
N LEU A 349 -28.93 -5.17 12.81
CA LEU A 349 -29.77 -4.99 11.64
C LEU A 349 -29.57 -6.11 10.61
N ALA A 350 -28.36 -6.63 10.47
CA ALA A 350 -28.25 -7.85 9.60
C ALA A 350 -29.11 -8.98 10.13
N TYR A 351 -29.48 -8.93 11.36
CA TYR A 351 -29.99 -10.04 12.19
C TYR A 351 -31.50 -9.99 12.37
N ILE A 352 -32.07 -8.88 12.87
CA ILE A 352 -33.53 -8.82 13.08
C ILE A 352 -34.30 -9.05 11.74
N LEU A 353 -33.70 -8.59 10.68
CA LEU A 353 -34.18 -8.79 9.30
C LEU A 353 -33.81 -10.16 8.77
N GLN A 354 -32.67 -10.71 9.15
CA GLN A 354 -32.32 -11.94 8.46
C GLN A 354 -33.04 -13.14 9.00
N ARG A 355 -33.35 -13.10 10.31
CA ARG A 355 -33.60 -14.25 11.16
C ARG A 355 -34.80 -15.09 10.84
N GLU A 356 -34.68 -16.42 11.03
CA GLU A 356 -35.84 -17.26 11.27
C GLU A 356 -35.58 -18.35 12.31
N ILE A 357 -36.11 -18.24 13.54
CA ILE A 357 -36.09 -19.40 14.42
C ILE A 357 -36.98 -20.50 13.94
N HIS A 358 -36.43 -21.74 13.88
CA HIS A 358 -37.23 -22.93 13.60
C HIS A 358 -37.39 -23.72 14.88
N GLU A 359 -38.59 -24.04 15.29
CA GLU A 359 -39.04 -24.37 16.62
C GLU A 359 -40.60 -24.51 16.63
N PRO A 360 -41.23 -25.07 17.70
CA PRO A 360 -42.67 -24.79 17.83
C PRO A 360 -42.91 -23.39 18.42
N GLU A 361 -43.98 -22.71 18.12
CA GLU A 361 -44.20 -21.28 18.40
C GLU A 361 -43.02 -20.41 17.89
N CYS A 362 -42.33 -20.83 16.85
CA CYS A 362 -41.14 -20.18 16.33
C CYS A 362 -41.55 -19.01 15.46
N ARG A 363 -42.66 -19.21 14.77
CA ARG A 363 -42.91 -18.45 13.53
C ARG A 363 -43.57 -17.12 13.87
N HIS A 364 -44.28 -17.11 14.97
CA HIS A 364 -44.59 -15.86 15.57
C HIS A 364 -43.32 -15.05 15.84
N LEU A 365 -42.19 -15.79 16.17
CA LEU A 365 -40.90 -15.13 16.41
C LEU A 365 -40.25 -14.68 15.10
N SER A 366 -40.41 -15.36 14.02
CA SER A 366 -39.47 -15.25 12.97
C SER A 366 -39.79 -14.11 11.99
N ARG A 367 -38.78 -13.74 11.15
CA ARG A 367 -38.83 -12.63 10.19
C ARG A 367 -38.90 -13.10 8.78
N LYS A 368 -37.97 -14.02 8.40
CA LYS A 368 -37.66 -14.21 6.96
C LYS A 368 -37.62 -15.70 6.68
N PHE A 369 -38.63 -16.32 6.08
CA PHE A 369 -38.78 -17.72 5.98
C PHE A 369 -38.17 -18.25 4.67
N THR A 370 -37.54 -19.48 4.70
CA THR A 370 -36.88 -20.00 3.55
C THR A 370 -37.85 -21.00 2.86
N GLU A 371 -38.01 -20.94 1.55
CA GLU A 371 -39.15 -21.67 0.97
C GLU A 371 -38.70 -22.96 0.32
N TRP A 372 -37.76 -22.94 -0.65
CA TRP A 372 -37.21 -24.17 -1.24
C TRP A 372 -35.70 -24.05 -1.29
N ALA A 373 -34.97 -25.01 -0.77
CA ALA A 373 -33.56 -25.13 -1.07
C ALA A 373 -33.39 -26.15 -2.20
N TYR A 374 -33.08 -25.67 -3.44
CA TYR A 374 -32.50 -26.65 -4.38
C TYR A 374 -31.04 -26.83 -4.04
N GLY A 375 -30.39 -27.80 -4.75
CA GLY A 375 -29.12 -28.25 -4.24
C GLY A 375 -28.10 -27.12 -4.21
N PRO A 376 -28.10 -26.17 -5.19
CA PRO A 376 -27.09 -25.17 -5.12
C PRO A 376 -27.45 -23.94 -4.35
N VAL A 377 -28.75 -23.78 -4.07
CA VAL A 377 -29.29 -22.48 -3.81
C VAL A 377 -30.15 -22.38 -2.55
N HIS A 378 -30.63 -21.20 -2.28
CA HIS A 378 -31.84 -21.08 -1.43
C HIS A 378 -32.82 -20.11 -2.06
N SER A 379 -34.13 -20.17 -1.67
CA SER A 379 -34.96 -19.02 -1.80
C SER A 379 -35.37 -18.54 -0.42
N SER A 380 -36.00 -17.38 -0.39
CA SER A 380 -36.48 -16.80 0.84
C SER A 380 -37.70 -15.93 0.62
N LEU A 381 -38.47 -15.73 1.71
CA LEU A 381 -39.53 -14.75 1.74
C LEU A 381 -39.32 -13.86 2.96
N TYR A 382 -39.01 -12.57 2.72
CA TYR A 382 -38.71 -11.63 3.82
C TYR A 382 -40.01 -10.86 4.15
N ASP A 383 -40.12 -10.06 5.27
CA ASP A 383 -41.45 -9.85 5.75
C ASP A 383 -42.39 -8.93 4.91
N LEU A 384 -42.07 -7.67 4.57
CA LEU A 384 -41.11 -6.82 5.33
C LEU A 384 -41.97 -5.75 6.06
N SER A 385 -41.65 -5.48 7.37
CA SER A 385 -42.13 -4.22 8.01
C SER A 385 -41.62 -2.94 7.42
N CYS A 386 -40.40 -2.90 6.82
CA CYS A 386 -39.67 -1.65 6.71
C CYS A 386 -40.00 -0.78 5.53
N ILE A 387 -39.88 -1.23 4.30
CA ILE A 387 -40.21 -0.38 3.14
C ILE A 387 -41.63 0.11 3.18
N ASP A 388 -42.45 -0.59 3.94
CA ASP A 388 -43.88 -0.45 4.01
C ASP A 388 -44.38 -0.10 5.40
N THR A 389 -43.41 0.25 6.27
CA THR A 389 -43.74 1.07 7.44
C THR A 389 -43.70 2.52 7.00
N CYS A 390 -44.39 2.94 5.89
CA CYS A 390 -44.43 4.26 5.44
C CYS A 390 -45.11 5.17 6.51
N GLU A 391 -45.85 4.53 7.37
CA GLU A 391 -46.62 5.18 8.42
C GLU A 391 -45.64 5.95 9.33
N LYS A 392 -44.60 5.32 9.90
CA LYS A 392 -43.96 5.88 11.06
C LYS A 392 -42.43 6.08 10.84
N ASN A 393 -41.61 5.10 11.05
CA ASN A 393 -40.16 5.20 10.74
C ASN A 393 -39.70 3.94 10.07
N SER A 394 -39.81 3.96 8.76
CA SER A 394 -39.15 2.88 8.04
C SER A 394 -37.69 2.78 8.33
N VAL A 395 -37.21 1.56 8.45
CA VAL A 395 -35.75 1.35 8.39
C VAL A 395 -35.16 2.08 7.22
N LEU A 396 -35.72 1.94 6.06
CA LEU A 396 -35.07 2.61 4.90
C LEU A 396 -35.20 4.10 5.13
N GLU A 397 -36.41 4.63 5.42
CA GLU A 397 -36.47 6.05 5.83
C GLU A 397 -35.43 6.42 6.89
N VAL A 398 -35.07 5.53 7.78
CA VAL A 398 -34.11 5.87 8.80
C VAL A 398 -32.61 5.74 8.32
N ILE A 399 -32.24 4.70 7.57
CA ILE A 399 -30.91 4.65 7.05
C ILE A 399 -30.76 5.44 5.78
N ALA A 400 -31.83 6.03 5.34
CA ALA A 400 -31.83 6.84 4.08
C ALA A 400 -31.72 8.31 4.40
N TYR A 401 -31.91 8.64 5.69
CA TYR A 401 -31.42 9.81 6.44
C TYR A 401 -30.79 9.37 7.71
N SER A 402 -29.56 8.76 7.79
CA SER A 402 -28.45 8.89 6.78
C SER A 402 -27.98 10.30 6.79
N SER A 403 -28.03 10.90 7.98
CA SER A 403 -27.12 12.00 8.17
C SER A 403 -25.70 11.40 8.22
N SER A 404 -25.63 10.08 8.43
CA SER A 404 -24.55 9.23 8.04
C SER A 404 -23.29 9.77 8.67
N GLU A 405 -23.45 10.50 9.76
CA GLU A 405 -22.38 11.05 10.63
C GLU A 405 -21.83 9.98 11.51
N THR A 406 -22.49 8.79 11.56
CA THR A 406 -21.87 7.56 11.94
C THR A 406 -21.35 6.88 10.65
N PRO A 407 -20.03 6.66 10.49
CA PRO A 407 -19.47 5.98 9.29
C PRO A 407 -20.06 4.60 9.19
N ASN A 408 -20.61 4.04 10.25
CA ASN A 408 -21.35 2.82 10.27
C ASN A 408 -22.60 2.81 9.43
N ARG A 409 -23.09 3.95 8.88
CA ARG A 409 -24.39 3.95 8.16
C ARG A 409 -24.29 3.28 6.76
N HIS A 410 -23.36 3.70 5.88
CA HIS A 410 -23.53 3.51 4.40
C HIS A 410 -23.46 2.02 4.01
N ASP A 411 -22.59 1.31 4.67
CA ASP A 411 -22.42 -0.11 4.32
C ASP A 411 -23.73 -0.83 4.51
N MET A 412 -24.59 -0.31 5.38
CA MET A 412 -25.70 -1.03 5.99
C MET A 412 -26.96 -0.83 5.17
N LEU A 413 -26.84 -0.34 3.91
CA LEU A 413 -27.89 -0.42 2.88
C LEU A 413 -27.58 -1.62 1.99
N LEU A 414 -26.96 -2.69 2.57
CA LEU A 414 -26.34 -3.69 1.76
C LEU A 414 -27.20 -4.90 1.55
N VAL A 415 -27.03 -6.08 2.27
CA VAL A 415 -27.51 -7.31 1.62
C VAL A 415 -28.80 -7.85 2.16
N GLU A 416 -29.10 -7.87 3.49
CA GLU A 416 -30.07 -8.89 3.94
C GLU A 416 -31.48 -8.80 3.34
N PRO A 417 -32.38 -7.84 3.71
CA PRO A 417 -33.65 -7.64 3.01
C PRO A 417 -33.69 -6.51 2.02
N LEU A 418 -32.59 -5.76 1.85
CA LEU A 418 -32.80 -4.39 1.34
C LEU A 418 -32.02 -4.08 0.09
N ASN A 419 -30.86 -4.76 -0.19
CA ASN A 419 -30.30 -4.57 -1.51
C ASN A 419 -31.37 -4.99 -2.48
N ARG A 420 -31.82 -6.22 -2.39
CA ARG A 420 -32.48 -6.92 -3.46
C ARG A 420 -33.78 -6.21 -3.70
N LEU A 421 -34.33 -5.63 -2.61
CA LEU A 421 -35.54 -4.85 -2.73
C LEU A 421 -35.29 -3.47 -3.35
N LEU A 422 -34.32 -2.62 -2.88
CA LEU A 422 -34.17 -1.37 -3.63
C LEU A 422 -33.57 -1.55 -5.00
N GLN A 423 -32.81 -2.63 -5.18
CA GLN A 423 -32.62 -2.97 -6.58
C GLN A 423 -33.95 -3.15 -7.33
N ASP A 424 -34.97 -3.61 -6.58
CA ASP A 424 -36.25 -3.99 -7.22
C ASP A 424 -37.22 -2.86 -7.33
N LYS A 425 -37.34 -1.90 -6.37
CA LYS A 425 -38.04 -0.70 -6.71
C LYS A 425 -37.48 -0.11 -7.98
N TRP A 426 -36.20 -0.11 -8.13
CA TRP A 426 -35.60 0.72 -9.21
C TRP A 426 -35.82 0.13 -10.58
N ASP A 427 -35.74 -1.21 -10.67
CA ASP A 427 -36.22 -1.88 -11.85
C ASP A 427 -37.68 -1.54 -12.20
N ARG A 428 -38.58 -1.40 -11.23
CA ARG A 428 -39.97 -1.56 -11.57
C ARG A 428 -40.63 -0.22 -11.97
N PHE A 429 -40.62 0.78 -11.10
CA PHE A 429 -41.37 1.97 -11.37
C PHE A 429 -40.54 3.21 -11.30
N VAL A 430 -39.48 3.18 -10.47
CA VAL A 430 -38.86 4.49 -10.11
C VAL A 430 -37.60 4.78 -10.87
N LYS A 431 -36.93 3.76 -11.50
CA LYS A 431 -36.01 4.17 -12.61
C LYS A 431 -36.80 4.85 -13.70
N ARG A 432 -37.87 4.21 -14.13
CA ARG A 432 -38.68 4.78 -15.15
C ARG A 432 -39.16 6.19 -14.80
N ILE A 433 -39.52 6.43 -13.56
CA ILE A 433 -39.99 7.80 -13.25
C ILE A 433 -38.76 8.73 -13.20
N PHE A 434 -37.58 8.20 -12.86
CA PHE A 434 -36.49 9.12 -12.75
C PHE A 434 -36.08 9.72 -14.04
N TYR A 435 -36.19 9.00 -15.14
CA TYR A 435 -35.52 9.56 -16.36
C TYR A 435 -36.53 10.45 -17.06
N PHE A 436 -37.82 10.23 -16.81
CA PHE A 436 -38.73 11.31 -17.05
C PHE A 436 -38.48 12.49 -16.16
N ASN A 437 -38.23 12.29 -14.90
CA ASN A 437 -37.99 13.46 -14.07
C ASN A 437 -36.68 14.10 -14.48
N PHE A 438 -35.84 13.34 -15.22
CA PHE A 438 -34.56 13.93 -15.66
C PHE A 438 -34.84 14.76 -16.94
N PHE A 439 -35.34 14.16 -18.05
CA PHE A 439 -35.33 14.95 -19.26
C PHE A 439 -36.20 16.14 -19.16
N VAL A 440 -37.15 16.21 -18.21
CA VAL A 440 -37.87 17.43 -18.01
C VAL A 440 -36.95 18.56 -17.54
N TYR A 441 -36.00 18.33 -16.70
CA TYR A 441 -34.99 19.35 -16.36
C TYR A 441 -34.16 19.72 -17.56
N CYS A 442 -33.76 18.77 -18.43
CA CYS A 442 -32.94 19.19 -19.52
C CYS A 442 -33.66 20.23 -20.34
N LEU A 443 -34.91 20.10 -20.72
CA LEU A 443 -35.59 21.05 -21.62
C LEU A 443 -35.91 22.30 -20.81
N TYR A 444 -36.08 22.15 -19.51
CA TYR A 444 -36.03 23.36 -18.66
C TYR A 444 -34.74 24.07 -18.82
N MET A 445 -33.58 23.37 -18.79
CA MET A 445 -32.31 23.99 -19.07
C MET A 445 -32.21 24.52 -20.49
N ILE A 446 -32.61 23.79 -21.52
CA ILE A 446 -32.46 24.42 -22.87
C ILE A 446 -33.34 25.65 -22.97
N ILE A 447 -34.61 25.55 -22.60
CA ILE A 447 -35.47 26.76 -22.76
C ILE A 447 -34.93 27.97 -21.97
N PHE A 448 -34.28 27.71 -20.83
CA PHE A 448 -33.72 28.78 -19.98
C PHE A 448 -32.43 29.35 -20.52
N THR A 449 -31.50 28.61 -21.09
CA THR A 449 -30.51 29.07 -22.05
C THR A 449 -31.23 29.91 -23.11
N ALA A 450 -32.21 29.38 -23.76
CA ALA A 450 -32.69 29.89 -25.06
C ALA A 450 -33.18 31.30 -24.86
N ALA A 451 -33.97 31.50 -23.82
CA ALA A 451 -34.34 32.86 -23.40
C ALA A 451 -33.18 33.73 -22.99
N ALA A 452 -32.32 33.26 -22.05
CA ALA A 452 -31.27 34.12 -21.61
C ALA A 452 -30.36 34.53 -22.78
N TYR A 453 -30.22 33.62 -23.72
CA TYR A 453 -29.29 33.76 -24.86
C TYR A 453 -29.88 34.70 -25.92
N TYR A 454 -31.21 34.81 -26.08
CA TYR A 454 -31.81 35.78 -27.00
C TYR A 454 -32.58 36.87 -26.29
N ARG A 455 -32.07 37.36 -25.17
CA ARG A 455 -32.48 38.57 -24.52
C ARG A 455 -32.14 39.89 -25.27
N PRO A 456 -32.71 41.03 -24.92
CA PRO A 456 -32.39 42.24 -25.75
C PRO A 456 -31.13 42.93 -25.29
N VAL A 457 -30.79 44.02 -25.93
CA VAL A 457 -29.99 45.09 -25.41
C VAL A 457 -30.79 46.33 -24.94
N GLU A 458 -32.03 46.53 -25.44
CA GLU A 458 -32.66 47.84 -25.24
C GLU A 458 -32.80 48.20 -23.71
N GLY A 459 -32.20 49.23 -23.22
CA GLY A 459 -31.95 49.28 -21.82
C GLY A 459 -33.31 49.50 -21.11
N LEU A 460 -33.41 49.28 -19.75
CA LEU A 460 -34.71 49.25 -19.12
C LEU A 460 -35.62 48.15 -19.60
N PRO A 461 -35.34 46.81 -19.50
CA PRO A 461 -36.24 45.91 -20.25
C PRO A 461 -37.49 45.57 -19.52
N PRO A 462 -38.67 45.28 -20.15
CA PRO A 462 -38.69 44.83 -21.51
C PRO A 462 -38.72 46.01 -22.45
N TYR A 463 -39.43 47.07 -22.22
CA TYR A 463 -40.65 47.15 -21.36
C TYR A 463 -41.84 46.91 -22.26
N LYS A 464 -42.63 45.82 -22.05
CA LYS A 464 -43.47 45.28 -23.09
C LYS A 464 -42.67 44.44 -24.17
N LEU A 465 -43.40 43.61 -24.97
CA LEU A 465 -42.94 43.06 -26.22
C LEU A 465 -44.16 42.53 -26.99
N LYS A 466 -44.33 42.90 -28.28
CA LYS A 466 -45.32 42.16 -29.04
C LYS A 466 -44.79 41.61 -30.38
N ASN A 467 -43.77 42.22 -31.02
CA ASN A 467 -43.67 42.04 -32.45
C ASN A 467 -43.52 40.61 -32.90
N THR A 468 -44.50 40.14 -33.63
CA THR A 468 -44.48 38.87 -34.38
C THR A 468 -44.09 37.64 -33.57
N VAL A 469 -43.17 36.79 -34.03
CA VAL A 469 -43.21 35.39 -33.56
C VAL A 469 -42.15 35.04 -32.52
N GLY A 470 -40.87 35.33 -32.84
CA GLY A 470 -39.82 35.00 -31.94
C GLY A 470 -40.14 35.64 -30.58
N ASP A 471 -40.73 36.86 -30.63
CA ASP A 471 -41.20 37.60 -29.45
C ASP A 471 -42.14 36.78 -28.64
N TYR A 472 -43.10 36.17 -29.31
CA TYR A 472 -44.04 35.25 -28.64
C TYR A 472 -43.36 34.06 -28.01
N PHE A 473 -42.42 33.40 -28.78
CA PHE A 473 -41.81 32.16 -28.35
C PHE A 473 -40.90 32.36 -27.13
N ARG A 474 -40.32 33.51 -27.01
CA ARG A 474 -39.31 33.86 -25.96
C ARG A 474 -39.94 34.23 -24.64
N VAL A 475 -40.90 35.11 -24.70
CA VAL A 475 -41.56 35.54 -23.43
C VAL A 475 -42.28 34.31 -22.81
N THR A 476 -42.69 33.35 -23.62
CA THR A 476 -42.90 32.01 -23.12
C THR A 476 -41.66 31.41 -22.49
N GLY A 477 -40.50 31.39 -23.14
CA GLY A 477 -39.33 30.85 -22.43
C GLY A 477 -38.93 31.62 -21.18
N GLU A 478 -39.12 32.97 -21.09
CA GLU A 478 -38.83 33.67 -19.86
C GLU A 478 -39.84 33.26 -18.74
N ILE A 479 -41.13 33.19 -19.01
CA ILE A 479 -41.98 32.63 -17.93
C ILE A 479 -41.67 31.15 -17.65
N LEU A 480 -41.44 30.30 -18.67
CA LEU A 480 -41.17 28.90 -18.35
C LEU A 480 -39.98 28.65 -17.48
N SER A 481 -39.06 29.63 -17.27
CA SER A 481 -37.84 29.51 -16.55
C SER A 481 -38.04 29.89 -15.08
N VAL A 482 -38.60 31.13 -14.85
CA VAL A 482 -38.86 31.58 -13.49
C VAL A 482 -39.82 30.62 -12.85
N SER A 483 -40.78 30.11 -13.58
CA SER A 483 -41.75 29.15 -13.14
C SER A 483 -41.08 27.89 -12.67
N GLY A 484 -40.12 27.37 -13.42
CA GLY A 484 -39.23 26.37 -12.77
C GLY A 484 -38.28 26.91 -11.75
N GLY A 485 -37.90 28.21 -11.73
CA GLY A 485 -37.20 28.69 -10.53
C GLY A 485 -37.98 28.61 -9.24
N VAL A 486 -39.21 29.23 -9.18
CA VAL A 486 -40.09 29.13 -8.04
C VAL A 486 -40.41 27.64 -7.69
N TYR A 487 -40.42 26.80 -8.70
CA TYR A 487 -40.59 25.34 -8.44
C TYR A 487 -39.57 24.90 -7.45
N PHE A 488 -38.26 25.04 -7.79
CA PHE A 488 -37.17 24.58 -6.94
C PHE A 488 -37.16 25.33 -5.66
N PHE A 489 -37.26 26.65 -5.65
CA PHE A 489 -37.39 27.34 -4.41
C PHE A 489 -38.47 26.74 -3.51
N PHE A 490 -39.69 26.53 -4.04
CA PHE A 490 -40.71 25.77 -3.37
C PHE A 490 -40.36 24.28 -2.98
N ARG A 491 -39.80 23.46 -3.88
CA ARG A 491 -39.38 22.08 -3.52
C ARG A 491 -38.35 22.14 -2.34
N GLY A 492 -37.42 23.04 -2.45
CA GLY A 492 -36.36 23.23 -1.50
C GLY A 492 -36.84 23.71 -0.16
N ILE A 493 -37.84 24.67 -0.06
CA ILE A 493 -38.37 24.90 1.29
C ILE A 493 -39.05 23.68 1.84
N GLN A 494 -39.85 22.92 1.05
CA GLN A 494 -40.43 21.70 1.54
C GLN A 494 -39.35 20.72 2.00
N TYR A 495 -38.26 20.49 1.23
CA TYR A 495 -37.15 19.75 1.82
C TYR A 495 -36.71 20.40 3.13
N PHE A 496 -36.45 21.70 3.09
CA PHE A 496 -35.83 22.25 4.33
C PHE A 496 -36.76 22.01 5.50
N LEU A 497 -38.10 21.93 5.26
CA LEU A 497 -39.14 21.84 6.29
C LEU A 497 -39.31 20.35 6.68
N GLN A 498 -39.24 19.31 5.80
CA GLN A 498 -39.46 17.95 6.23
C GLN A 498 -38.35 17.47 7.14
N ARG A 499 -37.13 17.84 6.83
CA ARG A 499 -36.00 17.85 7.71
C ARG A 499 -35.77 19.22 8.32
N ARG A 500 -36.86 19.95 8.50
CA ARG A 500 -36.73 21.10 9.38
C ARG A 500 -36.28 20.58 10.75
N PRO A 501 -35.12 20.92 11.36
CA PRO A 501 -33.88 21.39 10.70
C PRO A 501 -32.88 20.25 10.51
N SER A 502 -31.94 20.43 9.55
CA SER A 502 -30.66 19.73 9.61
C SER A 502 -29.54 20.69 9.91
N VAL A 508 -22.53 19.33 5.96
CA VAL A 508 -23.45 19.23 4.86
C VAL A 508 -23.92 17.78 4.63
N ASP A 509 -25.06 17.41 5.19
CA ASP A 509 -25.68 16.16 4.84
C ASP A 509 -26.15 16.10 3.42
N SER A 510 -26.80 17.09 2.91
CA SER A 510 -27.29 17.17 1.56
C SER A 510 -26.78 18.40 0.87
N TYR A 511 -25.61 18.29 0.30
CA TYR A 511 -25.07 19.27 -0.59
C TYR A 511 -25.95 19.48 -1.78
N SER A 512 -26.41 18.42 -2.43
CA SER A 512 -27.16 18.58 -3.71
C SER A 512 -28.60 19.14 -3.52
N GLU A 513 -29.27 18.77 -2.41
CA GLU A 513 -30.38 19.56 -1.95
C GLU A 513 -30.05 21.04 -1.95
N ILE A 514 -28.85 21.43 -1.57
CA ILE A 514 -28.67 22.92 -1.48
C ILE A 514 -28.65 23.55 -2.86
N LEU A 515 -27.73 23.22 -3.72
CA LEU A 515 -27.43 24.17 -4.77
C LEU A 515 -28.63 24.24 -5.73
N PHE A 516 -29.58 23.33 -5.77
CA PHE A 516 -30.78 23.69 -6.48
C PHE A 516 -31.49 24.91 -5.86
N PHE A 517 -31.66 24.91 -4.56
CA PHE A 517 -32.20 26.07 -3.96
C PHE A 517 -31.45 27.34 -4.30
N VAL A 518 -30.12 27.35 -4.23
CA VAL A 518 -29.32 28.57 -4.44
C VAL A 518 -29.51 29.04 -5.83
N GLN A 519 -29.53 28.13 -6.81
CA GLN A 519 -29.92 28.51 -8.22
C GLN A 519 -31.30 29.22 -8.20
N SER A 520 -32.28 28.62 -7.49
CA SER A 520 -33.60 29.09 -7.74
C SER A 520 -33.70 30.46 -7.18
N LEU A 521 -33.12 30.67 -5.97
CA LEU A 521 -33.07 31.99 -5.39
C LEU A 521 -32.37 32.92 -6.39
N PHE A 522 -31.37 32.45 -7.19
CA PHE A 522 -30.93 33.36 -8.32
C PHE A 522 -31.89 33.53 -9.45
N MET A 523 -32.75 32.50 -9.75
CA MET A 523 -33.89 32.81 -10.68
C MET A 523 -34.78 33.97 -10.13
N LEU A 524 -34.80 34.16 -8.85
CA LEU A 524 -35.83 34.92 -8.21
C LEU A 524 -35.36 36.29 -7.81
N VAL A 525 -34.07 36.42 -7.31
CA VAL A 525 -33.54 37.74 -7.26
C VAL A 525 -33.17 38.22 -8.64
N SER A 526 -33.18 37.42 -9.70
CA SER A 526 -33.30 37.99 -11.08
C SER A 526 -34.69 38.59 -11.31
N VAL A 527 -35.76 37.76 -11.08
CA VAL A 527 -37.07 38.06 -11.58
C VAL A 527 -37.52 39.39 -10.96
N VAL A 528 -37.16 39.59 -9.71
CA VAL A 528 -37.65 40.79 -9.00
C VAL A 528 -36.97 42.02 -9.47
N LEU A 529 -35.68 41.88 -9.78
CA LEU A 529 -34.87 42.89 -10.45
C LEU A 529 -35.34 43.08 -11.90
N TYR A 530 -35.92 42.10 -12.57
CA TYR A 530 -36.36 42.42 -13.95
C TYR A 530 -37.50 43.47 -13.88
N PHE A 531 -38.17 43.58 -12.72
CA PHE A 531 -39.34 44.37 -12.50
C PHE A 531 -39.05 45.67 -11.75
N SER A 532 -38.07 45.72 -10.80
CA SER A 532 -37.56 46.93 -10.26
C SER A 532 -36.92 47.72 -11.41
N GLN A 533 -36.67 47.09 -12.53
CA GLN A 533 -36.09 47.64 -13.75
C GLN A 533 -34.64 48.01 -13.54
N ARG A 534 -34.04 47.41 -12.47
CA ARG A 534 -32.61 47.37 -12.45
C ARG A 534 -32.02 46.67 -13.69
N LYS A 535 -30.99 47.23 -14.31
CA LYS A 535 -30.42 46.71 -15.59
C LYS A 535 -29.62 45.48 -15.24
N GLU A 536 -29.36 45.28 -13.93
CA GLU A 536 -28.40 44.28 -13.45
C GLU A 536 -28.95 42.87 -13.50
N TYR A 537 -30.28 42.72 -13.75
CA TYR A 537 -30.92 41.39 -13.38
C TYR A 537 -30.22 40.25 -14.03
N VAL A 538 -29.53 40.49 -15.16
CA VAL A 538 -28.87 39.44 -15.91
C VAL A 538 -27.80 38.77 -15.08
N ALA A 539 -26.98 39.58 -14.33
CA ALA A 539 -25.84 39.09 -13.59
C ALA A 539 -26.31 37.90 -12.71
N SER A 540 -27.38 38.09 -11.93
CA SER A 540 -28.10 37.05 -11.27
C SER A 540 -28.45 35.83 -12.16
N MET A 541 -29.13 36.08 -13.30
CA MET A 541 -29.71 35.00 -14.11
C MET A 541 -28.62 34.26 -14.79
N VAL A 542 -27.49 34.92 -15.11
CA VAL A 542 -26.29 34.27 -15.63
C VAL A 542 -25.70 33.30 -14.57
N PHE A 543 -25.55 33.69 -13.33
CA PHE A 543 -25.18 32.68 -12.36
C PHE A 543 -26.13 31.51 -12.32
N SER A 544 -27.47 31.72 -12.21
CA SER A 544 -28.44 30.66 -12.08
C SER A 544 -28.18 29.65 -13.24
N LEU A 545 -27.76 30.18 -14.41
CA LEU A 545 -27.64 29.42 -15.68
C LEU A 545 -26.37 28.65 -15.62
N ALA A 546 -25.30 29.29 -15.19
CA ALA A 546 -24.07 28.51 -14.87
C ALA A 546 -24.36 27.41 -13.82
N MET A 547 -25.11 27.70 -12.78
CA MET A 547 -25.51 26.73 -11.75
C MET A 547 -26.29 25.59 -12.36
N GLY A 548 -27.31 25.85 -13.20
CA GLY A 548 -28.21 24.76 -13.64
C GLY A 548 -27.46 23.75 -14.42
N TRP A 549 -26.58 24.16 -15.32
CA TRP A 549 -25.89 23.21 -16.14
C TRP A 549 -24.96 22.41 -15.25
N THR A 550 -24.35 23.08 -14.27
CA THR A 550 -23.69 22.32 -13.25
C THR A 550 -24.66 21.43 -12.46
N ASN A 551 -25.92 21.77 -12.32
CA ASN A 551 -26.76 20.89 -11.47
C ASN A 551 -27.28 19.65 -12.15
N MET A 552 -27.10 19.60 -13.49
CA MET A 552 -27.11 18.39 -14.26
C MET A 552 -26.22 17.30 -13.59
N LEU A 553 -25.12 17.71 -12.99
CA LEU A 553 -24.10 16.72 -12.53
C LEU A 553 -24.77 15.76 -11.58
N TYR A 554 -25.77 16.17 -10.82
CA TYR A 554 -26.11 15.29 -9.63
C TYR A 554 -26.91 14.09 -10.14
N TYR A 555 -27.72 14.35 -11.16
CA TYR A 555 -28.66 13.45 -11.78
C TYR A 555 -28.03 12.21 -12.42
N THR A 556 -26.72 12.16 -12.51
CA THR A 556 -25.98 10.93 -12.66
C THR A 556 -26.27 9.96 -11.47
N ARG A 557 -26.34 10.44 -10.20
CA ARG A 557 -26.16 9.60 -8.99
C ARG A 557 -27.11 8.36 -8.97
N GLY A 558 -26.71 7.06 -8.98
CA GLY A 558 -25.44 6.56 -9.52
C GLY A 558 -25.74 5.96 -10.88
N PHE A 559 -24.99 6.44 -11.93
CA PHE A 559 -24.83 5.60 -13.07
C PHE A 559 -24.04 4.33 -12.65
N GLN A 560 -23.41 4.41 -11.45
CA GLN A 560 -22.37 3.54 -10.92
C GLN A 560 -20.99 3.80 -11.56
N GLN A 561 -20.85 4.71 -12.57
CA GLN A 561 -19.52 5.27 -12.72
C GLN A 561 -19.54 6.78 -12.55
N MET A 562 -20.48 7.43 -13.33
CA MET A 562 -20.59 8.88 -13.32
C MET A 562 -21.06 9.33 -11.97
N GLY A 563 -21.73 8.47 -11.18
CA GLY A 563 -22.11 8.85 -9.82
C GLY A 563 -20.89 9.24 -9.06
N ILE A 564 -19.70 8.68 -9.37
CA ILE A 564 -18.46 9.06 -8.67
C ILE A 564 -18.05 10.48 -8.95
N TYR A 565 -18.07 11.00 -10.23
CA TYR A 565 -17.43 12.30 -10.53
C TYR A 565 -18.17 13.37 -9.81
N ALA A 566 -19.49 13.30 -9.79
CA ALA A 566 -20.27 14.21 -9.00
C ALA A 566 -19.86 14.15 -7.54
N VAL A 567 -19.66 12.92 -6.92
CA VAL A 567 -19.32 13.01 -5.51
C VAL A 567 -17.97 13.70 -5.33
N MET A 568 -16.98 13.31 -6.13
CA MET A 568 -15.66 13.82 -5.90
C MET A 568 -15.63 15.30 -5.91
N ILE A 569 -16.15 15.96 -6.91
CA ILE A 569 -16.33 17.40 -6.93
C ILE A 569 -17.09 17.87 -5.66
N GLU A 570 -18.08 17.07 -5.21
CA GLU A 570 -18.75 17.47 -3.99
C GLU A 570 -17.91 17.30 -2.75
N LYS A 571 -17.02 16.32 -2.71
CA LYS A 571 -16.33 16.04 -1.43
C LYS A 571 -15.05 16.86 -1.33
N MET A 572 -14.26 16.90 -2.41
CA MET A 572 -13.10 17.74 -2.47
C MET A 572 -13.57 19.23 -2.35
N ILE A 573 -14.67 19.65 -2.90
CA ILE A 573 -14.95 21.06 -2.87
C ILE A 573 -15.27 21.45 -1.42
N LEU A 574 -16.07 20.64 -0.71
CA LEU A 574 -16.38 21.00 0.64
C LEU A 574 -15.18 20.83 1.54
N ARG A 575 -14.53 19.63 1.58
CA ARG A 575 -13.50 19.48 2.58
C ARG A 575 -12.33 20.41 2.19
N ASP A 576 -11.88 20.32 0.94
CA ASP A 576 -10.59 20.97 0.65
C ASP A 576 -10.76 22.41 0.88
N LEU A 577 -11.69 23.05 0.28
CA LEU A 577 -11.71 24.49 0.22
C LEU A 577 -11.66 25.00 1.64
N CYS A 578 -12.47 24.56 2.59
CA CYS A 578 -12.41 25.25 3.94
C CYS A 578 -11.17 24.99 4.71
N ARG A 579 -10.66 23.74 4.62
CA ARG A 579 -9.40 23.40 5.22
C ARG A 579 -8.15 24.11 4.63
N PHE A 580 -8.38 24.73 3.41
CA PHE A 580 -7.31 25.24 2.58
C PHE A 580 -7.37 26.68 2.26
N MET A 581 -8.59 27.23 2.26
CA MET A 581 -8.92 28.50 1.61
C MET A 581 -8.72 29.64 2.56
N PHE A 582 -8.74 29.35 3.89
CA PHE A 582 -8.07 30.25 4.79
C PHE A 582 -6.57 30.16 4.64
N VAL A 583 -5.90 29.01 4.55
CA VAL A 583 -4.44 29.01 4.59
C VAL A 583 -3.93 29.61 3.32
N TYR A 584 -4.72 29.74 2.28
CA TYR A 584 -4.36 30.59 1.11
C TYR A 584 -4.76 32.04 1.25
N LEU A 585 -5.94 32.41 1.81
CA LEU A 585 -6.15 33.83 2.00
C LEU A 585 -5.22 34.47 2.99
N VAL A 586 -4.52 33.72 3.83
CA VAL A 586 -3.46 34.39 4.62
C VAL A 586 -2.16 34.54 3.88
N PHE A 587 -1.75 33.59 3.05
CA PHE A 587 -0.59 33.93 2.20
C PHE A 587 -0.94 35.06 1.20
N LEU A 588 -2.05 35.00 0.43
CA LEU A 588 -2.33 36.13 -0.46
C LEU A 588 -2.48 37.44 0.33
N PHE A 589 -3.13 37.46 1.51
CA PHE A 589 -3.59 38.79 2.00
C PHE A 589 -2.44 39.58 2.53
N GLY A 590 -1.46 38.89 3.15
CA GLY A 590 -0.24 39.53 3.49
C GLY A 590 0.60 39.92 2.28
N PHE A 591 0.75 39.10 1.22
CA PHE A 591 1.63 39.52 0.19
C PHE A 591 0.97 40.57 -0.66
N SER A 592 -0.37 40.59 -0.78
CA SER A 592 -1.14 41.72 -1.37
C SER A 592 -0.91 43.10 -0.66
N THR A 593 -1.27 43.15 0.57
CA THR A 593 -1.16 44.37 1.40
C THR A 593 0.29 44.69 1.54
N ALA A 594 1.22 43.76 1.45
CA ALA A 594 2.66 44.04 1.37
C ALA A 594 3.04 44.58 -0.02
N VAL A 595 2.59 44.00 -1.10
CA VAL A 595 2.98 44.63 -2.38
C VAL A 595 2.36 45.99 -2.43
N VAL A 596 1.11 46.27 -2.00
CA VAL A 596 0.59 47.64 -2.10
C VAL A 596 1.48 48.67 -1.36
N THR A 597 1.83 48.37 -0.14
CA THR A 597 2.65 49.30 0.65
C THR A 597 3.92 49.58 -0.13
N LEU A 598 4.64 48.59 -0.59
CA LEU A 598 5.93 48.78 -1.24
C LEU A 598 5.72 49.56 -2.53
N ILE A 599 4.87 49.04 -3.48
CA ILE A 599 4.72 49.55 -4.82
C ILE A 599 3.80 50.82 -4.77
N GLU A 600 3.71 51.58 -5.86
CA GLU A 600 3.00 52.84 -6.02
C GLU A 600 1.75 52.79 -6.92
N ASP A 601 1.61 51.96 -7.99
CA ASP A 601 0.60 52.23 -9.03
C ASP A 601 0.48 51.11 -10.08
N GLY A 602 -0.48 51.16 -11.04
CA GLY A 602 -0.59 50.16 -12.11
C GLY A 602 -1.76 49.19 -12.09
N LYS A 603 -2.99 49.58 -11.63
CA LYS A 603 -4.10 48.67 -11.33
C LYS A 603 -3.67 47.36 -10.70
N TYR A 627 -1.55 49.27 -9.23
CA TYR A 627 -1.16 48.00 -8.74
C TYR A 627 -1.23 48.04 -7.20
N ASN A 628 -2.01 48.95 -6.70
CA ASN A 628 -1.97 49.50 -5.39
C ASN A 628 -3.36 49.34 -4.69
N SER A 629 -4.42 49.53 -5.49
CA SER A 629 -5.72 49.06 -5.14
C SER A 629 -5.60 47.60 -4.77
N LEU A 630 -6.16 47.22 -3.63
CA LEU A 630 -5.85 45.94 -2.99
C LEU A 630 -6.54 44.82 -3.79
N TYR A 631 -7.75 44.99 -4.21
CA TYR A 631 -8.53 44.11 -5.07
C TYR A 631 -7.81 43.76 -6.35
N SER A 632 -7.21 44.82 -6.97
CA SER A 632 -6.40 44.68 -8.16
C SER A 632 -5.18 43.74 -7.86
N THR A 633 -4.47 43.95 -6.80
CA THR A 633 -3.20 43.22 -6.58
C THR A 633 -3.56 41.84 -6.06
N CYS A 634 -4.45 41.70 -5.13
CA CYS A 634 -5.00 40.34 -4.80
C CYS A 634 -5.39 39.64 -6.10
N LEU A 635 -5.97 40.40 -7.02
CA LEU A 635 -6.30 39.77 -8.30
C LEU A 635 -5.00 39.43 -8.99
N GLU A 636 -3.95 40.30 -9.05
CA GLU A 636 -2.71 39.94 -9.76
C GLU A 636 -2.03 38.73 -9.10
N LEU A 637 -2.02 38.64 -7.82
CA LEU A 637 -1.13 37.73 -7.15
C LEU A 637 -1.79 36.40 -7.12
N PHE A 638 -3.08 36.35 -7.17
CA PHE A 638 -3.81 35.13 -7.47
C PHE A 638 -3.42 34.57 -8.81
N LYS A 639 -2.94 35.36 -9.75
CA LYS A 639 -2.87 34.91 -11.12
C LYS A 639 -1.77 33.86 -11.18
N PHE A 640 -0.64 34.13 -10.49
CA PHE A 640 0.51 33.26 -10.53
C PHE A 640 0.07 31.86 -10.05
N THR A 641 -0.71 31.81 -8.98
CA THR A 641 -1.18 30.61 -8.33
C THR A 641 -2.00 29.83 -9.37
N ILE A 642 -2.89 30.50 -10.15
CA ILE A 642 -3.44 29.75 -11.25
C ILE A 642 -2.35 29.08 -12.10
N GLY A 643 -1.22 29.74 -12.21
CA GLY A 643 -0.28 29.51 -13.37
C GLY A 643 -0.17 30.81 -14.16
N MET A 644 -1.23 31.64 -14.27
CA MET A 644 -1.33 32.60 -15.34
C MET A 644 -0.52 33.89 -15.09
N GLY A 645 0.80 33.86 -14.81
CA GLY A 645 1.52 34.98 -14.33
C GLY A 645 2.42 35.62 -15.40
N ASP A 646 2.83 36.84 -15.18
CA ASP A 646 3.42 37.69 -16.23
C ASP A 646 4.82 38.12 -15.74
N LEU A 647 5.21 37.57 -14.61
CA LEU A 647 6.54 37.84 -14.11
C LEU A 647 6.72 39.36 -14.02
N GLU A 648 7.76 40.08 -14.53
CA GLU A 648 8.06 41.47 -14.30
C GLU A 648 7.31 42.35 -15.28
N PHE A 649 6.12 42.78 -14.93
CA PHE A 649 5.17 43.35 -15.84
C PHE A 649 5.27 44.87 -15.81
N THR A 650 6.27 45.43 -15.12
CA THR A 650 6.24 46.84 -14.74
C THR A 650 7.58 47.48 -14.45
N GLU A 651 7.80 48.74 -14.64
CA GLU A 651 9.04 49.47 -14.46
C GLU A 651 9.01 50.23 -13.15
N ASN A 652 7.84 50.53 -12.62
CA ASN A 652 7.71 51.50 -11.55
C ASN A 652 7.91 50.89 -10.17
N TYR A 653 9.08 51.11 -9.59
CA TYR A 653 9.25 50.93 -8.19
C TYR A 653 10.51 51.69 -7.73
N ASP A 654 10.45 52.53 -6.68
CA ASP A 654 11.72 52.90 -6.09
C ASP A 654 12.45 51.58 -5.65
N PHE A 655 13.80 51.61 -5.51
CA PHE A 655 14.56 50.60 -4.82
C PHE A 655 14.78 49.35 -5.59
N LYS A 656 14.46 49.36 -6.92
CA LYS A 656 14.95 48.20 -7.73
C LYS A 656 14.47 46.88 -7.09
N ALA A 657 15.35 45.94 -6.74
CA ALA A 657 15.02 44.49 -6.61
C ALA A 657 13.96 44.20 -5.52
N VAL A 658 13.73 45.01 -4.47
CA VAL A 658 12.95 44.52 -3.35
C VAL A 658 11.61 43.95 -3.75
N PHE A 659 11.02 44.44 -4.88
CA PHE A 659 9.76 43.78 -5.34
C PHE A 659 9.99 42.39 -5.96
N ILE A 660 11.16 42.21 -6.68
CA ILE A 660 11.31 40.91 -7.25
C ILE A 660 11.52 39.83 -6.15
N ILE A 661 12.29 40.08 -5.12
CA ILE A 661 12.36 39.05 -4.09
C ILE A 661 11.04 38.79 -3.41
N LEU A 662 10.30 39.92 -3.12
CA LEU A 662 9.07 39.81 -2.39
C LEU A 662 8.09 39.01 -3.26
N LEU A 663 8.00 39.25 -4.56
CA LEU A 663 7.28 38.31 -5.44
C LEU A 663 7.93 36.93 -5.55
N LEU A 664 9.21 36.77 -5.79
CA LEU A 664 9.64 35.41 -6.15
C LEU A 664 9.47 34.56 -4.92
N ALA A 665 9.75 35.17 -3.73
CA ALA A 665 9.25 34.61 -2.44
C ALA A 665 7.81 34.21 -2.63
N TYR A 666 6.90 35.08 -3.01
CA TYR A 666 5.56 34.55 -3.22
C TYR A 666 5.40 33.50 -4.28
N VAL A 667 6.05 33.55 -5.43
CA VAL A 667 5.85 32.56 -6.51
C VAL A 667 6.40 31.20 -6.14
N ILE A 668 7.63 31.17 -5.70
CA ILE A 668 8.11 29.84 -5.21
C ILE A 668 7.30 29.37 -4.04
N LEU A 669 6.81 30.28 -3.27
CA LEU A 669 6.05 29.95 -2.07
C LEU A 669 4.58 29.61 -2.35
N THR A 670 3.98 30.13 -3.42
CA THR A 670 2.53 30.01 -3.63
C THR A 670 2.33 28.99 -4.73
N TYR A 671 3.00 29.02 -5.87
CA TYR A 671 2.55 28.22 -6.98
C TYR A 671 3.35 26.89 -6.99
N ILE A 672 4.65 27.03 -6.64
CA ILE A 672 5.48 25.89 -6.54
C ILE A 672 5.37 25.15 -5.22
N LEU A 673 4.80 25.76 -4.14
CA LEU A 673 4.80 25.09 -2.82
C LEU A 673 3.38 24.83 -2.43
N LEU A 674 2.49 25.80 -2.34
CA LEU A 674 1.23 25.55 -1.68
C LEU A 674 0.45 24.60 -2.56
N LEU A 675 0.30 24.90 -3.82
CA LEU A 675 -0.73 24.31 -4.64
C LEU A 675 -0.42 22.83 -4.76
N ASN A 676 0.84 22.49 -4.88
CA ASN A 676 1.22 21.13 -4.88
C ASN A 676 0.73 20.49 -3.60
N MET A 677 0.73 21.16 -2.46
CA MET A 677 -0.01 20.64 -1.33
C MET A 677 -1.47 20.54 -1.66
N LEU A 678 -2.15 21.59 -2.24
CA LEU A 678 -3.59 21.49 -2.51
C LEU A 678 -3.91 20.25 -3.35
N ILE A 679 -3.27 20.11 -4.49
CA ILE A 679 -3.48 18.94 -5.39
C ILE A 679 -3.15 17.65 -4.63
N ALA A 680 -2.06 17.58 -3.88
CA ALA A 680 -1.62 16.24 -3.41
C ALA A 680 -2.71 15.69 -2.48
N LEU A 681 -3.45 16.65 -1.79
CA LEU A 681 -4.47 16.26 -0.83
C LEU A 681 -5.67 15.79 -1.61
N MET A 682 -6.03 16.54 -2.69
CA MET A 682 -7.00 16.00 -3.64
C MET A 682 -6.63 14.67 -4.17
N GLY A 683 -5.41 14.44 -4.72
CA GLY A 683 -5.06 13.13 -5.23
C GLY A 683 -5.03 12.17 -4.08
N GLU A 684 -4.98 12.70 -2.83
CA GLU A 684 -5.08 11.89 -1.64
C GLU A 684 -6.51 11.33 -1.55
N THR A 685 -7.55 12.08 -1.92
CA THR A 685 -8.89 11.45 -2.04
C THR A 685 -9.21 10.85 -3.41
N VAL A 686 -8.71 11.36 -4.52
CA VAL A 686 -9.06 10.63 -5.78
C VAL A 686 -8.59 9.20 -5.71
N ASN A 687 -7.63 8.89 -4.85
CA ASN A 687 -7.29 7.52 -4.39
C ASN A 687 -8.52 6.83 -3.79
N LYS A 688 -9.11 7.39 -2.66
CA LYS A 688 -9.93 6.59 -1.74
C LYS A 688 -11.41 6.89 -1.95
N ILE A 689 -11.80 8.11 -2.37
CA ILE A 689 -13.20 8.44 -2.54
C ILE A 689 -13.64 8.07 -3.99
N ALA A 690 -12.79 7.35 -4.69
CA ALA A 690 -13.08 6.51 -5.82
C ALA A 690 -13.75 5.17 -5.44
N GLN A 691 -13.10 4.37 -4.57
CA GLN A 691 -13.43 2.94 -4.60
C GLN A 691 -14.40 2.44 -3.54
N GLU A 692 -14.16 2.72 -2.24
CA GLU A 692 -15.13 2.46 -1.20
C GLU A 692 -16.21 3.45 -1.26
N SER A 693 -15.97 4.50 -2.04
CA SER A 693 -17.11 5.26 -2.58
C SER A 693 -18.12 4.25 -3.05
N LYS A 694 -17.77 3.22 -3.82
CA LYS A 694 -18.78 2.59 -4.71
C LYS A 694 -20.10 2.25 -4.06
N ASN A 695 -20.14 1.42 -2.99
CA ASN A 695 -21.50 1.13 -2.45
C ASN A 695 -22.33 2.35 -2.00
N ILE A 696 -21.62 3.53 -1.87
CA ILE A 696 -22.48 4.75 -1.66
C ILE A 696 -23.40 5.04 -2.82
N TRP A 697 -23.04 4.85 -4.08
CA TRP A 697 -23.98 5.27 -5.14
C TRP A 697 -25.27 4.56 -4.96
N LYS A 698 -25.27 3.34 -4.36
CA LYS A 698 -26.43 2.60 -3.95
C LYS A 698 -27.21 3.28 -2.87
N LEU A 699 -26.58 4.00 -1.87
CA LEU A 699 -27.39 4.84 -1.03
C LEU A 699 -28.11 5.90 -1.83
N GLN A 700 -27.50 6.33 -2.97
CA GLN A 700 -27.94 7.60 -3.47
C GLN A 700 -29.04 7.35 -4.52
N ARG A 701 -28.81 6.34 -5.34
CA ARG A 701 -30.01 5.72 -5.98
C ARG A 701 -31.07 5.53 -4.85
N ALA A 702 -30.73 4.96 -3.68
CA ALA A 702 -31.80 4.78 -2.75
C ALA A 702 -32.41 6.09 -2.20
N ILE A 703 -31.64 7.18 -2.00
CA ILE A 703 -32.27 8.44 -1.51
C ILE A 703 -33.14 9.03 -2.60
N THR A 704 -32.68 8.95 -3.90
CA THR A 704 -33.58 9.35 -5.01
C THR A 704 -34.79 8.38 -5.01
N ILE A 705 -34.67 7.16 -4.55
CA ILE A 705 -35.84 6.31 -4.47
C ILE A 705 -36.75 6.61 -3.25
N LEU A 706 -36.25 6.71 -2.06
CA LEU A 706 -37.07 6.64 -0.88
C LEU A 706 -37.95 7.86 -0.87
N ASP A 707 -37.53 8.92 -1.59
CA ASP A 707 -38.26 10.14 -1.75
C ASP A 707 -39.20 10.14 -2.93
N THR A 708 -38.69 9.72 -4.15
CA THR A 708 -39.50 9.93 -5.33
C THR A 708 -40.79 9.13 -5.18
N GLU A 709 -40.90 8.08 -4.38
CA GLU A 709 -42.21 7.54 -3.96
C GLU A 709 -42.87 8.36 -2.83
N LYS A 710 -42.11 8.86 -1.90
CA LYS A 710 -42.78 9.67 -0.85
C LYS A 710 -43.42 10.93 -1.46
N SER A 711 -42.88 11.42 -2.57
CA SER A 711 -43.33 12.62 -3.24
C SER A 711 -44.14 12.27 -4.51
N PHE A 712 -44.67 11.03 -4.56
CA PHE A 712 -45.48 10.50 -5.68
C PHE A 712 -46.82 9.96 -5.25
N LEU A 713 -47.31 10.43 -4.09
CA LEU A 713 -48.65 10.08 -3.54
C LEU A 713 -48.75 8.65 -3.07
N LYS A 714 -47.76 7.98 -2.49
CA LYS A 714 -48.00 6.85 -1.59
C LYS A 714 -48.92 5.76 -2.20
N CYS A 715 -48.53 5.14 -3.28
CA CYS A 715 -49.45 4.53 -4.21
C CYS A 715 -49.23 3.04 -4.27
N MET A 716 -49.89 2.37 -5.18
CA MET A 716 -49.73 0.90 -5.23
C MET A 716 -48.27 0.51 -5.67
N ARG A 717 -47.51 -0.05 -4.77
CA ARG A 717 -46.22 -0.63 -5.07
C ARG A 717 -45.98 -1.73 -4.02
N LYS A 718 -44.93 -2.59 -4.07
CA LYS A 718 -45.05 -3.82 -3.34
C LYS A 718 -45.00 -3.54 -1.84
N ALA A 719 -46.14 -3.78 -1.14
CA ALA A 719 -46.31 -3.27 0.21
C ALA A 719 -47.73 -3.70 0.72
N LEU B 111 57.82 -23.28 43.85
CA LEU B 111 57.75 -21.85 43.98
C LEU B 111 56.82 -21.33 42.93
N TYR B 112 56.57 -19.98 42.82
CA TYR B 112 55.48 -19.45 41.97
C TYR B 112 55.62 -18.00 41.60
N ASP B 113 55.28 -17.64 40.41
CA ASP B 113 55.05 -16.25 39.96
C ASP B 113 53.69 -16.06 39.34
N ARG B 114 53.29 -14.86 38.97
CA ARG B 114 51.97 -14.59 38.47
C ARG B 114 51.56 -15.39 37.27
N ARG B 115 52.53 -15.61 36.31
CA ARG B 115 52.44 -16.54 35.24
C ARG B 115 52.09 -17.94 35.69
N SER B 116 52.75 -18.40 36.72
CA SER B 116 52.58 -19.80 37.01
C SER B 116 51.13 -20.02 37.36
N ILE B 117 50.40 -18.95 37.83
CA ILE B 117 49.04 -19.19 38.28
C ILE B 117 48.06 -18.90 37.17
N PHE B 118 48.33 -17.82 36.41
CA PHE B 118 47.36 -17.48 35.39
C PHE B 118 47.27 -18.59 34.38
N ASP B 119 48.40 -19.33 34.18
CA ASP B 119 48.33 -20.59 33.42
C ASP B 119 47.49 -21.68 34.12
N ALA B 120 47.75 -21.89 35.39
CA ALA B 120 47.00 -22.98 36.11
C ALA B 120 45.54 -22.70 35.96
N VAL B 121 45.17 -21.48 36.26
CA VAL B 121 43.75 -21.06 36.23
C VAL B 121 43.24 -21.18 34.78
N ALA B 122 44.02 -20.78 33.84
CA ALA B 122 43.47 -20.72 32.47
C ALA B 122 42.89 -22.07 32.15
N GLN B 123 43.52 -23.17 32.61
CA GLN B 123 43.09 -24.50 32.31
C GLN B 123 42.38 -25.11 33.53
N SER B 124 42.05 -24.34 34.59
CA SER B 124 41.31 -24.82 35.76
C SER B 124 42.04 -25.95 36.44
N ASN B 125 43.40 -25.83 36.44
CA ASN B 125 44.26 -26.75 37.09
C ASN B 125 44.47 -26.41 38.55
N CYS B 126 43.87 -27.26 39.42
CA CYS B 126 43.88 -27.04 40.85
C CYS B 126 45.09 -27.62 41.46
N GLN B 127 45.90 -28.35 40.66
CA GLN B 127 47.06 -29.01 41.18
C GLN B 127 48.37 -28.21 41.01
N GLU B 128 48.51 -27.45 39.94
CA GLU B 128 49.66 -26.56 39.96
C GLU B 128 49.47 -25.58 41.11
N LEU B 129 48.29 -25.40 41.65
CA LEU B 129 48.08 -24.46 42.75
C LEU B 129 47.93 -25.15 44.08
N GLU B 130 48.18 -26.49 44.13
CA GLU B 130 48.28 -27.24 45.39
C GLU B 130 49.42 -26.80 46.24
N SER B 131 50.66 -26.59 45.73
CA SER B 131 51.64 -25.98 46.58
C SER B 131 51.53 -24.47 46.53
N LEU B 132 50.43 -23.89 46.07
CA LEU B 132 50.47 -22.45 45.97
C LEU B 132 50.37 -21.87 47.36
N LEU B 133 49.76 -22.61 48.27
CA LEU B 133 49.72 -22.11 49.62
C LEU B 133 51.13 -22.18 50.23
N PRO B 134 51.86 -23.35 50.12
CA PRO B 134 53.00 -23.48 51.02
C PRO B 134 54.11 -22.56 50.54
N PHE B 135 53.95 -21.98 49.28
CA PHE B 135 54.95 -21.04 48.88
C PHE B 135 54.70 -19.60 49.32
N LEU B 136 53.51 -19.04 49.17
CA LEU B 136 53.28 -17.71 49.66
C LEU B 136 53.11 -17.75 51.18
N GLN B 137 53.07 -18.91 51.80
CA GLN B 137 53.39 -18.88 53.21
C GLN B 137 54.90 -18.73 53.48
N ARG B 138 55.81 -18.92 52.50
CA ARG B 138 57.19 -18.61 52.73
C ARG B 138 57.50 -17.12 52.46
N SER B 139 57.12 -16.62 51.26
CA SER B 139 57.55 -15.36 50.74
C SER B 139 56.61 -14.20 51.09
N LYS B 140 55.46 -14.49 51.74
CA LYS B 140 54.42 -13.51 52.12
C LYS B 140 54.06 -12.52 51.02
N LYS B 141 54.06 -13.00 49.78
CA LYS B 141 53.27 -12.30 48.83
C LYS B 141 51.75 -12.41 49.15
N ARG B 142 50.96 -11.51 48.63
CA ARG B 142 49.52 -11.57 48.62
C ARG B 142 49.07 -11.62 47.15
N LEU B 143 47.93 -12.32 46.91
CA LEU B 143 47.56 -12.73 45.58
C LEU B 143 46.91 -11.51 44.92
N THR B 144 46.50 -10.55 45.73
CA THR B 144 46.27 -9.18 45.29
C THR B 144 47.45 -8.50 44.68
N ASP B 145 48.68 -8.87 45.05
CA ASP B 145 49.70 -7.87 44.89
C ASP B 145 49.90 -7.51 43.46
N SER B 146 50.72 -6.47 43.17
CA SER B 146 51.08 -6.10 41.80
C SER B 146 51.43 -7.34 41.02
N GLU B 147 52.05 -8.33 41.66
CA GLU B 147 52.52 -9.45 40.85
C GLU B 147 51.36 -10.33 40.26
N PHE B 148 50.39 -10.73 41.11
CA PHE B 148 49.51 -11.84 40.77
C PHE B 148 48.26 -11.33 40.15
N LYS B 149 48.02 -10.08 40.23
CA LYS B 149 47.16 -9.46 39.23
C LYS B 149 47.95 -9.34 37.99
N ASP B 150 47.38 -9.27 36.77
CA ASP B 150 48.16 -8.60 35.76
C ASP B 150 48.47 -7.23 36.27
N PRO B 151 49.65 -6.69 36.07
CA PRO B 151 49.85 -5.30 36.47
C PRO B 151 48.79 -4.34 35.95
N GLU B 152 48.00 -4.66 34.87
CA GLU B 152 47.35 -3.64 34.10
C GLU B 152 45.84 -3.79 33.96
N THR B 153 45.35 -5.04 33.80
CA THR B 153 43.93 -5.30 33.68
C THR B 153 43.36 -5.44 35.08
N GLY B 154 44.13 -5.26 36.12
CA GLY B 154 43.60 -5.42 37.49
C GLY B 154 42.87 -6.71 37.65
N LYS B 155 43.04 -7.76 36.83
CA LYS B 155 42.57 -9.09 37.04
C LYS B 155 43.31 -9.63 38.29
N THR B 156 42.84 -10.66 38.93
CA THR B 156 43.71 -11.43 39.77
C THR B 156 43.70 -12.87 39.23
N CYS B 157 44.35 -13.80 39.84
CA CYS B 157 44.30 -15.19 39.35
C CYS B 157 42.84 -15.70 39.51
N LEU B 158 42.00 -15.03 40.29
CA LEU B 158 40.52 -15.12 40.22
C LEU B 158 39.93 -14.46 38.95
N LEU B 159 40.16 -13.13 38.62
CA LEU B 159 39.40 -12.67 37.47
C LEU B 159 39.96 -13.39 36.26
N LYS B 160 41.17 -14.04 36.34
CA LYS B 160 41.45 -15.04 35.30
C LYS B 160 40.44 -16.24 35.35
N ALA B 161 40.20 -16.78 36.56
CA ALA B 161 39.26 -17.87 36.64
C ALA B 161 37.94 -17.39 36.02
N MET B 162 37.68 -16.04 36.12
CA MET B 162 36.50 -15.51 35.58
C MET B 162 36.59 -15.29 34.07
N LEU B 163 37.73 -14.77 33.53
CA LEU B 163 37.78 -14.72 32.05
C LEU B 163 37.99 -16.09 31.45
N ASN B 164 38.42 -17.04 32.31
CA ASN B 164 38.57 -18.43 31.94
C ASN B 164 37.58 -19.24 32.69
N LEU B 165 36.35 -18.69 32.86
CA LEU B 165 35.29 -19.63 33.17
C LEU B 165 35.32 -20.75 32.12
N HIS B 166 35.47 -21.95 32.57
CA HIS B 166 35.04 -23.13 31.84
C HIS B 166 33.77 -23.65 32.55
N ASN B 167 32.70 -23.86 31.86
CA ASN B 167 31.40 -24.23 32.36
C ASN B 167 31.02 -23.49 33.61
N GLY B 168 31.28 -22.14 33.63
CA GLY B 168 30.90 -21.38 34.79
C GLY B 168 31.39 -21.95 36.09
N GLN B 169 32.34 -22.83 36.09
CA GLN B 169 32.88 -23.44 37.33
C GLN B 169 34.39 -23.53 37.22
N ASN B 170 35.06 -23.42 38.35
CA ASN B 170 36.38 -23.94 38.60
C ASN B 170 36.47 -24.22 40.06
N ASP B 171 37.57 -24.93 40.46
CA ASP B 171 37.96 -24.93 41.87
C ASP B 171 39.34 -24.44 42.16
N THR B 172 40.12 -24.05 41.19
CA THR B 172 41.25 -23.15 41.39
C THR B 172 40.76 -21.94 42.11
N ILE B 173 39.60 -21.37 41.80
CA ILE B 173 39.04 -20.33 42.59
C ILE B 173 38.87 -20.77 44.03
N ALA B 174 38.43 -21.99 44.30
CA ALA B 174 38.02 -22.29 45.65
C ALA B 174 39.27 -22.36 46.49
N LEU B 175 40.36 -22.80 45.88
CA LEU B 175 41.63 -23.09 46.51
C LEU B 175 42.46 -21.79 46.59
N LEU B 176 42.27 -20.93 45.63
CA LEU B 176 43.06 -19.73 45.42
C LEU B 176 42.45 -18.63 46.25
N LEU B 177 41.16 -18.51 46.15
CA LEU B 177 40.46 -17.90 47.24
C LEU B 177 41.01 -18.54 48.48
N ASP B 178 41.09 -19.88 48.58
CA ASP B 178 41.54 -20.38 49.92
C ASP B 178 42.93 -19.93 50.28
N VAL B 179 43.91 -19.92 49.39
CA VAL B 179 45.24 -19.40 49.74
C VAL B 179 45.09 -17.92 50.11
N ALA B 180 44.31 -17.12 49.35
CA ALA B 180 44.10 -15.76 49.68
C ALA B 180 43.48 -15.71 51.08
N ARG B 181 42.73 -16.72 51.44
CA ARG B 181 42.21 -16.75 52.87
C ARG B 181 43.34 -17.02 53.82
N LYS B 182 44.44 -17.68 53.39
CA LYS B 182 45.49 -18.01 54.31
C LYS B 182 46.58 -16.92 54.36
N THR B 183 46.84 -16.16 53.27
CA THR B 183 47.74 -14.99 53.44
C THR B 183 46.85 -13.78 53.78
N ASP B 184 45.60 -13.95 54.06
CA ASP B 184 44.58 -12.89 54.17
C ASP B 184 44.75 -11.85 53.11
N SER B 185 44.71 -12.22 51.87
CA SER B 185 44.62 -11.29 50.74
C SER B 185 43.23 -11.25 50.17
N LEU B 186 42.17 -11.53 50.95
CA LEU B 186 40.92 -12.01 50.36
C LEU B 186 40.08 -10.85 49.79
N LYS B 187 39.79 -9.77 50.55
CA LYS B 187 38.87 -8.75 50.09
C LYS B 187 39.39 -8.11 48.75
N GLN B 188 40.62 -7.65 48.71
CA GLN B 188 40.91 -6.80 47.59
C GLN B 188 41.42 -7.63 46.39
N PHE B 189 41.53 -8.93 46.62
CA PHE B 189 41.80 -9.96 45.59
C PHE B 189 40.55 -10.15 44.80
N VAL B 190 39.42 -10.23 45.46
CA VAL B 190 38.21 -10.55 44.69
C VAL B 190 37.82 -9.32 43.85
N ASN B 191 38.48 -8.22 44.10
CA ASN B 191 37.89 -6.91 43.76
C ASN B 191 38.81 -6.11 42.84
N ALA B 192 40.04 -6.58 42.63
CA ALA B 192 40.97 -5.66 41.95
C ALA B 192 40.40 -5.47 40.54
N SER B 193 40.38 -4.28 40.02
CA SER B 193 39.42 -3.91 38.97
C SER B 193 40.25 -3.47 37.80
N TYR B 194 39.71 -3.39 36.56
CA TYR B 194 40.63 -3.20 35.47
C TYR B 194 41.18 -1.78 35.47
N THR B 195 42.50 -1.63 35.37
CA THR B 195 43.18 -0.35 35.41
C THR B 195 43.67 -0.04 34.01
N ASP B 196 43.23 -0.74 32.99
CA ASP B 196 43.24 -0.25 31.62
C ASP B 196 41.91 0.36 31.19
N SER B 197 41.97 1.44 30.44
CA SER B 197 40.82 2.20 30.02
C SER B 197 39.78 1.34 29.33
N TYR B 198 40.15 0.21 28.66
CA TYR B 198 39.11 -0.53 28.00
C TYR B 198 38.15 -1.03 29.04
N TYR B 199 38.60 -1.89 29.99
CA TYR B 199 37.63 -2.63 30.68
C TYR B 199 37.56 -2.13 32.12
N LYS B 200 37.88 -0.85 32.28
CA LYS B 200 38.37 -0.31 33.53
C LYS B 200 37.37 -0.45 34.65
N GLY B 201 37.86 -0.42 35.84
CA GLY B 201 37.07 -0.60 37.07
C GLY B 201 36.23 -1.87 37.09
N GLN B 202 36.47 -2.88 36.22
CA GLN B 202 35.79 -4.16 36.22
C GLN B 202 36.38 -5.17 37.21
N THR B 203 35.61 -5.64 38.18
CA THR B 203 36.12 -6.52 39.21
C THR B 203 35.82 -7.94 38.79
N ALA B 204 36.07 -8.94 39.59
CA ALA B 204 35.54 -10.33 39.43
C ALA B 204 34.02 -10.37 39.62
N LEU B 205 33.43 -9.81 40.67
CA LEU B 205 31.97 -9.90 40.78
C LEU B 205 31.26 -9.34 39.57
N HIS B 206 31.65 -8.17 39.16
CA HIS B 206 31.23 -7.71 37.84
C HIS B 206 31.32 -8.78 36.83
N ILE B 207 32.37 -9.59 36.83
CA ILE B 207 32.34 -10.68 35.82
C ILE B 207 31.44 -11.79 36.26
N ALA B 208 31.32 -12.17 37.50
CA ALA B 208 30.52 -13.33 37.78
C ALA B 208 29.00 -13.12 37.58
N ILE B 209 28.52 -11.96 37.92
CA ILE B 209 27.23 -11.39 37.46
C ILE B 209 27.22 -11.39 35.95
N GLU B 210 28.25 -10.84 35.31
CA GLU B 210 28.19 -10.70 33.84
C GLU B 210 28.09 -12.08 33.22
N ARG B 211 28.62 -13.11 33.90
CA ARG B 211 28.60 -14.49 33.40
C ARG B 211 27.36 -15.22 33.87
N ARG B 212 26.51 -14.48 34.64
CA ARG B 212 25.28 -15.05 35.10
C ARG B 212 25.48 -16.31 35.92
N ASN B 213 26.17 -16.21 37.04
CA ASN B 213 26.55 -17.39 37.78
C ASN B 213 26.26 -17.25 39.25
N MET B 214 25.17 -17.95 39.72
CA MET B 214 24.70 -17.70 41.05
C MET B 214 25.73 -18.14 42.07
N THR B 215 26.67 -19.02 41.77
CA THR B 215 27.52 -19.62 42.80
C THR B 215 28.76 -18.74 42.97
N LEU B 216 29.55 -18.44 41.95
CA LEU B 216 30.69 -17.58 42.04
C LEU B 216 30.25 -16.28 42.62
N VAL B 217 29.10 -15.72 42.23
CA VAL B 217 28.60 -14.58 43.06
C VAL B 217 28.49 -15.02 44.51
N THR B 218 27.83 -16.13 44.88
CA THR B 218 27.50 -16.33 46.24
C THR B 218 28.76 -16.59 47.00
N LEU B 219 29.86 -17.13 46.40
CA LEU B 219 31.05 -17.50 47.11
C LEU B 219 31.89 -16.25 47.25
N LEU B 220 32.17 -15.61 46.10
CA LEU B 220 32.97 -14.37 46.20
C LEU B 220 32.25 -13.45 47.16
N VAL B 221 30.94 -13.38 47.25
CA VAL B 221 30.34 -12.39 48.14
C VAL B 221 30.28 -12.90 49.54
N GLU B 222 30.21 -14.20 49.73
CA GLU B 222 30.51 -14.93 50.94
C GLU B 222 31.88 -14.76 51.44
N ASN B 223 32.93 -14.70 50.57
CA ASN B 223 34.26 -14.52 51.12
C ASN B 223 34.71 -13.10 51.12
N GLY B 224 33.68 -12.18 51.01
CA GLY B 224 33.88 -10.79 51.17
C GLY B 224 34.20 -10.07 49.87
N ALA B 225 33.52 -10.35 48.72
CA ALA B 225 33.64 -9.50 47.56
C ALA B 225 33.32 -8.10 47.94
N ASP B 226 33.77 -7.09 47.17
CA ASP B 226 33.12 -5.75 47.33
C ASP B 226 32.11 -5.50 46.27
N VAL B 227 30.93 -5.20 46.71
CA VAL B 227 29.81 -5.14 45.80
C VAL B 227 29.52 -3.67 45.39
N GLN B 228 29.57 -2.68 46.31
CA GLN B 228 29.27 -1.31 45.87
C GLN B 228 30.37 -0.87 44.90
N ALA B 229 31.54 -1.55 44.84
CA ALA B 229 32.58 -1.21 43.92
C ALA B 229 32.11 -0.98 42.51
N ALA B 230 32.59 0.07 41.86
CA ALA B 230 32.01 0.63 40.63
C ALA B 230 33.00 0.42 39.49
N ALA B 231 32.51 0.21 38.22
CA ALA B 231 33.39 0.13 37.07
C ALA B 231 33.25 1.30 36.15
N ASN B 232 34.34 2.06 35.86
CA ASN B 232 34.17 3.40 35.21
C ASN B 232 35.08 3.73 34.02
N GLY B 233 35.29 2.71 33.15
CA GLY B 233 35.94 2.99 31.87
C GLY B 233 35.11 3.70 30.86
N ASP B 234 35.64 4.01 29.67
CA ASP B 234 34.67 4.51 28.64
C ASP B 234 33.90 3.34 28.07
N PHE B 235 34.22 2.09 28.47
CA PHE B 235 33.31 0.96 28.19
C PHE B 235 31.98 1.19 28.88
N PHE B 236 32.05 1.57 30.13
CA PHE B 236 30.75 1.55 30.88
C PHE B 236 29.95 2.76 30.64
N LYS B 237 30.55 3.94 30.54
CA LYS B 237 29.91 5.15 30.01
C LYS B 237 29.64 5.05 28.52
N LYS B 238 28.99 6.04 27.93
CA LYS B 238 28.29 5.70 26.69
C LYS B 238 29.38 5.41 25.61
N THR B 239 28.94 4.93 24.43
CA THR B 239 29.78 4.17 23.51
C THR B 239 30.57 5.11 22.57
N LYS B 240 31.91 5.10 22.63
CA LYS B 240 32.80 6.08 21.90
C LYS B 240 32.56 6.19 20.41
N GLY B 241 32.60 5.17 19.54
CA GLY B 241 32.37 3.74 19.93
C GLY B 241 33.52 3.00 20.51
N ARG B 242 33.48 2.63 21.81
CA ARG B 242 34.35 1.60 22.30
C ARG B 242 33.94 0.12 21.98
N PRO B 243 32.68 -0.42 22.10
CA PRO B 243 31.59 0.06 23.02
C PRO B 243 32.12 0.01 24.44
N GLY B 244 31.44 0.32 25.57
CA GLY B 244 30.03 0.16 25.77
C GLY B 244 29.82 -0.93 26.78
N PHE B 245 28.85 -0.93 27.63
CA PHE B 245 27.60 -0.28 27.50
C PHE B 245 27.10 0.12 28.91
N TYR B 246 25.90 0.74 29.08
CA TYR B 246 25.63 1.55 30.24
C TYR B 246 24.46 1.09 31.19
N PHE B 247 24.72 0.07 31.94
CA PHE B 247 24.05 -0.25 33.25
C PHE B 247 24.83 0.41 34.35
N GLY B 248 25.11 1.75 34.16
CA GLY B 248 26.33 2.28 34.81
C GLY B 248 26.73 1.73 36.14
N GLU B 249 27.94 1.11 36.21
CA GLU B 249 28.80 0.92 37.35
C GLU B 249 28.41 -0.10 38.36
N LEU B 250 27.34 0.04 39.05
CA LEU B 250 27.28 -0.63 40.34
C LEU B 250 26.57 -1.97 40.31
N PRO B 251 27.17 -3.09 40.73
CA PRO B 251 26.80 -4.46 40.30
C PRO B 251 25.34 -4.75 40.44
N LEU B 252 24.63 -4.14 41.41
CA LEU B 252 23.21 -4.38 41.48
C LEU B 252 22.62 -3.97 40.16
N SER B 253 22.89 -2.69 39.80
CA SER B 253 22.46 -2.29 38.44
C SER B 253 22.94 -3.35 37.45
N LEU B 254 24.12 -3.94 37.56
CA LEU B 254 24.40 -4.97 36.58
C LEU B 254 23.39 -6.07 36.74
N ALA B 255 23.02 -6.46 37.94
CA ALA B 255 22.34 -7.69 38.22
C ALA B 255 20.87 -7.56 37.77
N ALA B 256 20.20 -6.50 38.32
CA ALA B 256 18.95 -6.08 37.80
C ALA B 256 18.97 -5.85 36.33
N CYS B 257 19.97 -5.05 35.84
CA CYS B 257 19.94 -4.85 34.43
C CYS B 257 20.24 -6.03 33.51
N THR B 258 20.88 -7.11 34.10
CA THR B 258 21.07 -8.33 33.32
C THR B 258 19.92 -9.28 33.64
N ASN B 259 18.75 -8.80 34.15
CA ASN B 259 17.56 -9.64 34.32
C ASN B 259 17.95 -10.92 35.05
N GLN B 260 18.50 -10.76 36.25
CA GLN B 260 18.64 -11.89 37.15
C GLN B 260 17.94 -11.68 38.47
N LEU B 261 16.65 -12.07 38.54
CA LEU B 261 15.83 -11.63 39.65
C LEU B 261 16.42 -12.23 40.95
N ALA B 262 16.97 -13.41 40.86
CA ALA B 262 17.38 -14.14 42.10
C ALA B 262 18.68 -13.48 42.63
N ILE B 263 19.65 -13.17 41.78
CA ILE B 263 20.90 -12.63 42.24
C ILE B 263 20.73 -11.17 42.60
N VAL B 264 19.81 -10.40 41.97
CA VAL B 264 19.53 -9.12 42.57
C VAL B 264 18.82 -9.34 43.94
N LYS B 265 17.90 -10.28 44.08
CA LYS B 265 17.50 -10.59 45.41
C LYS B 265 18.65 -10.96 46.34
N PHE B 266 19.58 -11.77 45.83
CA PHE B 266 20.64 -12.19 46.77
C PHE B 266 21.45 -11.01 47.27
N LEU B 267 21.98 -10.13 46.38
CA LEU B 267 23.01 -9.18 46.80
C LEU B 267 22.41 -8.23 47.80
N LEU B 268 21.22 -7.62 47.45
CA LEU B 268 20.53 -6.94 48.55
C LEU B 268 20.39 -7.85 49.79
N GLN B 269 19.87 -9.09 49.67
CA GLN B 269 19.32 -9.72 50.89
C GLN B 269 20.37 -10.36 51.77
N ASN B 270 21.65 -10.28 51.32
CA ASN B 270 22.71 -11.08 51.81
C ASN B 270 23.22 -10.62 53.19
N SER B 271 24.06 -11.44 53.79
CA SER B 271 24.49 -11.09 55.17
C SER B 271 25.85 -10.37 55.22
N TRP B 272 26.85 -10.95 54.50
CA TRP B 272 28.26 -10.55 54.63
C TRP B 272 28.36 -9.07 54.25
N GLN B 273 27.75 -8.70 53.14
CA GLN B 273 27.38 -7.32 53.06
C GLN B 273 26.18 -7.08 52.12
N PRO B 274 24.93 -7.05 52.67
CA PRO B 274 23.78 -6.73 51.84
C PRO B 274 24.06 -5.41 51.11
N ALA B 275 23.58 -5.22 49.90
CA ALA B 275 24.19 -4.30 49.01
C ALA B 275 23.37 -3.01 48.73
N ASP B 276 23.92 -1.80 48.93
CA ASP B 276 23.19 -0.54 49.11
C ASP B 276 22.34 -0.15 47.88
N ILE B 277 21.13 0.34 48.09
CA ILE B 277 20.31 0.57 46.87
C ILE B 277 20.61 1.92 46.27
N SER B 278 20.97 2.96 47.05
CA SER B 278 20.85 4.34 46.54
C SER B 278 22.11 4.92 45.98
N ALA B 279 23.16 4.09 45.82
CA ALA B 279 24.46 4.68 45.45
C ALA B 279 24.48 5.06 43.96
N ARG B 280 24.09 6.26 43.70
CA ARG B 280 24.37 6.92 42.42
C ARG B 280 25.79 6.67 41.87
N ASP B 281 25.87 6.19 40.62
CA ASP B 281 27.10 5.85 39.93
C ASP B 281 27.75 7.10 39.44
N SER B 282 28.82 6.97 38.61
CA SER B 282 29.42 8.20 38.05
C SER B 282 28.42 9.25 37.50
N VAL B 283 27.36 8.82 36.76
CA VAL B 283 26.51 9.80 36.06
C VAL B 283 25.34 10.22 36.98
N GLY B 284 25.43 9.81 38.26
CA GLY B 284 24.36 10.09 39.21
C GLY B 284 23.32 9.04 39.16
N ASN B 285 23.44 8.05 38.28
CA ASN B 285 22.31 7.15 38.17
C ASN B 285 22.26 6.11 39.25
N THR B 286 21.10 6.04 39.87
CA THR B 286 20.72 4.92 40.72
C THR B 286 20.40 3.71 39.84
N VAL B 287 20.27 2.47 40.37
CA VAL B 287 19.78 1.42 39.51
C VAL B 287 18.49 1.77 38.81
N LEU B 288 17.58 2.56 39.41
CA LEU B 288 16.35 2.79 38.70
C LEU B 288 16.69 3.47 37.39
N HIS B 289 17.39 4.60 37.49
CA HIS B 289 18.01 5.24 36.36
C HIS B 289 18.65 4.23 35.44
N ALA B 290 19.40 3.23 35.96
CA ALA B 290 19.98 2.19 35.06
C ALA B 290 18.87 1.38 34.32
N LEU B 291 17.78 0.87 34.95
CA LEU B 291 16.91 -0.05 34.19
C LEU B 291 16.11 0.77 33.16
N VAL B 292 15.45 1.87 33.53
CA VAL B 292 14.93 2.71 32.48
C VAL B 292 15.97 3.01 31.44
N GLU B 293 17.26 3.21 31.79
CA GLU B 293 18.19 3.67 30.73
C GLU B 293 18.34 2.58 29.66
N VAL B 294 17.91 1.36 29.95
CA VAL B 294 18.15 0.18 29.12
C VAL B 294 16.84 -0.40 28.57
N ALA B 295 15.68 0.11 28.98
CA ALA B 295 14.47 -0.03 28.20
C ALA B 295 14.67 0.29 26.76
N ASP B 296 14.00 -0.40 25.81
CA ASP B 296 14.10 0.06 24.40
C ASP B 296 12.76 0.01 23.66
N ASN B 297 11.64 -0.01 24.37
CA ASN B 297 10.27 -0.03 23.81
C ASN B 297 10.13 -1.32 22.99
N THR B 298 10.66 -2.47 23.42
CA THR B 298 10.24 -3.78 22.88
C THR B 298 9.30 -4.45 23.90
N VAL B 299 8.34 -5.30 23.50
CA VAL B 299 7.31 -5.86 24.33
C VAL B 299 7.97 -6.66 25.45
N ASP B 300 9.21 -7.20 25.24
CA ASP B 300 9.82 -8.02 26.23
C ASP B 300 10.87 -7.27 27.07
N ASN B 301 11.53 -6.22 26.47
CA ASN B 301 12.44 -5.47 27.27
C ASN B 301 11.62 -4.50 28.15
N THR B 302 10.51 -4.03 27.61
CA THR B 302 9.40 -3.56 28.49
C THR B 302 9.01 -4.68 29.45
N LYS B 303 8.89 -5.92 28.95
CA LYS B 303 8.31 -6.91 29.92
C LYS B 303 9.22 -7.08 31.08
N PHE B 304 10.52 -6.95 30.94
CA PHE B 304 11.44 -7.36 31.95
C PHE B 304 12.02 -6.18 32.69
N VAL B 305 12.28 -5.05 32.05
CA VAL B 305 12.65 -3.94 32.88
C VAL B 305 11.51 -3.43 33.77
N THR B 306 10.27 -3.50 33.25
CA THR B 306 9.14 -3.00 33.98
C THR B 306 9.00 -3.86 35.24
N SER B 307 9.19 -5.15 35.18
CA SER B 307 8.89 -6.01 36.25
C SER B 307 10.02 -6.01 37.25
N MET B 308 11.30 -5.98 36.80
CA MET B 308 12.37 -5.84 37.81
C MET B 308 12.26 -4.48 38.54
N TYR B 309 11.89 -3.42 37.85
CA TYR B 309 11.65 -2.13 38.45
C TYR B 309 10.56 -2.17 39.53
N ASN B 310 9.40 -2.78 39.19
CA ASN B 310 8.43 -3.23 40.19
C ASN B 310 9.13 -3.95 41.31
N GLU B 311 10.03 -4.84 40.97
CA GLU B 311 10.58 -5.67 42.01
C GLU B 311 11.55 -4.94 42.90
N ILE B 312 12.51 -4.13 42.41
CA ILE B 312 13.37 -3.42 43.30
C ILE B 312 12.50 -2.57 44.29
N LEU B 313 11.42 -1.96 43.79
CA LEU B 313 10.63 -1.03 44.61
C LEU B 313 9.85 -1.75 45.65
N ILE B 314 9.20 -2.89 45.36
CA ILE B 314 8.59 -3.69 46.44
C ILE B 314 9.59 -4.02 47.57
N LEU B 315 10.92 -3.97 47.23
CA LEU B 315 11.91 -4.38 48.26
C LEU B 315 12.29 -3.17 49.12
N GLY B 316 12.61 -2.02 48.56
CA GLY B 316 13.08 -0.86 49.40
C GLY B 316 11.95 -0.38 50.31
N ALA B 317 10.66 -0.55 49.87
CA ALA B 317 9.55 -0.49 50.72
C ALA B 317 9.65 -1.55 51.83
N LYS B 318 10.01 -2.75 51.43
CA LYS B 318 10.14 -3.74 52.51
C LYS B 318 11.26 -3.45 53.48
N LEU B 319 12.39 -2.82 53.06
CA LEU B 319 13.64 -2.99 53.77
C LEU B 319 14.02 -1.62 54.39
N HIS B 320 13.89 -0.58 53.64
CA HIS B 320 14.22 0.76 54.10
C HIS B 320 13.12 1.78 53.70
N PRO B 321 11.95 1.66 54.30
CA PRO B 321 10.68 2.26 53.82
C PRO B 321 10.93 3.77 53.77
N THR B 322 11.76 4.32 54.59
CA THR B 322 12.12 5.69 54.63
C THR B 322 12.76 6.14 53.29
N LEU B 323 13.46 5.31 52.58
CA LEU B 323 14.13 5.86 51.40
C LEU B 323 13.07 6.02 50.28
N LYS B 324 12.37 7.20 50.27
CA LYS B 324 11.64 7.49 49.01
C LYS B 324 12.58 7.32 47.79
N LEU B 325 12.28 6.42 46.88
CA LEU B 325 13.32 5.86 46.04
C LEU B 325 13.28 6.37 44.60
N GLU B 326 12.08 6.61 44.09
CA GLU B 326 11.86 7.19 42.78
C GLU B 326 12.19 8.66 42.79
N GLU B 327 12.46 9.22 43.98
CA GLU B 327 12.88 10.61 43.97
C GLU B 327 14.38 10.79 43.73
N ILE B 328 15.19 9.75 43.73
CA ILE B 328 16.65 10.05 43.84
C ILE B 328 17.24 10.48 42.55
N THR B 329 17.41 11.81 42.35
CA THR B 329 17.67 12.44 41.04
C THR B 329 19.04 12.16 40.48
N ASN B 330 19.19 12.04 39.11
CA ASN B 330 20.55 11.67 38.65
C ASN B 330 21.39 12.93 38.69
N ARG B 331 22.61 12.91 38.14
CA ARG B 331 23.49 14.07 38.38
C ARG B 331 22.83 15.29 37.78
N LYS B 332 22.07 15.08 36.69
CA LYS B 332 21.72 16.11 35.74
C LYS B 332 20.37 16.63 36.11
N GLY B 333 19.69 16.02 37.12
CA GLY B 333 18.55 16.58 37.75
C GLY B 333 17.24 15.81 37.65
N LEU B 334 17.31 14.46 37.44
CA LEU B 334 16.21 13.75 36.81
C LEU B 334 15.74 12.61 37.79
N THR B 335 14.45 12.55 38.23
CA THR B 335 13.95 11.31 38.67
C THR B 335 14.06 10.25 37.56
N PRO B 336 13.98 8.99 37.89
CA PRO B 336 13.92 7.95 36.84
C PRO B 336 12.83 8.21 35.86
N LEU B 337 11.71 8.71 36.29
CA LEU B 337 10.65 9.03 35.35
C LEU B 337 11.03 10.18 34.45
N ALA B 338 11.66 11.24 35.03
CA ALA B 338 12.10 12.33 34.15
C ALA B 338 13.10 11.87 33.18
N LEU B 339 13.73 10.72 33.40
CA LEU B 339 14.76 10.28 32.52
C LEU B 339 14.13 9.50 31.39
N ALA B 340 13.06 8.72 31.66
CA ALA B 340 12.35 7.90 30.75
C ALA B 340 11.75 8.77 29.63
N ALA B 341 10.91 9.78 29.97
CA ALA B 341 10.17 10.58 29.07
C ALA B 341 11.14 11.62 28.46
N SER B 342 12.25 11.89 29.11
CA SER B 342 13.22 12.72 28.45
C SER B 342 13.92 11.91 27.33
N SER B 343 13.65 10.64 27.28
CA SER B 343 14.24 9.67 26.30
C SER B 343 13.20 8.80 25.61
N GLY B 344 11.93 9.13 25.65
CA GLY B 344 11.04 8.56 24.68
C GLY B 344 10.95 7.06 24.91
N LYS B 345 11.21 6.64 26.13
CA LYS B 345 11.08 5.21 26.44
C LYS B 345 9.60 4.87 26.75
N ILE B 346 8.78 4.62 25.75
CA ILE B 346 7.36 4.83 25.91
C ILE B 346 6.77 3.78 26.84
N GLY B 347 7.23 2.54 26.83
CA GLY B 347 6.68 1.52 27.65
C GLY B 347 6.81 1.71 29.16
N VAL B 348 7.92 2.25 29.63
CA VAL B 348 8.14 2.32 31.07
C VAL B 348 7.60 3.63 31.68
N LEU B 349 7.59 4.66 30.85
CA LEU B 349 6.68 5.78 31.09
C LEU B 349 5.23 5.35 31.05
N ALA B 350 4.72 4.52 30.16
CA ALA B 350 3.35 4.12 30.29
C ALA B 350 3.10 3.44 31.65
N TYR B 351 4.13 2.94 32.23
CA TYR B 351 4.13 2.08 33.39
C TYR B 351 4.25 2.86 34.72
N ILE B 352 5.34 3.68 34.91
CA ILE B 352 5.54 4.30 36.20
C ILE B 352 4.44 5.29 36.51
N LEU B 353 3.65 5.69 35.53
CA LEU B 353 2.42 6.43 35.83
C LEU B 353 1.28 5.39 36.03
N GLN B 354 1.16 4.34 35.19
CA GLN B 354 -0.13 3.63 35.18
C GLN B 354 -0.31 2.83 36.45
N ARG B 355 0.82 2.51 37.15
CA ARG B 355 0.98 1.41 38.06
C ARG B 355 0.24 1.49 39.37
N GLU B 356 -0.25 0.37 39.89
CA GLU B 356 -0.67 0.35 41.27
C GLU B 356 -0.48 -1.03 41.93
N ILE B 357 0.47 -1.20 42.88
CA ILE B 357 0.54 -2.43 43.71
C ILE B 357 -0.66 -2.54 44.62
N HIS B 358 -1.30 -3.73 44.63
CA HIS B 358 -2.22 -4.12 45.69
C HIS B 358 -1.65 -5.27 46.54
N GLU B 359 -1.44 -5.06 47.86
CA GLU B 359 -0.53 -5.77 48.74
C GLU B 359 -0.52 -5.09 50.12
N PRO B 360 -0.01 -5.67 51.19
CA PRO B 360 0.39 -4.80 52.36
C PRO B 360 1.58 -3.94 52.04
N GLU B 361 1.72 -2.66 52.54
CA GLU B 361 2.83 -1.79 52.16
C GLU B 361 2.85 -1.52 50.60
N CYS B 362 1.72 -1.70 49.94
CA CYS B 362 1.66 -1.56 48.47
C CYS B 362 1.57 -0.13 48.13
N ARG B 363 0.96 0.69 49.00
CA ARG B 363 0.39 1.92 48.56
C ARG B 363 1.39 3.00 48.66
N HIS B 364 2.33 2.83 49.51
CA HIS B 364 3.52 3.70 49.47
C HIS B 364 4.13 3.51 48.11
N LEU B 365 3.94 2.32 47.44
CA LEU B 365 4.55 2.00 46.12
C LEU B 365 3.69 2.65 45.04
N SER B 366 2.36 2.88 45.21
CA SER B 366 1.46 3.01 44.02
C SER B 366 1.27 4.41 43.49
N ARG B 367 0.70 4.54 42.28
CA ARG B 367 0.57 5.75 41.51
C ARG B 367 -0.89 6.20 41.36
N LYS B 368 -1.69 5.29 40.81
CA LYS B 368 -2.95 5.61 40.26
C LYS B 368 -4.03 4.68 40.85
N PHE B 369 -4.60 5.03 41.93
CA PHE B 369 -5.58 4.10 42.56
C PHE B 369 -6.86 4.10 41.85
N THR B 370 -7.50 2.93 41.75
CA THR B 370 -8.78 2.79 41.13
C THR B 370 -9.91 2.81 42.14
N GLU B 371 -10.94 3.62 41.95
CA GLU B 371 -11.94 3.90 42.98
C GLU B 371 -13.20 3.02 42.94
N TRP B 372 -13.91 3.00 41.78
CA TRP B 372 -15.13 2.23 41.51
C TRP B 372 -15.15 1.69 40.13
N ALA B 373 -15.10 0.33 39.98
CA ALA B 373 -15.51 -0.25 38.69
C ALA B 373 -17.04 -0.35 38.69
N TYR B 374 -17.67 0.25 37.70
CA TYR B 374 -19.04 -0.26 37.36
C TYR B 374 -18.93 -1.38 36.40
N GLY B 375 -20.06 -1.98 35.95
CA GLY B 375 -19.87 -3.22 35.30
C GLY B 375 -19.02 -3.17 34.03
N PRO B 376 -19.08 -2.20 33.18
CA PRO B 376 -18.30 -2.04 31.98
C PRO B 376 -17.01 -1.29 32.16
N VAL B 377 -16.84 -0.65 33.31
CA VAL B 377 -15.91 0.49 33.34
C VAL B 377 -14.89 0.40 34.45
N HIS B 378 -14.11 1.46 34.58
CA HIS B 378 -13.32 1.73 35.81
C HIS B 378 -13.13 3.20 35.90
N SER B 379 -13.04 3.78 37.11
CA SER B 379 -12.56 5.12 37.31
C SER B 379 -11.15 5.03 37.85
N SER B 380 -10.48 6.16 37.94
CA SER B 380 -9.11 6.15 38.54
C SER B 380 -8.81 7.48 39.27
N LEU B 381 -7.87 7.50 40.18
CA LEU B 381 -7.17 8.73 40.57
C LEU B 381 -5.65 8.60 40.41
N TYR B 382 -4.99 9.42 39.60
CA TYR B 382 -3.58 9.44 39.29
C TYR B 382 -2.89 10.47 40.16
N ASP B 383 -1.54 10.59 40.28
CA ASP B 383 -1.01 11.20 41.49
C ASP B 383 -1.15 12.74 41.60
N LEU B 384 -0.65 13.60 40.64
CA LEU B 384 0.47 13.29 39.75
C LEU B 384 1.72 14.01 40.34
N SER B 385 2.91 13.45 40.22
CA SER B 385 4.13 14.24 40.44
C SER B 385 4.38 15.29 39.36
N CYS B 386 3.94 15.12 38.07
CA CYS B 386 4.62 15.89 36.98
C CYS B 386 4.03 17.25 36.74
N ILE B 387 2.73 17.44 36.42
CA ILE B 387 2.29 18.76 36.08
C ILE B 387 2.50 19.74 37.20
N ASP B 388 2.48 19.20 38.46
CA ASP B 388 2.80 19.92 39.67
C ASP B 388 4.18 19.59 40.28
N THR B 389 5.09 19.03 39.43
CA THR B 389 6.55 19.10 39.59
C THR B 389 7.04 20.25 38.79
N CYS B 390 6.22 21.29 38.53
CA CYS B 390 6.65 22.50 37.87
C CYS B 390 7.86 23.14 38.57
N GLU B 391 8.10 22.85 39.83
CA GLU B 391 9.41 23.02 40.44
C GLU B 391 10.61 22.60 39.56
N LYS B 392 10.73 21.34 39.04
CA LYS B 392 12.02 20.84 38.65
C LYS B 392 12.17 20.37 37.19
N ASN B 393 11.85 19.12 36.81
CA ASN B 393 11.81 18.76 35.39
C ASN B 393 10.54 18.02 35.16
N SER B 394 9.46 18.81 34.95
CA SER B 394 8.16 18.11 34.89
C SER B 394 8.12 17.10 33.73
N VAL B 395 7.49 15.98 33.95
CA VAL B 395 7.55 14.99 32.85
C VAL B 395 6.94 15.60 31.63
N LEU B 396 5.84 16.36 31.79
CA LEU B 396 5.37 17.19 30.71
C LEU B 396 6.40 18.22 30.36
N GLU B 397 7.08 18.89 31.27
CA GLU B 397 8.08 19.86 30.77
C GLU B 397 9.15 19.14 29.98
N VAL B 398 9.37 17.83 30.15
CA VAL B 398 10.45 17.07 29.49
C VAL B 398 9.95 16.36 28.23
N ILE B 399 8.66 16.00 28.07
CA ILE B 399 8.11 15.63 26.74
C ILE B 399 7.40 16.83 26.14
N ALA B 400 7.62 18.07 26.71
CA ALA B 400 7.34 19.35 26.03
C ALA B 400 8.61 20.00 25.45
N TYR B 401 9.79 19.60 25.89
CA TYR B 401 11.08 19.72 25.13
C TYR B 401 11.83 18.38 25.24
N SER B 402 11.47 17.28 24.53
CA SER B 402 10.74 17.26 23.28
C SER B 402 11.55 18.00 22.24
N SER B 403 12.85 17.80 22.27
CA SER B 403 13.57 18.01 21.04
C SER B 403 13.15 16.88 20.07
N SER B 404 12.54 15.83 20.58
CA SER B 404 11.65 14.98 19.84
C SER B 404 12.48 14.25 18.82
N GLU B 405 13.75 14.19 19.00
CA GLU B 405 14.77 13.63 18.10
C GLU B 405 14.82 12.14 18.34
N THR B 406 14.08 11.64 19.31
CA THR B 406 13.68 10.24 19.24
C THR B 406 12.27 10.23 18.65
N PRO B 407 12.00 9.38 17.62
CA PRO B 407 10.62 9.18 17.08
C PRO B 407 9.74 8.62 18.18
N ASN B 408 10.30 8.00 19.23
CA ASN B 408 9.59 7.62 20.43
C ASN B 408 9.01 8.78 21.20
N ARG B 409 9.26 10.08 20.89
CA ARG B 409 8.68 11.11 21.76
C ARG B 409 7.17 11.33 21.46
N HIS B 410 6.77 11.72 20.22
CA HIS B 410 5.48 12.39 20.14
C HIS B 410 4.36 11.49 20.57
N ASP B 411 4.55 10.20 20.37
CA ASP B 411 3.51 9.23 20.76
C ASP B 411 3.25 9.20 22.23
N MET B 412 4.22 9.63 23.00
CA MET B 412 4.23 9.44 24.49
C MET B 412 3.63 10.58 25.24
N LEU B 413 2.85 11.48 24.54
CA LEU B 413 1.98 12.51 25.14
C LEU B 413 0.58 11.97 25.17
N LEU B 414 0.44 10.68 25.35
CA LEU B 414 -0.75 9.92 25.04
C LEU B 414 -1.54 9.55 26.25
N VAL B 415 -2.12 8.35 26.41
CA VAL B 415 -3.28 8.12 27.26
C VAL B 415 -3.00 8.08 28.74
N GLU B 416 -1.85 7.66 29.28
CA GLU B 416 -1.93 7.17 30.64
C GLU B 416 -2.32 8.17 31.77
N PRO B 417 -1.55 9.16 32.17
CA PRO B 417 -2.01 10.28 32.99
C PRO B 417 -2.28 11.57 32.25
N LEU B 418 -1.98 11.64 30.97
CA LEU B 418 -1.67 12.94 30.35
C LEU B 418 -2.55 13.32 29.21
N ASN B 419 -2.98 12.39 28.40
CA ASN B 419 -3.93 12.76 27.41
C ASN B 419 -5.13 13.40 28.13
N ARG B 420 -5.64 12.81 29.20
CA ARG B 420 -6.79 13.27 29.88
C ARG B 420 -6.59 14.60 30.50
N LEU B 421 -5.35 14.88 30.94
CA LEU B 421 -5.02 16.00 31.84
C LEU B 421 -4.70 17.23 30.97
N LEU B 422 -3.90 17.07 29.93
CA LEU B 422 -3.67 18.20 29.00
C LEU B 422 -4.95 18.45 28.21
N GLN B 423 -5.72 17.44 27.91
CA GLN B 423 -7.04 17.77 27.40
C GLN B 423 -7.77 18.69 28.38
N ASP B 424 -7.46 18.58 29.65
CA ASP B 424 -8.22 19.13 30.73
C ASP B 424 -7.66 20.53 31.17
N LYS B 425 -6.32 20.76 31.05
CA LYS B 425 -5.90 22.13 31.07
C LYS B 425 -6.65 22.93 29.99
N TRP B 426 -6.70 22.35 28.77
CA TRP B 426 -7.09 23.13 27.58
C TRP B 426 -8.58 23.52 27.72
N ASP B 427 -9.34 22.80 28.52
CA ASP B 427 -10.68 23.21 28.85
C ASP B 427 -10.74 24.15 30.00
N ARG B 428 -10.01 23.94 31.09
CA ARG B 428 -10.34 24.72 32.28
C ARG B 428 -10.07 26.20 32.16
N PHE B 429 -8.76 26.55 31.88
CA PHE B 429 -8.37 27.97 31.71
C PHE B 429 -7.69 28.26 30.38
N VAL B 430 -6.88 27.34 29.78
CA VAL B 430 -5.92 27.88 28.86
C VAL B 430 -6.44 27.98 27.40
N LYS B 431 -7.49 27.26 27.01
CA LYS B 431 -8.03 27.60 25.67
C LYS B 431 -8.55 29.06 25.65
N ARG B 432 -9.33 29.44 26.72
CA ARG B 432 -9.86 30.79 26.78
C ARG B 432 -8.73 31.80 26.66
N ILE B 433 -7.54 31.51 27.28
CA ILE B 433 -6.39 32.36 27.09
C ILE B 433 -5.89 32.31 25.67
N PHE B 434 -5.78 31.13 25.11
CA PHE B 434 -5.09 31.08 23.81
C PHE B 434 -5.88 31.94 22.81
N TYR B 435 -7.20 32.07 22.89
CA TYR B 435 -7.90 32.80 21.82
C TYR B 435 -7.86 34.32 22.15
N PHE B 436 -7.78 34.63 23.42
CA PHE B 436 -7.50 36.05 23.74
C PHE B 436 -6.16 36.41 23.09
N ASN B 437 -5.16 35.48 23.16
CA ASN B 437 -3.88 35.63 22.53
C ASN B 437 -4.01 35.65 20.98
N PHE B 438 -4.87 34.91 20.38
CA PHE B 438 -5.05 34.86 18.94
C PHE B 438 -5.59 36.22 18.47
N PHE B 439 -6.79 36.56 19.00
CA PHE B 439 -7.45 37.85 18.76
C PHE B 439 -6.47 38.94 18.97
N VAL B 440 -5.70 38.99 20.05
CA VAL B 440 -4.88 40.18 20.28
C VAL B 440 -3.84 40.39 19.15
N TYR B 441 -3.35 39.29 18.65
CA TYR B 441 -2.38 39.31 17.53
C TYR B 441 -3.03 39.79 16.27
N CYS B 442 -4.20 39.26 15.96
CA CYS B 442 -4.87 39.79 14.74
C CYS B 442 -5.00 41.31 14.79
N LEU B 443 -5.44 41.89 15.94
CA LEU B 443 -5.69 43.31 15.86
C LEU B 443 -4.42 44.08 15.68
N TYR B 444 -3.35 43.68 16.40
CA TYR B 444 -1.99 44.03 16.04
C TYR B 444 -1.66 43.92 14.55
N MET B 445 -2.03 42.75 13.94
CA MET B 445 -1.93 42.68 12.47
C MET B 445 -2.82 43.70 11.78
N ILE B 446 -4.04 44.04 12.14
CA ILE B 446 -4.79 45.01 11.36
C ILE B 446 -4.14 46.41 11.58
N ILE B 447 -3.93 46.81 12.86
CA ILE B 447 -3.31 48.09 13.10
C ILE B 447 -1.94 48.21 12.39
N PHE B 448 -1.27 47.04 12.22
CA PHE B 448 0.00 47.13 11.50
C PHE B 448 -0.15 47.29 10.04
N THR B 449 -0.99 46.50 9.31
CA THR B 449 -1.14 46.72 7.89
C THR B 449 -1.76 48.12 7.70
N ALA B 450 -2.69 48.56 8.60
CA ALA B 450 -3.34 49.80 8.43
C ALA B 450 -2.35 50.93 8.39
N ALA B 451 -1.36 51.04 9.32
CA ALA B 451 -0.31 52.08 9.27
C ALA B 451 0.53 51.93 8.01
N ALA B 452 0.99 50.75 7.73
CA ALA B 452 1.82 50.54 6.59
C ALA B 452 1.12 51.07 5.38
N TYR B 453 -0.21 50.84 5.23
CA TYR B 453 -0.97 51.11 4.01
C TYR B 453 -1.20 52.60 3.76
N TYR B 454 -1.52 53.34 4.80
CA TYR B 454 -1.74 54.80 4.68
C TYR B 454 -0.51 55.64 5.08
N ARG B 455 0.71 55.08 4.86
CA ARG B 455 1.96 55.80 5.02
C ARG B 455 2.17 56.82 3.93
N PRO B 456 2.99 57.91 4.16
CA PRO B 456 3.10 58.94 3.15
C PRO B 456 4.10 58.69 2.06
N VAL B 457 4.28 59.71 1.19
CA VAL B 457 5.32 59.69 0.11
C VAL B 457 6.41 60.75 0.34
N GLU B 458 6.26 61.71 1.27
CA GLU B 458 7.33 62.73 1.32
C GLU B 458 8.62 62.10 1.67
N GLY B 459 9.74 62.39 1.04
CA GLY B 459 10.94 61.62 1.20
C GLY B 459 11.58 61.95 2.52
N LEU B 460 12.58 61.16 3.02
CA LEU B 460 13.10 61.39 4.38
C LEU B 460 11.90 61.56 5.32
N PRO B 461 11.03 60.58 5.54
CA PRO B 461 9.83 60.90 6.31
C PRO B 461 10.02 60.83 7.79
N PRO B 462 9.31 61.54 8.69
CA PRO B 462 7.96 61.98 8.29
C PRO B 462 7.98 63.31 7.59
N TYR B 463 8.82 64.29 7.91
CA TYR B 463 9.48 64.47 9.21
C TYR B 463 8.63 65.39 10.06
N LYS B 464 8.10 64.98 11.23
CA LYS B 464 6.94 65.69 11.81
C LYS B 464 5.61 65.37 11.15
N LEU B 465 4.49 65.64 11.92
CA LEU B 465 3.17 65.00 11.80
C LEU B 465 2.11 65.92 12.42
N LYS B 466 0.94 65.39 12.62
CA LYS B 466 -0.11 66.06 13.43
C LYS B 466 -0.81 67.28 12.73
N ASN B 467 -0.82 67.24 11.40
CA ASN B 467 -1.88 67.99 10.74
C ASN B 467 -3.23 67.22 10.98
N THR B 468 -4.06 67.71 11.88
CA THR B 468 -5.39 67.22 12.26
C THR B 468 -5.45 65.74 12.65
N VAL B 469 -6.41 64.92 12.07
CA VAL B 469 -6.81 63.73 12.83
C VAL B 469 -6.23 62.46 12.24
N GLY B 470 -6.25 62.16 10.98
CA GLY B 470 -5.79 60.88 10.55
C GLY B 470 -4.33 60.78 10.86
N ASP B 471 -3.62 61.94 10.89
CA ASP B 471 -2.22 61.94 11.34
C ASP B 471 -2.10 61.39 12.70
N TYR B 472 -2.92 61.84 13.64
CA TYR B 472 -2.86 61.34 15.00
C TYR B 472 -3.26 59.85 15.05
N PHE B 473 -4.29 59.39 14.38
CA PHE B 473 -4.63 58.01 14.51
C PHE B 473 -3.51 57.06 14.03
N ARG B 474 -2.71 57.56 13.04
CA ARG B 474 -1.60 56.86 12.47
C ARG B 474 -0.36 56.81 13.34
N VAL B 475 0.08 57.96 13.79
CA VAL B 475 1.28 57.97 14.58
C VAL B 475 1.11 57.15 15.84
N THR B 476 -0.11 56.85 16.25
CA THR B 476 -0.33 55.69 17.08
C THR B 476 -0.09 54.40 16.35
N GLY B 477 -0.72 54.05 15.25
CA GLY B 477 -0.47 52.73 14.69
C GLY B 477 0.99 52.43 14.35
N GLU B 478 1.78 53.38 13.82
CA GLU B 478 3.17 53.08 13.63
C GLU B 478 3.82 52.98 15.03
N ILE B 479 3.19 53.61 16.07
CA ILE B 479 3.64 53.22 17.43
C ILE B 479 3.17 51.83 17.89
N LEU B 480 1.94 51.37 17.57
CA LEU B 480 1.48 50.19 18.29
C LEU B 480 2.22 49.00 17.67
N SER B 481 2.86 49.21 16.53
CA SER B 481 3.50 48.13 15.70
C SER B 481 4.92 47.78 16.16
N VAL B 482 5.82 48.82 16.14
CA VAL B 482 7.17 48.66 16.60
C VAL B 482 7.14 48.22 18.04
N SER B 483 6.19 48.69 18.81
CA SER B 483 5.82 48.13 20.08
C SER B 483 5.51 46.64 20.04
N GLY B 484 4.67 46.10 19.14
CA GLY B 484 4.52 44.68 19.09
C GLY B 484 5.69 43.98 18.43
N GLY B 485 6.47 44.62 17.60
CA GLY B 485 7.78 44.12 17.18
C GLY B 485 8.82 43.97 18.29
N VAL B 486 9.07 45.01 19.14
CA VAL B 486 10.04 44.84 20.25
C VAL B 486 9.52 43.81 21.17
N TYR B 487 8.21 43.74 21.29
CA TYR B 487 7.59 42.71 22.15
C TYR B 487 8.10 41.32 21.72
N PHE B 488 8.01 41.05 20.37
CA PHE B 488 8.44 39.76 19.92
C PHE B 488 9.92 39.59 20.03
N PHE B 489 10.70 40.66 19.68
CA PHE B 489 12.16 40.48 19.69
C PHE B 489 12.61 40.11 21.09
N PHE B 490 12.22 40.88 22.09
CA PHE B 490 12.51 40.48 23.45
C PHE B 490 12.00 39.11 23.79
N ARG B 491 10.76 38.75 23.42
CA ARG B 491 10.25 37.38 23.74
C ARG B 491 11.12 36.29 23.17
N GLY B 492 11.45 36.42 21.89
CA GLY B 492 12.22 35.43 21.19
C GLY B 492 13.60 35.30 21.76
N ILE B 493 14.24 36.42 22.23
CA ILE B 493 15.43 36.23 23.12
C ILE B 493 15.09 35.50 24.39
N GLN B 494 13.93 35.77 25.04
CA GLN B 494 13.58 34.96 26.19
C GLN B 494 13.52 33.49 25.83
N TYR B 495 12.84 33.11 24.69
CA TYR B 495 12.87 31.74 24.21
C TYR B 495 14.30 31.27 23.95
N PHE B 496 15.05 32.03 23.11
CA PHE B 496 16.34 31.46 22.69
C PHE B 496 17.15 31.17 23.87
N LEU B 497 17.03 32.00 24.97
CA LEU B 497 17.72 31.82 26.22
C LEU B 497 17.22 30.58 26.98
N GLN B 498 15.92 30.33 27.09
CA GLN B 498 15.47 29.32 28.03
C GLN B 498 15.88 27.92 27.64
N ARG B 499 15.84 27.68 26.30
CA ARG B 499 16.45 26.56 25.68
C ARG B 499 17.72 27.02 24.97
N ARG B 500 18.40 27.99 25.57
CA ARG B 500 19.75 28.28 25.06
C ARG B 500 20.72 27.20 25.46
N PRO B 501 21.79 26.80 24.68
CA PRO B 501 21.81 26.98 23.19
C PRO B 501 21.02 25.86 22.57
N SER B 502 19.86 26.09 21.97
CA SER B 502 19.26 25.00 21.13
C SER B 502 19.82 25.15 19.72
N VAL B 508 15.92 22.02 12.91
CA VAL B 508 14.97 22.93 13.57
C VAL B 508 14.02 22.24 14.50
N ASP B 509 14.29 22.33 15.84
CA ASP B 509 13.26 21.96 16.84
C ASP B 509 12.04 22.90 16.84
N SER B 510 12.26 24.25 16.80
CA SER B 510 11.22 25.24 16.77
C SER B 510 11.37 26.19 15.62
N TYR B 511 10.80 25.80 14.44
CA TYR B 511 10.51 26.63 13.25
C TYR B 511 9.56 27.75 13.60
N SER B 512 8.63 27.53 14.49
CA SER B 512 7.65 28.59 14.80
C SER B 512 8.22 29.69 15.67
N GLU B 513 8.81 29.31 16.77
CA GLU B 513 9.46 30.28 17.62
C GLU B 513 10.44 31.08 16.84
N ILE B 514 11.17 30.48 15.91
CA ILE B 514 12.14 31.27 15.22
C ILE B 514 11.39 32.28 14.32
N LEU B 515 10.24 32.00 13.70
CA LEU B 515 9.74 32.90 12.69
C LEU B 515 9.32 34.21 13.31
N PHE B 516 8.59 34.15 14.45
CA PHE B 516 8.15 35.43 15.02
C PHE B 516 9.37 36.25 15.38
N PHE B 517 10.49 35.60 15.61
CA PHE B 517 11.66 36.42 15.85
C PHE B 517 12.29 37.05 14.62
N VAL B 518 12.20 36.47 13.40
CA VAL B 518 12.56 37.24 12.23
C VAL B 518 11.45 38.24 11.84
N GLN B 519 10.22 37.99 12.18
CA GLN B 519 9.23 39.00 11.74
C GLN B 519 9.47 40.26 12.51
N SER B 520 9.90 40.16 13.72
CA SER B 520 10.24 41.30 14.55
C SER B 520 11.52 41.99 14.05
N LEU B 521 12.57 41.21 13.76
CA LEU B 521 13.81 41.91 13.47
C LEU B 521 13.61 42.71 12.23
N PHE B 522 12.63 42.39 11.35
CA PHE B 522 12.37 43.31 10.22
C PHE B 522 11.49 44.52 10.59
N MET B 523 10.64 44.44 11.56
CA MET B 523 10.12 45.69 12.15
C MET B 523 11.23 46.60 12.75
N LEU B 524 12.31 45.98 13.29
CA LEU B 524 13.26 46.73 14.09
C LEU B 524 14.32 47.27 13.15
N VAL B 525 14.80 46.52 12.17
CA VAL B 525 15.74 47.14 11.25
C VAL B 525 15.01 48.04 10.28
N SER B 526 13.69 47.84 10.10
CA SER B 526 12.91 48.94 9.60
C SER B 526 12.97 50.16 10.45
N VAL B 527 12.72 50.04 11.79
CA VAL B 527 12.60 51.25 12.60
C VAL B 527 13.89 52.02 12.59
N VAL B 528 15.03 51.34 12.69
CA VAL B 528 16.26 52.01 12.88
C VAL B 528 16.64 52.90 11.65
N LEU B 529 16.27 52.42 10.47
CA LEU B 529 16.27 53.18 9.27
C LEU B 529 15.27 54.34 9.36
N TYR B 530 14.05 54.17 9.93
CA TYR B 530 13.08 55.26 9.74
C TYR B 530 13.65 56.58 10.35
N PHE B 531 14.53 56.40 11.31
CA PHE B 531 15.14 57.53 11.94
C PHE B 531 16.48 57.85 11.34
N SER B 532 16.99 56.97 10.45
CA SER B 532 17.94 57.46 9.51
C SER B 532 17.29 58.44 8.53
N GLN B 533 15.96 58.69 8.58
CA GLN B 533 15.34 59.41 7.53
C GLN B 533 15.77 58.97 6.13
N ARG B 534 15.95 57.67 6.02
CA ARG B 534 16.50 57.01 4.81
C ARG B 534 15.38 56.19 4.13
N LYS B 535 15.41 56.13 2.84
CA LYS B 535 14.24 55.82 2.10
C LYS B 535 13.85 54.30 2.14
N GLU B 536 14.83 53.50 2.53
CA GLU B 536 14.63 52.05 2.33
C GLU B 536 13.72 51.44 3.30
N TYR B 537 13.32 52.23 4.36
CA TYR B 537 12.81 51.51 5.56
C TYR B 537 11.63 50.67 5.20
N VAL B 538 10.82 51.12 4.23
CA VAL B 538 9.61 50.43 3.93
C VAL B 538 9.92 49.02 3.49
N ALA B 539 10.96 48.85 2.66
CA ALA B 539 11.40 47.54 2.13
C ALA B 539 11.41 46.53 3.24
N SER B 540 12.07 46.87 4.33
CA SER B 540 12.05 46.16 5.60
C SER B 540 10.70 45.95 6.24
N MET B 541 9.87 46.97 6.39
CA MET B 541 8.52 46.89 6.91
C MET B 541 7.61 46.00 6.09
N VAL B 542 7.75 46.01 4.77
CA VAL B 542 6.92 45.24 3.87
C VAL B 542 7.19 43.75 4.12
N PHE B 543 8.48 43.29 4.26
CA PHE B 543 8.69 41.90 4.59
C PHE B 543 8.01 41.57 5.88
N SER B 544 8.28 42.26 6.97
CA SER B 544 7.72 42.01 8.30
C SER B 544 6.22 41.68 8.16
N LEU B 545 5.52 42.56 7.53
CA LEU B 545 4.09 42.48 7.33
C LEU B 545 3.69 41.21 6.55
N ALA B 546 4.30 40.99 5.40
CA ALA B 546 4.09 39.70 4.72
C ALA B 546 4.42 38.60 5.70
N MET B 547 5.46 38.70 6.52
CA MET B 547 5.74 37.58 7.39
C MET B 547 4.71 37.46 8.52
N GLY B 548 4.19 38.60 9.05
CA GLY B 548 3.29 38.50 10.19
C GLY B 548 2.03 37.87 9.73
N TRP B 549 1.55 38.21 8.50
CA TRP B 549 0.29 37.58 8.07
C TRP B 549 0.56 36.10 7.92
N THR B 550 1.64 35.67 7.34
CA THR B 550 1.96 34.21 7.16
C THR B 550 2.28 33.64 8.52
N ASN B 551 2.61 34.41 9.61
CA ASN B 551 2.86 33.85 10.90
C ASN B 551 1.56 33.71 11.75
N MET B 552 0.47 34.18 11.18
CA MET B 552 -0.83 33.76 11.58
C MET B 552 -1.03 32.27 11.44
N LEU B 553 -0.14 31.58 10.70
CA LEU B 553 -0.32 30.16 10.46
C LEU B 553 0.29 29.31 11.60
N TYR B 554 0.99 29.81 12.61
CA TYR B 554 1.31 29.20 13.88
C TYR B 554 0.12 28.98 14.82
N TYR B 555 -1.01 29.59 14.46
CA TYR B 555 -2.13 29.66 15.32
C TYR B 555 -3.31 28.84 14.93
N THR B 556 -3.07 27.73 14.35
CA THR B 556 -4.10 26.68 14.17
C THR B 556 -3.68 25.48 14.98
N ARG B 557 -2.37 25.05 14.97
CA ARG B 557 -1.88 23.92 15.70
C ARG B 557 -2.45 23.89 17.14
N GLY B 558 -3.28 22.93 17.66
CA GLY B 558 -4.18 22.09 16.86
C GLY B 558 -5.66 22.38 16.94
N PHE B 559 -6.22 23.03 15.85
CA PHE B 559 -7.60 22.90 15.53
C PHE B 559 -7.90 21.48 15.13
N GLN B 560 -6.80 20.67 14.93
CA GLN B 560 -6.77 19.36 14.35
C GLN B 560 -6.90 19.35 12.86
N GLN B 561 -7.95 19.99 12.32
CA GLN B 561 -7.86 20.18 10.84
C GLN B 561 -6.94 21.27 10.36
N MET B 562 -7.09 22.49 10.78
CA MET B 562 -6.30 23.60 10.11
C MET B 562 -4.82 23.40 10.47
N GLY B 563 -4.49 22.89 11.67
CA GLY B 563 -3.15 22.62 11.98
C GLY B 563 -2.36 21.83 10.91
N ILE B 564 -3.07 20.92 10.16
CA ILE B 564 -2.26 20.02 9.33
C ILE B 564 -1.68 20.77 8.18
N TYR B 565 -2.22 21.96 7.79
CA TYR B 565 -1.57 22.66 6.70
C TYR B 565 -0.33 23.38 7.19
N ALA B 566 -0.41 23.84 8.42
CA ALA B 566 0.75 24.60 8.92
C ALA B 566 1.93 23.72 9.11
N VAL B 567 1.80 22.43 9.56
CA VAL B 567 3.04 21.70 9.60
C VAL B 567 3.56 21.40 8.20
N MET B 568 2.65 21.02 7.26
CA MET B 568 3.15 20.47 5.98
C MET B 568 4.05 21.49 5.32
N ILE B 569 3.64 22.77 5.24
CA ILE B 569 4.43 23.88 4.70
C ILE B 569 5.69 24.11 5.49
N GLU B 570 5.73 23.86 6.81
CA GLU B 570 7.01 23.81 7.56
C GLU B 570 7.90 22.60 7.18
N LYS B 571 7.36 21.42 7.36
CA LYS B 571 8.23 20.22 7.23
C LYS B 571 8.70 20.18 5.76
N MET B 572 7.80 20.38 4.82
CA MET B 572 8.23 20.31 3.40
C MET B 572 9.15 21.51 3.08
N ILE B 573 8.91 22.71 3.49
CA ILE B 573 9.89 23.78 3.20
C ILE B 573 11.30 23.52 3.80
N LEU B 574 11.32 22.85 4.93
CA LEU B 574 12.60 22.64 5.57
C LEU B 574 13.27 21.40 4.90
N ARG B 575 12.64 20.24 4.89
CA ARG B 575 13.37 19.09 4.29
C ARG B 575 13.49 19.35 2.79
N ASP B 576 12.44 19.82 2.11
CA ASP B 576 12.53 19.72 0.68
C ASP B 576 13.49 20.75 0.21
N LEU B 577 13.28 22.01 0.62
CA LEU B 577 14.04 23.07 0.01
C LEU B 577 15.52 22.74 0.18
N CYS B 578 16.02 22.47 1.37
CA CYS B 578 17.49 22.22 1.45
C CYS B 578 17.98 21.00 0.62
N ARG B 579 17.19 19.96 0.50
CA ARG B 579 17.50 18.76 -0.23
C ARG B 579 17.62 19.01 -1.77
N PHE B 580 17.02 20.19 -2.19
CA PHE B 580 16.61 20.39 -3.54
C PHE B 580 17.17 21.69 -4.12
N MET B 581 17.34 22.69 -3.25
CA MET B 581 17.72 23.98 -3.69
C MET B 581 19.22 24.09 -3.89
N PHE B 582 19.99 23.05 -3.56
CA PHE B 582 21.27 22.83 -4.16
C PHE B 582 21.16 22.08 -5.45
N VAL B 583 20.37 20.98 -5.63
CA VAL B 583 20.40 20.31 -6.94
C VAL B 583 19.89 21.21 -8.04
N TYR B 584 19.22 22.28 -7.69
CA TYR B 584 18.65 23.28 -8.63
C TYR B 584 19.57 24.50 -8.86
N LEU B 585 20.21 25.06 -7.86
CA LEU B 585 21.15 26.12 -8.16
C LEU B 585 22.32 25.51 -8.94
N VAL B 586 22.64 24.25 -8.83
CA VAL B 586 23.60 23.64 -9.77
C VAL B 586 23.04 23.75 -11.21
N PHE B 587 21.76 23.52 -11.42
CA PHE B 587 21.34 23.50 -12.84
C PHE B 587 21.05 24.88 -13.41
N LEU B 588 20.32 25.73 -12.64
CA LEU B 588 20.28 27.12 -13.05
C LEU B 588 21.67 27.71 -13.14
N PHE B 589 22.56 27.53 -12.17
CA PHE B 589 23.78 28.38 -12.19
C PHE B 589 24.56 28.04 -13.42
N GLY B 590 24.57 26.75 -13.83
CA GLY B 590 25.39 26.34 -15.01
C GLY B 590 24.77 26.72 -16.32
N PHE B 591 23.45 26.40 -16.54
CA PHE B 591 22.84 26.88 -17.75
C PHE B 591 22.73 28.40 -17.78
N SER B 592 22.58 29.15 -16.64
CA SER B 592 22.81 30.56 -16.67
C SER B 592 24.20 31.02 -17.14
N THR B 593 25.28 30.66 -16.48
CA THR B 593 26.60 31.19 -16.82
C THR B 593 26.86 30.79 -18.26
N ALA B 594 26.38 29.67 -18.75
CA ALA B 594 26.41 29.26 -20.14
C ALA B 594 25.59 30.14 -21.09
N VAL B 595 24.27 30.40 -20.86
CA VAL B 595 23.60 31.25 -21.79
C VAL B 595 24.22 32.68 -21.79
N VAL B 596 24.61 33.25 -20.64
CA VAL B 596 25.35 34.52 -20.82
C VAL B 596 26.59 34.34 -21.67
N THR B 597 27.42 33.29 -21.58
CA THR B 597 28.61 33.20 -22.39
C THR B 597 28.19 33.18 -23.87
N LEU B 598 27.35 32.26 -24.28
CA LEU B 598 26.92 32.16 -25.64
C LEU B 598 26.27 33.46 -26.13
N ILE B 599 25.32 34.03 -25.41
CA ILE B 599 24.57 35.16 -25.92
C ILE B 599 25.22 36.46 -25.50
N GLU B 600 24.93 37.55 -26.19
CA GLU B 600 25.74 38.76 -26.19
C GLU B 600 25.02 39.91 -25.48
N ASP B 601 23.67 39.92 -25.28
CA ASP B 601 22.96 41.07 -24.83
C ASP B 601 21.48 40.83 -24.42
N GLY B 602 20.91 41.79 -23.72
CA GLY B 602 19.45 41.97 -23.60
C GLY B 602 18.83 42.10 -22.22
N LYS B 603 19.59 42.37 -21.15
CA LYS B 603 19.15 42.24 -19.74
C LYS B 603 18.61 40.80 -19.54
N TYR B 627 20.24 39.66 -21.92
CA TYR B 627 20.19 38.47 -21.13
C TYR B 627 21.56 37.94 -20.82
N ASN B 628 22.48 38.89 -20.66
CA ASN B 628 23.84 38.58 -20.21
C ASN B 628 24.14 38.92 -18.77
N SER B 629 23.53 39.99 -18.16
CA SER B 629 23.64 40.17 -16.74
C SER B 629 23.28 38.87 -16.10
N LEU B 630 24.26 38.24 -15.34
CA LEU B 630 24.05 36.89 -14.83
C LEU B 630 22.71 36.87 -14.09
N TYR B 631 22.45 37.87 -13.33
CA TYR B 631 21.31 38.08 -12.49
C TYR B 631 19.98 38.09 -13.25
N SER B 632 19.99 38.72 -14.46
CA SER B 632 18.80 38.84 -15.26
C SER B 632 18.55 37.57 -16.06
N THR B 633 19.59 36.89 -16.49
CA THR B 633 19.38 35.58 -17.15
C THR B 633 19.08 34.48 -16.17
N CYS B 634 19.72 34.38 -14.99
CA CYS B 634 19.40 33.43 -13.95
C CYS B 634 18.00 33.64 -13.42
N LEU B 635 17.60 34.87 -13.30
CA LEU B 635 16.16 35.19 -13.25
C LEU B 635 15.39 34.70 -14.49
N GLU B 636 15.87 34.93 -15.75
CA GLU B 636 15.01 34.57 -16.89
C GLU B 636 14.84 33.03 -16.98
N LEU B 637 15.91 32.27 -16.70
CA LEU B 637 15.87 30.82 -16.90
C LEU B 637 15.08 30.20 -15.75
N PHE B 638 15.07 30.77 -14.56
CA PHE B 638 14.19 30.40 -13.47
C PHE B 638 12.78 30.45 -13.94
N LYS B 639 12.44 31.21 -14.96
CA LYS B 639 11.06 31.40 -15.29
C LYS B 639 10.45 30.12 -15.91
N PHE B 640 11.26 29.47 -16.79
CA PHE B 640 10.72 28.33 -17.46
C PHE B 640 10.32 27.24 -16.50
N THR B 641 11.14 27.01 -15.53
CA THR B 641 10.76 26.14 -14.42
C THR B 641 9.44 26.55 -13.78
N ILE B 642 9.18 27.82 -13.58
CA ILE B 642 7.92 28.13 -13.01
C ILE B 642 6.74 27.77 -13.97
N GLY B 643 7.05 27.72 -15.24
CA GLY B 643 6.01 27.61 -16.23
C GLY B 643 5.63 28.98 -16.73
N MET B 644 6.14 30.06 -16.19
CA MET B 644 6.21 31.30 -16.91
C MET B 644 7.30 31.46 -17.94
N GLY B 645 7.32 30.62 -19.01
CA GLY B 645 8.30 30.77 -20.04
C GLY B 645 7.85 31.53 -21.27
N ASP B 646 8.69 32.42 -21.85
CA ASP B 646 8.38 32.99 -23.13
C ASP B 646 8.85 32.20 -24.33
N LEU B 647 9.59 31.08 -24.05
CA LEU B 647 10.38 30.41 -25.05
C LEU B 647 11.22 31.43 -25.80
N GLU B 648 11.17 31.64 -27.18
CA GLU B 648 12.26 32.22 -27.92
C GLU B 648 12.18 33.76 -27.86
N PHE B 649 13.11 34.36 -27.16
CA PHE B 649 12.98 35.81 -26.84
C PHE B 649 13.95 36.74 -27.54
N THR B 650 15.24 36.33 -27.82
CA THR B 650 16.13 37.11 -28.61
C THR B 650 16.10 36.72 -30.09
N GLU B 651 16.16 37.68 -31.06
CA GLU B 651 16.63 37.50 -32.43
C GLU B 651 18.12 37.30 -32.42
N ASN B 652 18.79 37.93 -31.41
CA ASN B 652 20.19 38.24 -31.39
C ASN B 652 20.99 36.99 -31.11
N TYR B 653 21.47 36.26 -32.13
CA TYR B 653 22.60 35.40 -31.90
C TYR B 653 23.26 35.04 -33.20
N ASP B 654 24.52 35.36 -33.39
CA ASP B 654 25.26 34.67 -34.46
C ASP B 654 25.24 33.18 -34.26
N PHE B 655 25.10 32.41 -35.35
CA PHE B 655 24.88 30.93 -35.35
C PHE B 655 23.56 30.48 -34.93
N LYS B 656 22.59 31.39 -34.56
CA LYS B 656 21.15 31.12 -34.62
C LYS B 656 20.61 30.16 -33.55
N ALA B 657 21.21 28.97 -33.37
CA ALA B 657 20.48 27.83 -32.79
C ALA B 657 21.17 27.16 -31.63
N VAL B 658 22.47 27.25 -31.45
CA VAL B 658 22.98 26.53 -30.25
C VAL B 658 22.36 27.17 -28.96
N PHE B 659 21.81 28.33 -29.01
CA PHE B 659 20.91 28.74 -28.00
C PHE B 659 19.60 27.95 -27.91
N ILE B 660 18.91 27.64 -29.01
CA ILE B 660 17.59 26.95 -28.83
C ILE B 660 17.72 25.56 -28.34
N ILE B 661 18.73 24.82 -28.84
CA ILE B 661 18.89 23.49 -28.26
C ILE B 661 19.45 23.53 -26.81
N LEU B 662 20.37 24.41 -26.47
CA LEU B 662 20.84 24.58 -25.10
C LEU B 662 19.67 24.83 -24.13
N LEU B 663 18.70 25.58 -24.62
CA LEU B 663 17.66 26.19 -23.77
C LEU B 663 16.50 25.20 -23.66
N LEU B 664 16.17 24.53 -24.73
CA LEU B 664 15.23 23.40 -24.69
C LEU B 664 15.85 22.31 -23.86
N ALA B 665 17.17 22.03 -24.02
CA ALA B 665 17.80 21.08 -23.13
C ALA B 665 17.47 21.51 -21.67
N TYR B 666 17.77 22.74 -21.34
CA TYR B 666 17.37 23.17 -20.04
C TYR B 666 15.85 22.96 -19.77
N VAL B 667 14.93 23.27 -20.70
CA VAL B 667 13.53 23.24 -20.40
C VAL B 667 12.99 21.84 -20.28
N ILE B 668 13.23 20.93 -21.18
CA ILE B 668 12.83 19.58 -20.92
C ILE B 668 13.50 18.98 -19.70
N LEU B 669 14.68 19.51 -19.34
CA LEU B 669 15.50 18.86 -18.35
C LEU B 669 15.15 19.44 -16.98
N THR B 670 14.45 20.62 -16.92
CA THR B 670 14.30 21.34 -15.65
C THR B 670 12.81 21.44 -15.35
N TYR B 671 11.96 21.83 -16.26
CA TYR B 671 10.58 21.90 -15.92
C TYR B 671 9.89 20.59 -16.07
N ILE B 672 10.16 19.87 -17.14
CA ILE B 672 9.50 18.62 -17.39
C ILE B 672 10.21 17.49 -16.66
N LEU B 673 11.43 17.69 -16.10
CA LEU B 673 12.08 16.64 -15.35
C LEU B 673 12.27 17.02 -13.93
N LEU B 674 12.95 18.15 -13.54
CA LEU B 674 13.30 18.30 -12.11
C LEU B 674 12.03 18.48 -11.32
N LEU B 675 11.11 19.39 -11.60
CA LEU B 675 10.11 19.70 -10.59
C LEU B 675 9.26 18.47 -10.38
N ASN B 676 8.92 17.68 -11.43
CA ASN B 676 8.03 16.59 -11.21
C ASN B 676 8.65 15.69 -10.11
N MET B 677 9.99 15.50 -10.14
CA MET B 677 10.65 15.02 -8.91
C MET B 677 10.39 15.85 -7.62
N LEU B 678 10.50 17.17 -7.58
CA LEU B 678 10.24 17.96 -6.39
C LEU B 678 8.78 17.83 -5.88
N ILE B 679 7.76 18.15 -6.74
CA ILE B 679 6.37 17.76 -6.38
C ILE B 679 6.33 16.29 -5.94
N ALA B 680 7.03 15.37 -6.65
CA ALA B 680 6.76 13.99 -6.29
C ALA B 680 7.34 13.69 -4.92
N LEU B 681 8.45 14.35 -4.53
CA LEU B 681 8.83 14.24 -3.12
C LEU B 681 7.85 14.92 -2.19
N MET B 682 7.42 16.17 -2.51
CA MET B 682 6.39 16.81 -1.64
C MET B 682 5.13 15.98 -1.47
N GLY B 683 4.44 15.60 -2.54
CA GLY B 683 3.26 14.74 -2.36
C GLY B 683 3.68 13.44 -1.74
N GLU B 684 4.96 13.07 -1.84
CA GLU B 684 5.47 11.98 -1.03
C GLU B 684 5.36 12.20 0.47
N THR B 685 5.37 13.47 0.96
CA THR B 685 4.92 13.76 2.27
C THR B 685 3.39 13.98 2.33
N VAL B 686 2.72 14.59 1.38
CA VAL B 686 1.31 14.84 1.62
C VAL B 686 0.58 13.59 1.88
N ASN B 687 1.14 12.41 1.43
CA ASN B 687 0.85 11.08 1.96
C ASN B 687 0.98 10.89 3.46
N LYS B 688 2.16 11.12 4.01
CA LYS B 688 2.45 10.44 5.31
C LYS B 688 2.42 11.44 6.44
N ILE B 689 2.58 12.70 6.14
CA ILE B 689 2.56 13.74 7.11
C ILE B 689 1.17 14.31 7.25
N ALA B 690 0.24 13.77 6.48
CA ALA B 690 -1.21 13.79 6.81
C ALA B 690 -1.59 13.03 8.10
N GLN B 691 -1.18 11.78 8.28
CA GLN B 691 -2.01 10.99 9.23
C GLN B 691 -1.38 10.68 10.59
N GLU B 692 -0.20 10.04 10.60
CA GLU B 692 0.37 9.73 11.95
C GLU B 692 1.04 10.98 12.50
N SER B 693 1.11 12.02 11.71
CA SER B 693 1.27 13.28 12.36
C SER B 693 0.11 13.63 13.26
N LYS B 694 -1.10 12.95 13.15
CA LYS B 694 -2.31 13.64 13.70
C LYS B 694 -2.16 13.98 15.16
N ASN B 695 -1.32 13.18 15.88
CA ASN B 695 -1.10 13.41 17.29
C ASN B 695 0.07 14.38 17.62
N ILE B 696 0.91 14.65 16.64
CA ILE B 696 1.72 15.87 16.78
C ILE B 696 0.91 17.22 16.90
N TRP B 697 -0.40 17.26 16.57
CA TRP B 697 -1.27 18.36 17.11
C TRP B 697 -1.73 18.19 18.50
N LYS B 698 -1.95 16.94 18.96
CA LYS B 698 -2.05 16.81 20.37
C LYS B 698 -0.82 17.45 21.06
N LEU B 699 0.38 17.36 20.53
CA LEU B 699 1.55 17.90 21.18
C LEU B 699 1.74 19.39 20.99
N GLN B 700 1.37 19.98 19.87
CA GLN B 700 1.68 21.40 19.78
C GLN B 700 0.79 22.26 20.66
N ARG B 701 -0.51 21.83 20.73
CA ARG B 701 -1.35 22.23 21.83
C ARG B 701 -0.75 21.92 23.18
N ALA B 702 -0.07 20.76 23.37
CA ALA B 702 0.55 20.57 24.62
C ALA B 702 1.78 21.56 24.80
N ILE B 703 2.57 21.89 23.77
CA ILE B 703 3.58 22.95 24.04
C ILE B 703 2.89 24.32 24.25
N THR B 704 1.87 24.61 23.48
CA THR B 704 1.16 25.86 23.62
C THR B 704 0.54 25.93 24.98
N ILE B 705 -0.01 24.83 25.55
CA ILE B 705 -0.34 24.74 26.98
C ILE B 705 0.87 24.88 27.85
N LEU B 706 1.90 24.00 27.70
CA LEU B 706 2.87 23.81 28.76
C LEU B 706 3.54 25.15 29.03
N ASP B 707 3.73 25.99 27.98
CA ASP B 707 4.46 27.22 28.13
C ASP B 707 3.59 28.31 28.69
N THR B 708 2.33 28.45 28.21
CA THR B 708 1.61 29.68 28.44
C THR B 708 1.25 29.75 29.92
N GLU B 709 1.08 28.59 30.60
CA GLU B 709 1.18 28.41 32.06
C GLU B 709 2.57 28.75 32.64
N LYS B 710 3.67 28.29 32.01
CA LYS B 710 4.97 28.69 32.56
C LYS B 710 5.13 30.22 32.49
N SER B 711 4.31 30.87 31.61
CA SER B 711 4.44 32.27 31.17
C SER B 711 3.26 33.10 31.61
N PHE B 712 2.51 32.54 32.61
CA PHE B 712 1.34 33.27 33.16
C PHE B 712 1.48 33.47 34.70
N LEU B 713 2.72 33.47 35.23
CA LEU B 713 3.03 33.64 36.65
C LEU B 713 2.55 32.47 37.54
N LYS B 714 2.69 31.26 37.14
CA LYS B 714 2.75 30.11 38.05
C LYS B 714 1.64 30.12 39.08
N CYS B 715 0.43 30.16 38.61
CA CYS B 715 -0.73 30.56 39.36
C CYS B 715 -1.65 29.41 39.57
N MET B 716 -2.60 29.57 40.43
CA MET B 716 -3.44 28.45 40.94
C MET B 716 -4.04 27.67 39.76
N ARG B 717 -3.77 26.38 39.64
CA ARG B 717 -4.35 25.50 38.65
C ARG B 717 -4.70 24.20 39.34
N LYS B 718 -5.05 23.11 38.69
CA LYS B 718 -5.08 21.85 39.39
C LYS B 718 -3.66 21.30 39.72
N ALA B 719 -3.22 21.48 40.99
CA ALA B 719 -1.89 21.13 41.41
C ALA B 719 -1.85 21.20 42.98
N LEU C 111 23.07 -67.24 -28.09
CA LEU C 111 24.07 -66.28 -28.44
C LEU C 111 23.52 -64.93 -28.07
N TYR C 112 24.24 -63.81 -28.29
CA TYR C 112 23.74 -62.51 -27.97
C TYR C 112 24.17 -61.41 -28.92
N ASP C 113 23.40 -60.30 -28.91
CA ASP C 113 23.87 -59.02 -29.46
C ASP C 113 23.60 -57.92 -28.42
N ARG C 114 23.95 -56.67 -28.65
CA ARG C 114 23.73 -55.54 -27.72
C ARG C 114 22.27 -55.35 -27.39
N ARG C 115 21.41 -55.81 -28.31
CA ARG C 115 20.00 -55.39 -28.38
C ARG C 115 19.21 -56.36 -27.51
N SER C 116 19.58 -57.62 -27.50
CA SER C 116 18.98 -58.69 -26.66
C SER C 116 19.39 -58.57 -25.26
N ILE C 117 20.48 -57.80 -25.01
CA ILE C 117 20.76 -57.25 -23.69
C ILE C 117 20.18 -55.86 -23.45
N PHE C 118 20.03 -54.98 -24.43
CA PHE C 118 19.40 -53.72 -24.07
C PHE C 118 17.94 -53.91 -23.79
N ASP C 119 17.31 -54.86 -24.40
CA ASP C 119 16.02 -55.36 -23.85
C ASP C 119 16.05 -56.15 -22.50
N ALA C 120 17.08 -56.93 -22.31
CA ALA C 120 17.06 -57.74 -21.07
C ALA C 120 17.12 -56.79 -19.89
N VAL C 121 18.04 -55.79 -19.92
CA VAL C 121 18.12 -54.84 -18.85
C VAL C 121 16.90 -53.95 -18.80
N ALA C 122 16.28 -53.67 -19.93
CA ALA C 122 15.11 -52.79 -20.01
C ALA C 122 14.11 -53.24 -18.98
N GLN C 123 13.85 -54.53 -18.93
CA GLN C 123 12.79 -55.05 -18.06
C GLN C 123 13.47 -55.77 -16.85
N SER C 124 14.76 -55.39 -16.57
CA SER C 124 15.42 -55.96 -15.43
C SER C 124 15.33 -57.46 -15.44
N ASN C 125 15.43 -58.06 -16.61
CA ASN C 125 15.56 -59.49 -16.73
C ASN C 125 16.97 -59.92 -16.42
N CYS C 126 17.10 -60.64 -15.28
CA CYS C 126 18.35 -61.26 -14.95
C CYS C 126 18.55 -62.57 -15.64
N GLN C 127 17.50 -63.03 -16.42
CA GLN C 127 17.48 -64.31 -17.09
C GLN C 127 17.86 -64.33 -18.54
N GLU C 128 17.45 -63.33 -19.35
CA GLU C 128 17.98 -63.33 -20.72
C GLU C 128 19.51 -63.06 -20.69
N LEU C 129 20.17 -62.76 -19.57
CA LEU C 129 21.61 -62.56 -19.53
C LEU C 129 22.34 -63.58 -18.70
N GLU C 130 21.60 -64.62 -18.28
CA GLU C 130 22.19 -65.87 -17.87
C GLU C 130 23.30 -66.33 -18.86
N SER C 131 22.97 -66.46 -20.12
CA SER C 131 24.00 -67.08 -20.98
C SER C 131 24.92 -65.98 -21.44
N LEU C 132 24.81 -64.74 -21.02
CA LEU C 132 25.61 -63.72 -21.65
C LEU C 132 27.05 -64.03 -21.38
N LEU C 133 27.44 -64.50 -20.14
CA LEU C 133 28.84 -64.76 -19.97
C LEU C 133 29.38 -65.86 -20.82
N PRO C 134 28.71 -66.98 -20.95
CA PRO C 134 29.33 -68.00 -21.78
C PRO C 134 29.38 -67.51 -23.20
N PHE C 135 28.75 -66.37 -23.62
CA PHE C 135 28.90 -65.91 -24.96
C PHE C 135 30.19 -65.13 -25.20
N LEU C 136 30.66 -64.25 -24.29
CA LEU C 136 31.75 -63.29 -24.60
C LEU C 136 33.02 -63.78 -23.92
N GLN C 137 33.01 -64.93 -23.19
CA GLN C 137 34.20 -65.71 -22.90
C GLN C 137 34.60 -66.68 -24.05
N ARG C 138 33.63 -67.04 -24.94
CA ARG C 138 33.88 -67.81 -26.16
C ARG C 138 34.34 -66.93 -27.32
N SER C 139 33.53 -65.93 -27.74
CA SER C 139 33.74 -65.08 -28.84
C SER C 139 34.49 -63.80 -28.42
N LYS C 140 34.90 -63.77 -27.18
CA LYS C 140 35.78 -62.71 -26.56
C LYS C 140 35.22 -61.27 -26.82
N LYS C 141 33.90 -61.03 -26.73
CA LYS C 141 33.48 -59.62 -26.81
C LYS C 141 33.53 -58.93 -25.46
N ARG C 142 33.10 -57.64 -25.33
CA ARG C 142 33.02 -57.02 -24.03
C ARG C 142 31.82 -56.07 -23.92
N LEU C 143 31.42 -55.66 -22.76
CA LEU C 143 30.11 -55.00 -22.74
C LEU C 143 30.35 -53.53 -22.96
N THR C 144 31.59 -53.11 -22.66
CA THR C 144 32.05 -51.74 -22.93
C THR C 144 32.08 -51.59 -24.41
N ASP C 145 32.03 -52.62 -25.20
CA ASP C 145 32.54 -52.46 -26.58
C ASP C 145 31.64 -51.50 -27.30
N SER C 146 32.03 -51.05 -28.45
CA SER C 146 31.21 -50.19 -29.28
C SER C 146 29.84 -50.69 -29.49
N GLU C 147 29.66 -52.04 -29.38
CA GLU C 147 28.44 -52.73 -29.70
C GLU C 147 27.47 -52.67 -28.51
N PHE C 148 27.90 -53.06 -27.29
CA PHE C 148 27.00 -53.04 -26.14
C PHE C 148 26.79 -51.70 -25.48
N LYS C 149 27.44 -50.63 -25.98
CA LYS C 149 26.94 -49.29 -25.66
C LYS C 149 26.09 -48.84 -26.82
N ASP C 150 24.87 -48.26 -26.54
CA ASP C 150 24.21 -47.53 -27.61
C ASP C 150 25.20 -46.58 -28.23
N PRO C 151 25.62 -46.76 -29.47
CA PRO C 151 26.90 -46.18 -29.83
C PRO C 151 26.90 -44.70 -29.85
N GLU C 152 25.72 -44.10 -30.17
CA GLU C 152 25.61 -42.66 -30.18
C GLU C 152 25.31 -42.01 -28.85
N THR C 153 24.17 -42.34 -28.19
CA THR C 153 23.91 -41.82 -26.90
C THR C 153 25.01 -42.27 -25.99
N GLY C 154 25.33 -43.53 -25.96
CA GLY C 154 26.53 -44.04 -25.23
C GLY C 154 26.05 -44.90 -24.10
N LYS C 155 24.75 -45.28 -24.04
CA LYS C 155 24.41 -46.15 -22.89
C LYS C 155 25.02 -47.50 -23.00
N THR C 156 26.03 -47.79 -22.14
CA THR C 156 26.31 -49.17 -21.86
C THR C 156 25.06 -49.84 -21.30
N CYS C 157 24.99 -51.18 -21.36
CA CYS C 157 23.80 -51.92 -20.89
C CYS C 157 23.56 -51.77 -19.45
N LEU C 158 24.66 -51.28 -18.74
CA LEU C 158 24.52 -50.58 -17.44
C LEU C 158 23.83 -49.25 -17.58
N LEU C 159 24.30 -48.35 -18.43
CA LEU C 159 23.65 -47.04 -18.54
C LEU C 159 22.23 -47.11 -19.12
N LYS C 160 22.00 -48.18 -19.88
CA LYS C 160 20.66 -48.67 -20.06
C LYS C 160 20.08 -49.15 -18.73
N ALA C 161 20.76 -49.99 -17.96
CA ALA C 161 20.22 -50.42 -16.72
C ALA C 161 19.98 -49.25 -15.79
N MET C 162 20.52 -48.10 -16.08
CA MET C 162 20.41 -46.87 -15.28
C MET C 162 19.43 -45.93 -15.94
N LEU C 163 18.97 -46.15 -17.19
CA LEU C 163 17.81 -45.36 -17.64
C LEU C 163 16.53 -46.08 -17.17
N ASN C 164 16.67 -47.31 -16.70
CA ASN C 164 15.50 -48.15 -16.39
C ASN C 164 15.57 -48.70 -14.96
N LEU C 165 15.90 -47.81 -14.03
CA LEU C 165 15.93 -48.27 -12.67
C LEU C 165 14.53 -48.62 -12.28
N HIS C 166 14.24 -49.68 -11.57
CA HIS C 166 12.92 -49.88 -10.93
C HIS C 166 13.07 -49.86 -9.46
N ASN C 167 12.40 -48.99 -8.76
CA ASN C 167 12.72 -48.64 -7.37
C ASN C 167 14.17 -48.41 -7.14
N GLY C 168 14.89 -47.78 -8.02
CA GLY C 168 16.26 -47.50 -7.76
C GLY C 168 17.13 -48.76 -7.64
N GLN C 169 16.58 -49.91 -8.11
CA GLN C 169 17.25 -51.21 -7.83
C GLN C 169 17.17 -52.08 -9.09
N ASN C 170 18.01 -53.14 -9.09
CA ASN C 170 17.97 -54.17 -10.09
C ASN C 170 19.03 -55.23 -9.70
N ASP C 171 18.92 -56.43 -10.25
CA ASP C 171 20.02 -57.39 -10.04
C ASP C 171 20.60 -57.90 -11.30
N THR C 172 20.13 -57.45 -12.46
CA THR C 172 20.87 -57.62 -13.68
C THR C 172 22.03 -56.66 -13.66
N ILE C 173 21.99 -55.56 -12.86
CA ILE C 173 23.25 -54.81 -12.73
C ILE C 173 24.24 -55.69 -12.02
N ALA C 174 23.76 -56.50 -11.03
CA ALA C 174 24.72 -57.12 -10.17
C ALA C 174 25.27 -58.37 -10.87
N LEU C 175 24.38 -59.01 -11.66
CA LEU C 175 24.76 -60.01 -12.68
C LEU C 175 25.54 -59.42 -13.84
N LEU C 176 25.17 -58.30 -14.41
CA LEU C 176 25.77 -57.95 -15.70
C LEU C 176 27.13 -57.32 -15.40
N LEU C 177 27.21 -56.56 -14.36
CA LEU C 177 28.52 -56.39 -13.72
C LEU C 177 29.09 -57.77 -13.51
N ASP C 178 28.40 -58.73 -12.91
CA ASP C 178 29.11 -60.01 -12.64
C ASP C 178 29.64 -60.72 -13.84
N VAL C 179 29.02 -60.57 -14.98
CA VAL C 179 29.57 -61.00 -16.25
C VAL C 179 30.66 -60.01 -16.73
N ALA C 180 30.48 -58.70 -16.59
CA ALA C 180 31.58 -57.84 -17.00
C ALA C 180 32.86 -58.26 -16.35
N ARG C 181 32.76 -58.78 -15.14
CA ARG C 181 33.98 -59.00 -14.31
C ARG C 181 34.58 -60.32 -14.70
N LYS C 182 33.75 -61.24 -15.08
CA LYS C 182 34.12 -62.52 -15.66
C LYS C 182 34.62 -62.44 -17.12
N THR C 183 34.40 -61.33 -17.86
CA THR C 183 35.17 -60.98 -18.99
C THR C 183 36.15 -59.82 -18.72
N ASP C 184 36.18 -59.22 -17.54
CA ASP C 184 36.80 -57.91 -17.25
C ASP C 184 36.56 -56.84 -18.28
N SER C 185 35.32 -56.58 -18.67
CA SER C 185 34.88 -55.33 -19.22
C SER C 185 34.71 -54.21 -18.15
N LEU C 186 34.68 -54.62 -16.93
CA LEU C 186 34.03 -53.90 -15.86
C LEU C 186 34.33 -52.42 -15.91
N LYS C 187 35.58 -51.89 -15.86
CA LYS C 187 35.68 -50.49 -15.63
C LYS C 187 35.25 -49.67 -16.84
N GLN C 188 35.62 -50.05 -18.05
CA GLN C 188 35.18 -49.17 -19.15
C GLN C 188 33.77 -49.46 -19.62
N PHE C 189 33.05 -50.35 -18.88
CA PHE C 189 31.59 -50.50 -18.99
C PHE C 189 30.81 -49.57 -18.11
N VAL C 190 31.29 -49.40 -16.84
CA VAL C 190 30.55 -48.55 -15.87
C VAL C 190 30.81 -47.06 -16.11
N ASN C 191 31.57 -46.73 -17.17
CA ASN C 191 31.83 -45.37 -17.46
C ASN C 191 31.70 -44.98 -18.97
N ALA C 192 30.87 -45.67 -19.73
CA ALA C 192 30.90 -45.40 -21.16
C ALA C 192 30.11 -44.09 -21.40
N SER C 193 30.80 -42.98 -21.34
CA SER C 193 30.09 -41.81 -21.05
C SER C 193 29.23 -41.40 -22.28
N TYR C 194 28.17 -40.60 -22.20
CA TYR C 194 27.35 -40.47 -23.40
C TYR C 194 28.05 -39.70 -24.51
N THR C 195 27.98 -40.10 -25.80
CA THR C 195 28.81 -39.54 -26.87
C THR C 195 27.98 -38.70 -27.78
N ASP C 196 26.66 -38.59 -27.67
CA ASP C 196 25.85 -37.55 -28.31
C ASP C 196 26.22 -36.22 -27.64
N SER C 197 26.08 -35.11 -28.31
CA SER C 197 26.20 -33.83 -27.66
C SER C 197 25.33 -33.69 -26.43
N TYR C 198 24.26 -34.49 -26.36
CA TYR C 198 23.20 -34.02 -25.50
C TYR C 198 23.33 -34.41 -24.01
N TYR C 199 23.36 -35.74 -23.68
CA TYR C 199 23.70 -36.06 -22.33
C TYR C 199 25.19 -36.26 -22.25
N LYS C 200 26.02 -35.64 -23.12
CA LYS C 200 27.40 -36.14 -23.44
C LYS C 200 28.11 -36.36 -22.09
N GLY C 201 29.07 -37.28 -22.06
CA GLY C 201 29.91 -37.30 -20.90
C GLY C 201 29.26 -37.90 -19.65
N GLN C 202 27.98 -38.19 -19.65
CA GLN C 202 27.48 -38.90 -18.45
C GLN C 202 27.96 -40.37 -18.38
N THR C 203 28.65 -40.70 -17.31
CA THR C 203 28.77 -42.10 -16.93
C THR C 203 27.67 -42.51 -16.01
N ALA C 204 27.61 -43.79 -15.58
CA ALA C 204 26.50 -44.38 -14.90
C ALA C 204 26.55 -44.10 -13.45
N LEU C 205 27.77 -43.95 -12.86
CA LEU C 205 27.89 -43.46 -11.51
C LEU C 205 27.33 -42.03 -11.48
N HIS C 206 27.45 -41.24 -12.53
CA HIS C 206 26.66 -40.00 -12.56
C HIS C 206 25.17 -40.40 -12.44
N ILE C 207 24.72 -41.42 -13.16
CA ILE C 207 23.28 -41.61 -13.10
C ILE C 207 22.87 -42.23 -11.74
N ALA C 208 23.70 -43.05 -11.09
CA ALA C 208 23.17 -43.64 -9.83
C ALA C 208 23.05 -42.54 -8.81
N ILE C 209 24.04 -41.68 -8.74
CA ILE C 209 24.00 -40.51 -7.89
C ILE C 209 22.90 -39.55 -8.35
N GLU C 210 22.61 -39.31 -9.64
CA GLU C 210 21.44 -38.46 -9.94
C GLU C 210 20.18 -39.11 -9.43
N ARG C 211 20.10 -40.46 -9.45
CA ARG C 211 18.94 -41.19 -8.92
C ARG C 211 18.80 -41.26 -7.41
N ARG C 212 19.65 -40.58 -6.70
CA ARG C 212 19.61 -40.48 -5.26
C ARG C 212 19.68 -41.81 -4.54
N ASN C 213 20.77 -42.58 -4.69
CA ASN C 213 20.67 -44.01 -4.48
C ASN C 213 21.93 -44.61 -3.85
N MET C 214 21.96 -44.81 -2.55
CA MET C 214 23.17 -45.33 -1.87
C MET C 214 23.60 -46.72 -2.31
N THR C 215 22.65 -47.68 -2.49
CA THR C 215 23.03 -49.06 -2.82
C THR C 215 23.77 -49.04 -4.13
N LEU C 216 23.17 -48.60 -5.27
CA LEU C 216 23.86 -48.85 -6.49
C LEU C 216 25.04 -47.90 -6.67
N VAL C 217 25.21 -46.81 -5.89
CA VAL C 217 26.53 -46.18 -5.91
C VAL C 217 27.58 -47.03 -5.20
N THR C 218 27.40 -47.60 -4.04
CA THR C 218 28.40 -48.34 -3.35
C THR C 218 28.84 -49.49 -4.23
N LEU C 219 28.00 -49.99 -5.10
CA LEU C 219 28.32 -51.03 -6.05
C LEU C 219 29.21 -50.53 -7.18
N LEU C 220 28.84 -49.54 -8.02
CA LEU C 220 29.64 -49.32 -9.25
C LEU C 220 31.02 -48.91 -8.84
N VAL C 221 31.13 -48.32 -7.63
CA VAL C 221 32.47 -47.86 -7.26
C VAL C 221 33.26 -49.00 -6.59
N GLU C 222 32.62 -50.04 -5.99
CA GLU C 222 33.45 -51.12 -5.49
C GLU C 222 33.75 -52.04 -6.64
N ASN C 223 33.09 -51.81 -7.74
CA ASN C 223 33.38 -52.33 -9.00
C ASN C 223 34.29 -51.39 -9.86
N GLY C 224 34.84 -50.37 -9.17
CA GLY C 224 35.86 -49.62 -9.77
C GLY C 224 35.42 -48.62 -10.78
N ALA C 225 34.25 -48.05 -10.61
CA ALA C 225 33.78 -47.04 -11.57
C ALA C 225 34.59 -45.79 -11.38
N ASP C 226 34.93 -45.10 -12.50
CA ASP C 226 35.82 -43.96 -12.48
C ASP C 226 35.10 -42.73 -12.07
N VAL C 227 35.66 -41.99 -11.17
CA VAL C 227 34.89 -41.00 -10.44
C VAL C 227 35.44 -39.59 -10.74
N GLN C 228 36.46 -39.52 -11.57
CA GLN C 228 36.73 -38.29 -12.28
C GLN C 228 36.14 -38.22 -13.70
N ALA C 229 35.32 -39.23 -14.04
CA ALA C 229 34.77 -39.20 -15.37
C ALA C 229 33.94 -37.97 -15.59
N ALA C 230 34.40 -37.05 -16.46
CA ALA C 230 33.68 -35.86 -16.71
C ALA C 230 32.38 -36.04 -17.46
N ALA C 231 31.30 -35.37 -17.01
CA ALA C 231 30.18 -35.08 -17.88
C ALA C 231 30.17 -33.67 -18.51
N ASN C 232 30.52 -33.59 -19.83
CA ASN C 232 30.82 -32.31 -20.51
C ASN C 232 29.98 -32.01 -21.73
N GLY C 233 28.77 -32.58 -21.88
CA GLY C 233 27.86 -31.94 -22.86
C GLY C 233 27.49 -30.52 -22.63
N ASP C 234 26.90 -29.88 -23.68
CA ASP C 234 26.30 -28.54 -23.50
C ASP C 234 25.05 -28.61 -22.61
N PHE C 235 24.61 -29.85 -22.23
CA PHE C 235 23.64 -30.08 -21.11
C PHE C 235 24.18 -29.78 -19.72
N PHE C 236 25.51 -29.79 -19.50
CA PHE C 236 26.05 -29.51 -18.18
C PHE C 236 26.61 -28.07 -18.08
N LYS C 237 26.99 -27.55 -19.20
CA LYS C 237 27.39 -26.11 -19.25
C LYS C 237 26.04 -25.31 -19.37
N LYS C 238 26.16 -24.03 -19.59
CA LYS C 238 24.99 -23.23 -19.26
C LYS C 238 23.91 -23.39 -20.37
N THR C 239 22.64 -23.17 -20.00
CA THR C 239 21.48 -23.60 -20.76
C THR C 239 21.42 -22.83 -22.09
N LYS C 240 21.50 -23.45 -23.23
CA LYS C 240 21.56 -22.86 -24.56
C LYS C 240 20.32 -21.99 -25.00
N GLY C 241 19.02 -22.40 -24.87
CA GLY C 241 18.54 -23.38 -23.88
C GLY C 241 18.69 -24.85 -24.24
N ARG C 242 19.49 -25.61 -23.42
CA ARG C 242 19.29 -27.03 -23.36
C ARG C 242 18.14 -27.53 -22.48
N PRO C 243 17.96 -27.28 -21.14
CA PRO C 243 19.04 -26.92 -20.15
C PRO C 243 19.99 -28.12 -20.12
N GLY C 244 21.08 -28.27 -19.28
CA GLY C 244 21.20 -27.70 -17.93
C GLY C 244 21.27 -28.87 -16.94
N PHE C 245 21.95 -28.82 -15.84
CA PHE C 245 22.33 -27.63 -15.11
C PHE C 245 23.80 -27.69 -14.75
N TYR C 246 24.34 -26.51 -14.40
CA TYR C 246 25.76 -26.45 -14.06
C TYR C 246 26.15 -26.68 -12.56
N PHE C 247 26.05 -27.93 -12.16
CA PHE C 247 26.81 -28.52 -11.00
C PHE C 247 28.05 -29.14 -11.54
N GLY C 248 28.75 -28.41 -12.40
CA GLY C 248 29.58 -28.96 -13.40
C GLY C 248 30.34 -30.18 -13.10
N GLU C 249 30.10 -31.29 -13.89
CA GLU C 249 30.97 -32.40 -14.16
C GLU C 249 31.24 -33.37 -13.06
N LEU C 250 31.97 -33.03 -11.99
CA LEU C 250 32.61 -34.12 -11.33
C LEU C 250 31.72 -34.83 -10.33
N PRO C 251 31.67 -36.17 -10.26
CA PRO C 251 30.49 -36.82 -9.59
C PRO C 251 30.35 -36.44 -8.15
N LEU C 252 31.45 -35.99 -7.56
CA LEU C 252 31.45 -35.46 -6.19
C LEU C 252 30.81 -34.09 -6.22
N SER C 253 31.15 -33.20 -7.19
CA SER C 253 30.36 -32.05 -7.41
C SER C 253 28.94 -32.45 -7.68
N LEU C 254 28.64 -33.61 -8.32
CA LEU C 254 27.24 -33.98 -8.45
C LEU C 254 26.74 -34.45 -7.11
N ALA C 255 27.57 -35.04 -6.28
CA ALA C 255 27.00 -35.64 -5.10
C ALA C 255 26.64 -34.56 -4.17
N ALA C 256 27.58 -33.66 -3.88
CA ALA C 256 27.34 -32.53 -3.03
C ALA C 256 26.32 -31.58 -3.61
N CYS C 257 26.35 -31.29 -4.91
CA CYS C 257 25.33 -30.45 -5.48
C CYS C 257 23.96 -31.09 -5.55
N THR C 258 23.89 -32.39 -5.34
CA THR C 258 22.60 -33.02 -5.14
C THR C 258 22.42 -33.21 -3.67
N ASN C 259 23.18 -32.54 -2.78
CA ASN C 259 22.83 -32.53 -1.33
C ASN C 259 22.72 -33.96 -0.81
N GLN C 260 23.80 -34.74 -1.05
CA GLN C 260 23.79 -36.07 -0.50
C GLN C 260 24.91 -36.31 0.47
N LEU C 261 24.72 -35.99 1.74
CA LEU C 261 25.78 -35.87 2.70
C LEU C 261 26.44 -37.22 2.84
N ALA C 262 25.67 -38.28 2.62
CA ALA C 262 26.24 -39.59 2.77
C ALA C 262 27.08 -40.05 1.61
N ILE C 263 26.62 -39.86 0.39
CA ILE C 263 27.40 -40.28 -0.76
C ILE C 263 28.63 -39.34 -1.01
N VAL C 264 28.49 -38.09 -0.75
CA VAL C 264 29.69 -37.21 -0.78
C VAL C 264 30.71 -37.78 0.26
N LYS C 265 30.18 -38.26 1.37
CA LYS C 265 31.12 -38.72 2.35
C LYS C 265 31.61 -40.14 1.90
N PHE C 266 30.71 -40.96 1.40
CA PHE C 266 31.16 -42.33 1.02
C PHE C 266 32.22 -42.21 -0.06
N LEU C 267 32.01 -41.36 -1.01
CA LEU C 267 32.76 -41.45 -2.27
C LEU C 267 34.16 -40.85 -2.08
N LEU C 268 34.25 -39.85 -1.22
CA LEU C 268 35.51 -39.49 -0.55
C LEU C 268 36.03 -40.56 0.37
N GLN C 269 35.19 -41.18 1.22
CA GLN C 269 35.80 -41.93 2.35
C GLN C 269 36.01 -43.42 1.97
N ASN C 270 35.63 -43.81 0.75
CA ASN C 270 35.55 -45.21 0.42
C ASN C 270 36.96 -45.72 0.02
N SER C 271 37.02 -47.02 -0.22
CA SER C 271 38.31 -47.69 -0.30
C SER C 271 38.79 -47.88 -1.70
N TRP C 272 37.88 -48.02 -2.69
CA TRP C 272 38.27 -48.56 -3.97
C TRP C 272 38.89 -47.43 -4.76
N GLN C 273 38.29 -46.27 -4.71
CA GLN C 273 39.05 -45.04 -4.96
C GLN C 273 38.46 -43.86 -4.27
N PRO C 274 38.91 -43.51 -3.01
CA PRO C 274 38.37 -42.26 -2.40
C PRO C 274 38.61 -41.11 -3.36
N ALA C 275 37.67 -40.24 -3.41
CA ALA C 275 37.56 -39.43 -4.64
C ALA C 275 38.24 -38.05 -4.47
N ASP C 276 39.09 -37.69 -5.44
CA ASP C 276 39.94 -36.58 -5.21
C ASP C 276 39.11 -35.33 -5.09
N ILE C 277 39.50 -34.38 -4.22
CA ILE C 277 38.61 -33.30 -3.86
C ILE C 277 38.86 -32.04 -4.66
N SER C 278 40.04 -32.03 -5.36
CA SER C 278 40.56 -30.82 -6.03
C SER C 278 40.62 -30.93 -7.52
N ALA C 279 39.96 -31.93 -8.11
CA ALA C 279 39.92 -31.86 -9.53
C ALA C 279 39.02 -30.76 -10.03
N ARG C 280 39.65 -29.65 -10.55
CA ARG C 280 38.92 -28.80 -11.39
C ARG C 280 38.13 -29.44 -12.52
N ASP C 281 36.92 -29.04 -12.79
CA ASP C 281 36.17 -29.46 -13.99
C ASP C 281 36.50 -28.61 -15.20
N SER C 282 35.80 -28.70 -16.29
CA SER C 282 36.14 -27.95 -17.53
C SER C 282 36.19 -26.40 -17.31
N VAL C 283 35.32 -25.73 -16.52
CA VAL C 283 35.35 -24.34 -16.25
C VAL C 283 36.21 -24.06 -15.04
N GLY C 284 36.90 -25.05 -14.59
CA GLY C 284 37.96 -24.89 -13.58
C GLY C 284 37.35 -24.96 -12.21
N ASN C 285 36.10 -25.40 -12.15
CA ASN C 285 35.35 -25.27 -10.89
C ASN C 285 35.46 -26.55 -10.09
N THR C 286 36.18 -26.43 -8.92
CA THR C 286 36.06 -27.38 -7.80
C THR C 286 34.68 -27.44 -7.15
N VAL C 287 34.39 -28.48 -6.44
CA VAL C 287 33.08 -28.61 -5.84
C VAL C 287 32.68 -27.35 -5.04
N LEU C 288 33.62 -26.67 -4.41
CA LEU C 288 33.23 -25.42 -3.75
C LEU C 288 32.69 -24.46 -4.81
N HIS C 289 33.36 -24.41 -5.94
CA HIS C 289 32.88 -23.57 -7.06
C HIS C 289 31.51 -24.04 -7.54
N ALA C 290 31.23 -25.29 -7.29
CA ALA C 290 30.01 -25.92 -7.84
C ALA C 290 28.86 -25.67 -6.85
N LEU C 291 29.06 -25.74 -5.51
CA LEU C 291 28.00 -25.39 -4.59
C LEU C 291 27.58 -23.93 -4.76
N VAL C 292 28.49 -23.00 -4.84
CA VAL C 292 28.18 -21.61 -5.01
C VAL C 292 27.45 -21.36 -6.28
N GLU C 293 27.75 -22.03 -7.36
CA GLU C 293 27.00 -21.89 -8.62
C GLU C 293 25.66 -22.53 -8.57
N VAL C 294 25.30 -23.19 -7.51
CA VAL C 294 23.93 -23.70 -7.30
C VAL C 294 23.22 -23.01 -6.10
N ALA C 295 23.89 -22.21 -5.24
CA ALA C 295 23.16 -21.45 -4.27
C ALA C 295 22.19 -20.51 -4.95
N ASP C 296 21.00 -20.17 -4.39
CA ASP C 296 20.12 -19.22 -5.05
C ASP C 296 19.53 -18.22 -4.10
N ASN C 297 20.10 -18.01 -2.93
CA ASN C 297 19.48 -17.17 -1.95
C ASN C 297 18.05 -17.57 -1.55
N THR C 298 17.71 -18.88 -1.37
CA THR C 298 16.52 -19.30 -0.72
C THR C 298 16.88 -19.76 0.71
N VAL C 299 16.01 -19.63 1.70
CA VAL C 299 16.45 -19.79 3.07
C VAL C 299 16.81 -21.22 3.36
N ASP C 300 16.10 -22.14 2.79
CA ASP C 300 16.54 -23.55 2.81
C ASP C 300 17.71 -23.78 1.89
N ASN C 301 17.75 -23.12 0.73
CA ASN C 301 18.83 -23.52 -0.14
C ASN C 301 20.12 -23.02 0.35
N THR C 302 20.20 -21.73 0.75
CA THR C 302 21.24 -21.29 1.69
C THR C 302 21.42 -22.32 2.77
N LYS C 303 20.30 -22.87 3.34
CA LYS C 303 20.51 -23.68 4.52
C LYS C 303 21.31 -24.96 4.20
N PHE C 304 21.07 -25.67 3.03
CA PHE C 304 21.75 -26.90 2.78
C PHE C 304 23.00 -26.77 1.98
N VAL C 305 23.23 -25.65 1.22
CA VAL C 305 24.48 -25.60 0.43
C VAL C 305 25.58 -25.07 1.34
N THR C 306 25.23 -24.23 2.29
CA THR C 306 26.14 -23.58 3.22
C THR C 306 26.61 -24.66 4.14
N SER C 307 25.76 -25.55 4.62
CA SER C 307 26.07 -26.47 5.67
C SER C 307 26.92 -27.62 5.11
N MET C 308 26.63 -28.08 3.86
CA MET C 308 27.53 -28.94 3.16
C MET C 308 28.73 -28.27 2.53
N TYR C 309 28.81 -26.97 2.39
CA TYR C 309 30.10 -26.22 2.28
C TYR C 309 31.00 -26.20 3.49
N ASN C 310 30.41 -25.98 4.71
CA ASN C 310 31.05 -26.25 6.02
C ASN C 310 31.79 -27.57 5.91
N GLU C 311 31.10 -28.58 5.28
CA GLU C 311 31.45 -29.99 5.47
C GLU C 311 32.66 -30.38 4.59
N ILE C 312 32.53 -30.24 3.25
CA ILE C 312 33.62 -30.66 2.35
C ILE C 312 34.92 -30.09 2.83
N LEU C 313 34.85 -28.96 3.51
CA LEU C 313 35.98 -28.28 4.18
C LEU C 313 36.27 -28.99 5.48
N ILE C 314 35.32 -29.34 6.41
CA ILE C 314 35.76 -29.92 7.65
C ILE C 314 36.44 -31.29 7.38
N LEU C 315 36.18 -31.87 6.19
CA LEU C 315 36.89 -33.03 5.68
C LEU C 315 38.27 -32.69 5.12
N GLY C 316 38.48 -31.73 4.18
CA GLY C 316 39.81 -31.73 3.55
C GLY C 316 40.88 -31.39 4.54
N ALA C 317 40.55 -30.63 5.57
CA ALA C 317 41.30 -30.43 6.79
C ALA C 317 41.44 -31.70 7.67
N LYS C 318 40.45 -32.58 7.65
CA LYS C 318 40.74 -33.93 8.17
C LYS C 318 41.68 -34.74 7.32
N LEU C 319 41.69 -34.55 5.97
CA LEU C 319 42.30 -35.55 5.12
C LEU C 319 43.66 -35.12 4.50
N HIS C 320 43.65 -34.01 3.81
CA HIS C 320 44.80 -33.57 3.06
C HIS C 320 45.08 -32.09 3.48
N PRO C 321 45.35 -31.87 4.77
CA PRO C 321 45.11 -30.57 5.39
C PRO C 321 46.00 -29.52 4.70
N THR C 322 47.08 -30.00 4.09
CA THR C 322 48.03 -29.12 3.38
C THR C 322 47.30 -28.47 2.22
N LEU C 323 46.28 -29.03 1.62
CA LEU C 323 45.63 -28.43 0.47
C LEU C 323 44.82 -27.22 0.97
N LYS C 324 45.27 -26.05 0.61
CA LYS C 324 44.48 -24.86 0.87
C LYS C 324 43.33 -24.76 -0.17
N LEU C 325 42.12 -25.19 0.25
CA LEU C 325 41.11 -25.55 -0.71
C LEU C 325 40.26 -24.34 -1.11
N GLU C 326 39.97 -23.41 -0.20
CA GLU C 326 39.26 -22.23 -0.65
C GLU C 326 40.15 -21.25 -1.45
N GLU C 327 41.42 -21.58 -1.65
CA GLU C 327 42.21 -20.82 -2.62
C GLU C 327 42.15 -21.46 -3.99
N ILE C 328 41.50 -22.59 -4.21
CA ILE C 328 41.56 -23.10 -5.61
C ILE C 328 40.87 -22.22 -6.59
N THR C 329 41.60 -21.57 -7.51
CA THR C 329 41.06 -20.65 -8.47
C THR C 329 40.29 -21.37 -9.60
N ASN C 330 39.22 -20.83 -10.17
CA ASN C 330 38.56 -21.49 -11.28
C ASN C 330 39.38 -21.23 -12.53
N ARG C 331 38.91 -21.58 -13.74
CA ARG C 331 39.78 -21.31 -14.83
C ARG C 331 39.97 -19.81 -15.07
N LYS C 332 39.13 -19.06 -14.43
CA LYS C 332 38.84 -17.66 -14.80
C LYS C 332 39.30 -16.73 -13.65
N GLY C 333 40.07 -17.26 -12.67
CA GLY C 333 40.74 -16.42 -11.72
C GLY C 333 40.11 -16.46 -10.32
N LEU C 334 38.96 -17.15 -10.18
CA LEU C 334 38.14 -16.80 -9.02
C LEU C 334 38.18 -17.87 -7.96
N THR C 335 38.53 -17.45 -6.69
CA THR C 335 38.44 -18.24 -5.50
C THR C 335 36.98 -18.47 -5.19
N PRO C 336 36.54 -19.55 -4.51
CA PRO C 336 35.14 -19.99 -4.66
C PRO C 336 34.17 -18.92 -4.16
N LEU C 337 34.69 -18.03 -3.23
CA LEU C 337 34.03 -16.86 -2.69
C LEU C 337 33.78 -15.81 -3.71
N ALA C 338 34.84 -15.29 -4.35
CA ALA C 338 34.64 -14.09 -5.19
C ALA C 338 33.71 -14.45 -6.33
N LEU C 339 33.58 -15.75 -6.59
CA LEU C 339 32.53 -16.27 -7.44
C LEU C 339 31.14 -16.13 -6.84
N ALA C 340 30.85 -16.44 -5.60
CA ALA C 340 29.56 -16.09 -4.98
C ALA C 340 29.32 -14.58 -5.13
N ALA C 341 30.27 -13.81 -4.72
CA ALA C 341 30.16 -12.40 -4.61
C ALA C 341 29.97 -11.74 -5.98
N SER C 342 30.69 -12.27 -6.99
CA SER C 342 30.49 -11.82 -8.36
C SER C 342 29.14 -12.17 -8.82
N SER C 343 28.47 -13.07 -8.13
CA SER C 343 27.11 -13.59 -8.54
C SER C 343 26.05 -13.21 -7.50
N GLY C 344 26.30 -12.32 -6.49
CA GLY C 344 25.26 -11.85 -5.68
C GLY C 344 24.62 -12.95 -4.84
N LYS C 345 25.38 -14.03 -4.57
CA LYS C 345 24.82 -15.18 -3.85
C LYS C 345 24.85 -14.85 -2.39
N ILE C 346 23.93 -13.98 -1.97
CA ILE C 346 24.10 -13.16 -0.80
C ILE C 346 24.15 -13.96 0.48
N GLY C 347 23.53 -15.16 0.52
CA GLY C 347 23.65 -16.02 1.71
C GLY C 347 24.99 -16.79 1.77
N VAL C 348 25.53 -17.39 0.72
CA VAL C 348 26.81 -18.10 0.90
C VAL C 348 27.97 -17.09 1.04
N LEU C 349 27.87 -15.91 0.52
CA LEU C 349 28.76 -14.79 0.89
C LEU C 349 28.68 -14.39 2.35
N ALA C 350 27.48 -14.15 2.91
CA ALA C 350 27.42 -13.73 4.32
C ALA C 350 28.03 -14.75 5.22
N TYR C 351 28.12 -15.97 4.74
CA TYR C 351 28.57 -17.16 5.43
C TYR C 351 30.06 -17.41 5.41
N ILE C 352 30.66 -17.50 4.20
CA ILE C 352 32.08 -17.88 4.10
C ILE C 352 32.94 -16.88 4.88
N LEU C 353 32.56 -15.64 4.81
CA LEU C 353 33.12 -14.54 5.62
C LEU C 353 32.67 -14.76 7.09
N GLN C 354 31.41 -15.01 7.38
CA GLN C 354 31.02 -14.84 8.77
C GLN C 354 31.54 -15.93 9.68
N ARG C 355 31.85 -17.07 9.04
CA ARG C 355 31.90 -18.36 9.74
C ARG C 355 33.13 -18.62 10.56
N GLU C 356 32.97 -19.48 11.55
CA GLU C 356 34.09 -19.98 12.33
C GLU C 356 33.72 -21.37 12.97
N ILE C 357 34.44 -22.41 12.62
CA ILE C 357 34.34 -23.62 13.47
C ILE C 357 35.16 -23.53 14.76
N HIS C 358 34.50 -23.82 15.90
CA HIS C 358 35.18 -24.30 17.12
C HIS C 358 35.45 -25.82 16.94
N GLU C 359 35.87 -26.57 17.97
CA GLU C 359 36.33 -27.95 17.93
C GLU C 359 37.74 -28.18 17.33
N PRO C 360 38.47 -29.21 17.57
CA PRO C 360 39.86 -29.29 17.07
C PRO C 360 40.00 -29.28 15.58
N GLU C 361 41.19 -28.87 15.03
CA GLU C 361 41.53 -28.88 13.58
C GLU C 361 40.56 -28.01 12.85
N CYS C 362 39.99 -26.97 13.49
CA CYS C 362 38.90 -26.18 12.99
C CYS C 362 39.42 -24.87 12.48
N ARG C 363 40.60 -24.47 13.04
CA ARG C 363 40.88 -23.03 13.04
C ARG C 363 41.65 -22.66 11.77
N HIS C 364 42.40 -23.62 11.26
CA HIS C 364 42.77 -23.54 9.88
C HIS C 364 41.53 -23.42 9.05
N LEU C 365 40.46 -24.20 9.39
CA LEU C 365 39.23 -24.03 8.65
C LEU C 365 38.56 -22.64 8.85
N SER C 366 38.55 -22.15 10.09
CA SER C 366 37.65 -20.99 10.44
C SER C 366 38.10 -19.73 9.79
N ARG C 367 37.11 -18.87 9.46
CA ARG C 367 37.33 -17.60 8.81
C ARG C 367 37.55 -16.48 9.80
N LYS C 368 36.54 -16.24 10.69
CA LYS C 368 36.55 -15.11 11.53
C LYS C 368 36.21 -15.53 12.99
N PHE C 369 37.07 -15.07 13.95
CA PHE C 369 37.04 -15.59 15.30
C PHE C 369 36.43 -14.56 16.27
N THR C 370 35.54 -14.96 17.24
CA THR C 370 35.11 -14.02 18.24
C THR C 370 36.08 -13.87 19.38
N GLU C 371 36.77 -12.76 19.50
CA GLU C 371 37.88 -12.54 20.48
C GLU C 371 37.28 -12.52 21.83
N TRP C 372 36.30 -11.64 22.19
CA TRP C 372 35.63 -11.67 23.46
C TRP C 372 34.15 -11.38 23.36
N ALA C 373 33.36 -11.97 24.25
CA ALA C 373 32.01 -11.54 24.43
C ALA C 373 31.86 -10.98 25.85
N TYR C 374 31.33 -9.75 26.01
CA TYR C 374 30.83 -9.31 27.26
C TYR C 374 29.33 -9.54 27.31
N GLY C 375 28.63 -9.24 28.35
CA GLY C 375 27.36 -9.95 28.54
C GLY C 375 26.34 -9.73 27.43
N PRO C 376 26.20 -8.57 26.88
CA PRO C 376 25.29 -8.25 25.82
C PRO C 376 25.87 -8.37 24.44
N VAL C 377 27.19 -8.60 24.37
CA VAL C 377 27.86 -8.17 23.13
C VAL C 377 28.65 -9.33 22.48
N HIS C 378 29.39 -8.99 21.44
CA HIS C 378 30.50 -9.78 20.92
C HIS C 378 31.44 -8.85 20.15
N SER C 379 32.75 -8.96 20.31
CA SER C 379 33.62 -8.49 19.32
C SER C 379 33.94 -9.56 18.34
N SER C 380 34.71 -9.23 17.32
CA SER C 380 35.28 -10.29 16.44
C SER C 380 36.56 -9.87 15.76
N LEU C 381 37.35 -10.79 15.26
CA LEU C 381 38.45 -10.54 14.30
C LEU C 381 38.22 -11.24 12.99
N TYR C 382 37.80 -10.56 11.90
CA TYR C 382 37.63 -11.03 10.53
C TYR C 382 39.00 -11.02 9.85
N ASP C 383 39.22 -11.72 8.69
CA ASP C 383 40.63 -12.10 8.47
C ASP C 383 41.55 -10.96 7.95
N LEU C 384 41.28 -10.20 6.88
CA LEU C 384 40.42 -10.56 5.78
C LEU C 384 41.22 -10.64 4.52
N SER C 385 40.88 -11.60 3.58
CA SER C 385 41.47 -11.74 2.28
C SER C 385 41.10 -10.62 1.28
N CYS C 386 40.07 -9.78 1.54
CA CYS C 386 39.40 -9.13 0.50
C CYS C 386 39.76 -7.69 0.27
N ILE C 387 39.78 -6.81 1.30
CA ILE C 387 40.47 -5.52 1.07
C ILE C 387 41.89 -5.63 0.58
N ASP C 388 42.50 -6.84 0.82
CA ASP C 388 43.93 -6.95 0.79
C ASP C 388 44.35 -8.10 -0.17
N THR C 389 43.39 -8.78 -0.83
CA THR C 389 43.72 -9.45 -2.11
C THR C 389 43.53 -8.46 -3.21
N CYS C 390 44.13 -7.24 -3.15
CA CYS C 390 44.15 -6.33 -4.24
C CYS C 390 44.90 -6.87 -5.40
N GLU C 391 45.70 -7.94 -5.17
CA GLU C 391 46.29 -8.80 -6.19
C GLU C 391 45.32 -9.20 -7.27
N LYS C 392 44.18 -9.90 -7.00
CA LYS C 392 43.60 -10.68 -8.11
C LYS C 392 42.10 -10.21 -8.27
N ASN C 393 41.17 -10.75 -7.55
CA ASN C 393 39.79 -10.37 -7.66
C ASN C 393 39.17 -10.17 -6.26
N SER C 394 39.34 -8.95 -5.70
CA SER C 394 38.82 -8.68 -4.36
C SER C 394 37.32 -8.82 -4.32
N VAL C 395 36.75 -9.54 -3.31
CA VAL C 395 35.29 -9.65 -3.29
C VAL C 395 34.68 -8.23 -3.39
N LEU C 396 35.30 -7.29 -2.74
CA LEU C 396 34.92 -5.90 -2.84
C LEU C 396 35.16 -5.46 -4.25
N GLU C 397 36.30 -5.58 -4.87
CA GLU C 397 36.36 -5.26 -6.32
C GLU C 397 35.34 -6.00 -7.18
N VAL C 398 34.75 -7.12 -6.73
CA VAL C 398 33.75 -7.84 -7.44
C VAL C 398 32.30 -7.45 -7.05
N ILE C 399 32.08 -6.95 -5.80
CA ILE C 399 30.78 -6.31 -5.40
C ILE C 399 30.95 -4.81 -5.45
N ALA C 400 31.99 -4.32 -6.16
CA ALA C 400 32.17 -2.90 -6.50
C ALA C 400 32.08 -2.64 -8.01
N TYR C 401 32.36 -3.65 -8.87
CA TYR C 401 31.94 -3.81 -10.26
C TYR C 401 31.27 -5.16 -10.40
N SER C 402 30.00 -5.46 -9.99
CA SER C 402 28.90 -4.53 -9.83
C SER C 402 28.53 -3.98 -11.18
N SER C 403 28.47 -4.86 -12.16
CA SER C 403 27.63 -4.54 -13.28
C SER C 403 26.20 -4.57 -12.77
N SER C 404 26.00 -5.21 -11.60
CA SER C 404 24.91 -4.97 -10.69
C SER C 404 23.66 -5.44 -11.31
N GLU C 405 23.80 -6.27 -12.31
CA GLU C 405 22.71 -6.70 -13.18
C GLU C 405 22.14 -7.97 -12.59
N THR C 406 22.64 -8.44 -11.47
CA THR C 406 21.93 -9.27 -10.57
C THR C 406 21.36 -8.39 -9.44
N PRO C 407 20.04 -8.27 -9.17
CA PRO C 407 19.44 -7.48 -8.11
C PRO C 407 19.90 -7.97 -6.75
N ASN C 408 20.37 -9.19 -6.74
CA ASN C 408 20.80 -9.81 -5.46
C ASN C 408 22.02 -9.12 -4.83
N ARG C 409 22.74 -8.26 -5.63
CA ARG C 409 24.08 -7.81 -5.20
C ARG C 409 24.11 -6.62 -4.30
N HIS C 410 23.39 -5.49 -4.62
CA HIS C 410 23.75 -4.27 -3.89
C HIS C 410 23.51 -4.41 -2.37
N ASP C 411 22.53 -5.22 -2.06
CA ASP C 411 22.22 -5.51 -0.65
C ASP C 411 23.34 -6.17 0.09
N MET C 412 24.25 -6.85 -0.71
CA MET C 412 25.30 -7.68 -0.20
C MET C 412 26.61 -6.88 -0.15
N LEU C 413 26.57 -5.53 -0.09
CA LEU C 413 27.64 -4.68 0.37
C LEU C 413 27.44 -4.32 1.85
N LEU C 414 26.82 -5.24 2.57
CA LEU C 414 26.12 -4.97 3.81
C LEU C 414 26.98 -5.36 5.04
N VAL C 415 26.48 -6.03 6.09
CA VAL C 415 27.08 -5.96 7.39
C VAL C 415 28.26 -6.94 7.61
N GLU C 416 28.41 -8.06 6.95
CA GLU C 416 29.17 -9.11 7.58
C GLU C 416 30.67 -8.80 7.91
N PRO C 417 31.58 -8.70 6.97
CA PRO C 417 32.92 -8.14 7.21
C PRO C 417 33.11 -6.72 6.68
N LEU C 418 32.06 -6.19 5.99
CA LEU C 418 32.40 -5.14 5.04
C LEU C 418 31.64 -3.84 5.25
N ASN C 419 30.43 -3.90 5.77
CA ASN C 419 29.79 -2.63 6.00
C ASN C 419 30.62 -1.89 6.99
N ARG C 420 31.05 -2.59 8.07
CA ARG C 420 31.88 -1.96 9.07
C ARG C 420 33.19 -1.52 8.41
N LEU C 421 33.61 -2.11 7.28
CA LEU C 421 35.03 -2.02 6.88
C LEU C 421 35.15 -0.91 5.85
N LEU C 422 34.19 -0.73 4.92
CA LEU C 422 34.25 0.42 3.99
C LEU C 422 33.80 1.66 4.70
N GLN C 423 32.92 1.50 5.72
CA GLN C 423 32.73 2.62 6.66
C GLN C 423 34.04 2.98 7.31
N ASP C 424 34.97 1.99 7.43
CA ASP C 424 36.18 2.21 8.17
C ASP C 424 37.25 2.75 7.27
N LYS C 425 37.41 2.27 6.01
CA LYS C 425 38.31 2.97 5.14
C LYS C 425 37.88 4.44 5.00
N TRP C 426 36.58 4.74 4.97
CA TRP C 426 36.16 6.04 4.60
C TRP C 426 36.52 6.99 5.75
N ASP C 427 36.34 6.52 7.01
CA ASP C 427 36.56 7.47 8.11
C ASP C 427 38.03 7.78 8.27
N ARG C 428 38.93 6.83 7.84
CA ARG C 428 40.34 6.97 8.14
C ARG C 428 41.06 7.90 7.18
N PHE C 429 41.05 7.55 5.90
CA PHE C 429 41.80 8.31 4.93
C PHE C 429 40.98 8.78 3.74
N VAL C 430 39.93 8.02 3.31
CA VAL C 430 39.40 8.36 1.97
C VAL C 430 38.61 9.67 2.08
N LYS C 431 37.77 9.89 3.12
CA LYS C 431 36.86 11.07 3.01
C LYS C 431 37.69 12.36 2.81
N ARG C 432 38.79 12.50 3.62
CA ARG C 432 39.68 13.59 3.45
C ARG C 432 40.21 13.68 2.00
N ILE C 433 40.43 12.58 1.39
CA ILE C 433 40.80 12.62 -0.05
C ILE C 433 39.59 13.02 -0.90
N PHE C 434 38.42 12.54 -0.59
CA PHE C 434 37.35 12.74 -1.53
C PHE C 434 37.00 14.21 -1.53
N TYR C 435 37.10 14.90 -0.42
CA TYR C 435 36.74 16.35 -0.41
C TYR C 435 37.85 17.17 -0.91
N PHE C 436 39.10 16.77 -0.79
CA PHE C 436 40.14 17.36 -1.58
C PHE C 436 39.85 17.18 -3.04
N ASN C 437 39.43 16.00 -3.41
CA ASN C 437 38.92 15.93 -4.79
C ASN C 437 37.64 16.75 -5.06
N PHE C 438 36.74 16.91 -4.12
CA PHE C 438 35.56 17.76 -4.47
C PHE C 438 35.84 19.23 -4.62
N PHE C 439 36.72 19.75 -3.73
CA PHE C 439 37.06 21.13 -3.76
C PHE C 439 37.93 21.57 -4.94
N VAL C 440 38.92 20.69 -5.36
CA VAL C 440 39.74 21.00 -6.49
C VAL C 440 38.89 21.00 -7.80
N TYR C 441 37.90 20.14 -7.94
CA TYR C 441 37.03 20.39 -9.14
C TYR C 441 36.26 21.65 -9.09
N CYS C 442 35.71 22.09 -7.92
CA CYS C 442 34.95 23.29 -7.92
C CYS C 442 35.79 24.50 -8.48
N LEU C 443 37.03 24.58 -8.08
CA LEU C 443 37.83 25.75 -8.50
C LEU C 443 38.19 25.52 -9.97
N TYR C 444 38.38 24.30 -10.37
CA TYR C 444 38.42 24.04 -11.82
C TYR C 444 37.15 24.56 -12.51
N MET C 445 36.01 24.30 -11.95
CA MET C 445 34.76 24.90 -12.50
C MET C 445 34.77 26.44 -12.39
N ILE C 446 35.20 27.06 -11.27
CA ILE C 446 35.12 28.55 -11.24
C ILE C 446 36.05 29.13 -12.24
N ILE C 447 37.28 28.68 -12.35
CA ILE C 447 38.15 29.17 -13.37
C ILE C 447 37.62 28.88 -14.78
N PHE C 448 36.88 27.81 -14.95
CA PHE C 448 36.39 27.54 -16.32
C PHE C 448 35.22 28.43 -16.74
N THR C 449 34.29 28.73 -15.86
CA THR C 449 33.45 29.92 -16.07
C THR C 449 34.30 31.14 -16.23
N ALA C 450 35.26 31.40 -15.36
CA ALA C 450 35.83 32.76 -15.22
C ALA C 450 36.36 33.16 -16.53
N ALA C 451 37.08 32.25 -17.25
CA ALA C 451 37.60 32.49 -18.55
C ALA C 451 36.48 32.59 -19.60
N ALA C 452 35.56 31.63 -19.62
CA ALA C 452 34.57 31.60 -20.63
C ALA C 452 33.78 32.92 -20.58
N TYR C 453 33.42 33.39 -19.34
CA TYR C 453 32.61 34.54 -19.07
C TYR C 453 33.21 35.80 -19.58
N TYR C 454 34.55 35.83 -19.73
CA TYR C 454 35.34 37.01 -19.94
C TYR C 454 36.09 36.90 -21.29
N ARG C 455 35.62 36.04 -22.18
CA ARG C 455 36.14 35.88 -23.51
C ARG C 455 35.84 37.09 -24.41
N PRO C 456 36.75 37.29 -25.45
CA PRO C 456 36.56 38.50 -26.24
C PRO C 456 35.57 38.31 -27.39
N VAL C 457 35.21 39.43 -28.04
CA VAL C 457 34.38 39.42 -29.22
C VAL C 457 35.20 39.51 -30.52
N GLU C 458 36.52 39.79 -30.44
CA GLU C 458 37.21 39.96 -31.74
C GLU C 458 37.09 38.70 -32.54
N GLY C 459 36.76 38.75 -33.82
CA GLY C 459 36.50 37.56 -34.55
C GLY C 459 37.76 36.82 -34.93
N LEU C 460 37.66 35.57 -35.30
CA LEU C 460 38.78 34.66 -35.44
C LEU C 460 39.70 34.83 -34.22
N PRO C 461 39.32 34.44 -33.03
CA PRO C 461 40.14 34.93 -31.88
C PRO C 461 41.31 34.02 -31.58
N PRO C 462 42.43 34.42 -30.97
CA PRO C 462 42.42 35.64 -30.07
C PRO C 462 42.60 36.88 -30.94
N TYR C 463 43.46 36.94 -32.00
CA TYR C 463 44.64 36.09 -32.09
C TYR C 463 45.90 36.75 -31.50
N LYS C 464 46.65 36.19 -30.56
CA LYS C 464 47.50 36.94 -29.68
C LYS C 464 46.77 37.72 -28.52
N LEU C 465 47.59 38.18 -27.52
CA LEU C 465 47.12 38.48 -26.15
C LEU C 465 48.13 39.29 -25.35
N LYS C 466 47.86 39.47 -24.06
CA LYS C 466 48.80 39.97 -23.05
C LYS C 466 49.07 41.45 -23.05
N ASN C 467 48.23 42.28 -23.73
CA ASN C 467 48.21 43.68 -23.24
C ASN C 467 47.84 43.61 -21.73
N THR C 468 48.72 44.09 -20.87
CA THR C 468 48.55 44.22 -19.41
C THR C 468 48.13 42.94 -18.70
N VAL C 469 47.12 42.88 -17.84
CA VAL C 469 47.08 41.86 -16.82
C VAL C 469 45.83 40.98 -16.87
N GLY C 470 44.62 41.53 -16.98
CA GLY C 470 43.48 40.66 -17.04
C GLY C 470 43.64 39.72 -18.22
N ASP C 471 44.26 40.22 -19.31
CA ASP C 471 44.69 39.36 -20.36
C ASP C 471 45.60 38.26 -19.90
N TYR C 472 46.59 38.64 -19.12
CA TYR C 472 47.43 37.58 -18.52
C TYR C 472 46.65 36.65 -17.67
N PHE C 473 45.75 37.09 -16.76
CA PHE C 473 45.05 36.22 -15.83
C PHE C 473 44.14 35.25 -16.51
N ARG C 474 43.33 35.74 -17.47
CA ARG C 474 42.45 34.89 -18.29
C ARG C 474 43.21 33.83 -19.02
N VAL C 475 44.27 34.21 -19.80
CA VAL C 475 44.84 33.15 -20.67
C VAL C 475 45.34 32.01 -19.78
N THR C 476 45.85 32.26 -18.61
CA THR C 476 46.16 31.18 -17.71
C THR C 476 44.89 30.37 -17.47
N GLY C 477 43.69 30.94 -17.18
CA GLY C 477 42.50 30.18 -17.04
C GLY C 477 41.97 29.44 -18.25
N GLU C 478 42.08 29.99 -19.52
CA GLU C 478 41.82 29.09 -20.60
C GLU C 478 42.64 27.86 -20.61
N ILE C 479 43.96 28.05 -20.29
CA ILE C 479 44.90 26.87 -20.12
C ILE C 479 44.54 26.00 -18.91
N LEU C 480 44.09 26.57 -17.77
CA LEU C 480 43.80 25.70 -16.62
C LEU C 480 42.60 24.80 -16.94
N SER C 481 41.85 25.18 -17.99
CA SER C 481 40.57 24.58 -18.30
C SER C 481 40.75 23.41 -19.25
N VAL C 482 41.33 23.65 -20.46
CA VAL C 482 41.61 22.56 -21.36
C VAL C 482 42.54 21.58 -20.64
N SER C 483 43.49 22.11 -19.83
CA SER C 483 44.37 21.26 -19.06
C SER C 483 43.58 20.38 -18.14
N GLY C 484 42.41 20.78 -17.69
CA GLY C 484 41.55 19.89 -17.00
C GLY C 484 40.60 19.16 -17.91
N GLY C 485 40.21 19.66 -19.06
CA GLY C 485 39.43 18.82 -19.92
C GLY C 485 40.22 17.60 -20.29
N VAL C 486 41.50 17.81 -20.65
CA VAL C 486 42.32 16.70 -21.17
C VAL C 486 42.50 15.63 -20.06
N TYR C 487 42.62 16.11 -18.83
CA TYR C 487 42.65 15.25 -17.66
C TYR C 487 41.45 14.36 -17.57
N PHE C 488 40.21 14.91 -17.72
CA PHE C 488 39.09 14.01 -17.68
C PHE C 488 39.17 13.01 -18.84
N PHE C 489 39.50 13.48 -20.05
CA PHE C 489 39.34 12.60 -21.18
C PHE C 489 40.25 11.44 -21.10
N PHE C 490 41.50 11.68 -20.66
CA PHE C 490 42.43 10.65 -20.29
C PHE C 490 41.99 9.81 -19.07
N ARG C 491 41.28 10.41 -18.09
CA ARG C 491 40.76 9.59 -17.06
C ARG C 491 39.68 8.62 -17.58
N GLY C 492 38.80 9.13 -18.46
CA GLY C 492 37.65 8.33 -18.90
C GLY C 492 37.99 7.30 -19.98
N ILE C 493 39.07 7.59 -20.78
CA ILE C 493 39.57 6.42 -21.55
C ILE C 493 40.21 5.40 -20.68
N GLN C 494 40.90 5.79 -19.54
CA GLN C 494 41.36 4.75 -18.65
C GLN C 494 40.24 3.93 -17.98
N TYR C 495 39.18 4.61 -17.46
CA TYR C 495 37.94 3.90 -16.96
C TYR C 495 37.33 2.97 -18.02
N PHE C 496 37.14 3.54 -19.25
CA PHE C 496 36.70 2.68 -20.36
C PHE C 496 37.62 1.46 -20.48
N LEU C 497 38.95 1.58 -20.24
CA LEU C 497 39.95 0.52 -20.44
C LEU C 497 39.85 -0.58 -19.38
N GLN C 498 39.75 -0.33 -18.06
CA GLN C 498 39.96 -1.41 -17.07
C GLN C 498 38.75 -2.35 -17.00
N ARG C 499 37.67 -1.90 -17.60
CA ARG C 499 36.44 -2.64 -17.72
C ARG C 499 36.21 -2.89 -19.23
N ARG C 500 37.19 -2.52 -20.04
CA ARG C 500 37.06 -2.55 -21.49
C ARG C 500 36.73 -3.96 -21.92
N PRO C 501 35.81 -4.25 -22.89
CA PRO C 501 34.65 -3.35 -23.27
C PRO C 501 33.52 -3.58 -22.28
N SER C 502 33.06 -2.55 -21.53
CA SER C 502 31.90 -2.75 -20.64
C SER C 502 30.57 -2.46 -21.38
N VAL C 508 23.36 1.09 -19.18
CA VAL C 508 24.35 1.96 -18.53
C VAL C 508 24.64 1.53 -17.11
N ASP C 509 25.83 0.92 -16.91
CA ASP C 509 26.24 0.53 -15.59
C ASP C 509 26.93 1.64 -14.83
N SER C 510 27.87 2.30 -15.46
CA SER C 510 28.43 3.56 -14.94
C SER C 510 28.01 4.69 -15.90
N TYR C 511 26.85 5.25 -15.61
CA TYR C 511 26.45 6.56 -16.06
C TYR C 511 27.44 7.64 -15.57
N SER C 512 27.77 7.70 -14.30
CA SER C 512 28.37 9.00 -13.88
C SER C 512 29.78 9.14 -14.43
N GLU C 513 30.42 8.00 -14.74
CA GLU C 513 31.66 8.05 -15.50
C GLU C 513 31.35 8.52 -16.94
N ILE C 514 30.19 8.24 -17.46
CA ILE C 514 30.07 8.53 -18.88
C ILE C 514 30.04 10.01 -19.13
N LEU C 515 29.25 10.82 -18.39
CA LEU C 515 29.21 12.22 -18.84
C LEU C 515 30.54 12.87 -18.57
N PHE C 516 31.29 12.55 -17.47
CA PHE C 516 32.56 13.31 -17.34
C PHE C 516 33.39 13.05 -18.54
N PHE C 517 33.32 11.81 -19.18
CA PHE C 517 33.95 11.78 -20.46
C PHE C 517 33.30 12.74 -21.41
N VAL C 518 31.96 12.73 -21.54
CA VAL C 518 31.26 13.61 -22.52
C VAL C 518 31.70 15.09 -22.36
N GLN C 519 31.56 15.63 -21.14
CA GLN C 519 31.90 17.07 -20.89
C GLN C 519 33.21 17.45 -21.50
N SER C 520 34.20 16.53 -21.41
CA SER C 520 35.54 16.79 -21.81
C SER C 520 35.74 16.69 -23.27
N LEU C 521 35.11 15.79 -24.04
CA LEU C 521 35.24 15.87 -25.47
C LEU C 521 34.71 17.24 -25.91
N PHE C 522 33.71 17.84 -25.21
CA PHE C 522 33.36 19.18 -25.67
C PHE C 522 34.40 20.25 -25.29
N MET C 523 35.09 20.17 -24.14
CA MET C 523 36.17 21.11 -23.86
C MET C 523 37.23 21.06 -24.99
N LEU C 524 37.36 19.92 -25.70
CA LEU C 524 38.53 19.61 -26.49
C LEU C 524 38.15 19.64 -27.94
N VAL C 525 36.92 19.33 -28.31
CA VAL C 525 36.28 19.74 -29.52
C VAL C 525 36.15 21.28 -29.55
N SER C 526 35.91 21.88 -28.41
CA SER C 526 36.14 23.31 -28.39
C SER C 526 37.61 23.63 -28.70
N VAL C 527 38.54 23.00 -27.94
CA VAL C 527 39.92 23.48 -28.12
C VAL C 527 40.35 23.30 -29.54
N VAL C 528 39.92 22.24 -30.26
CA VAL C 528 40.43 22.11 -31.61
C VAL C 528 39.96 23.28 -32.52
N LEU C 529 38.73 23.69 -32.27
CA LEU C 529 38.13 24.74 -33.12
C LEU C 529 38.80 26.05 -32.79
N TYR C 530 39.34 26.24 -31.61
CA TYR C 530 39.77 27.57 -31.29
C TYR C 530 41.00 27.93 -32.10
N PHE C 531 41.69 26.93 -32.64
CA PHE C 531 42.90 27.11 -33.38
C PHE C 531 42.62 27.03 -34.88
N SER C 532 41.45 26.54 -35.23
CA SER C 532 40.85 26.83 -36.50
C SER C 532 40.51 28.26 -36.62
N GLN C 533 40.59 29.04 -35.49
CA GLN C 533 40.22 30.42 -35.52
C GLN C 533 38.84 30.59 -36.10
N ARG C 534 37.96 29.58 -35.91
CA ARG C 534 36.58 29.60 -36.28
C ARG C 534 35.70 30.04 -35.15
N LYS C 535 34.53 30.52 -35.49
CA LYS C 535 33.70 31.16 -34.51
C LYS C 535 32.97 30.16 -33.58
N GLU C 536 32.97 28.85 -33.99
CA GLU C 536 31.99 27.99 -33.35
C GLU C 536 32.41 27.55 -31.99
N TYR C 537 33.70 27.87 -31.59
CA TYR C 537 34.27 27.09 -30.53
C TYR C 537 33.49 27.27 -29.27
N VAL C 538 32.84 28.42 -29.11
CA VAL C 538 32.10 28.67 -27.90
C VAL C 538 30.97 27.69 -27.78
N ALA C 539 30.27 27.37 -28.83
CA ALA C 539 29.04 26.54 -28.79
C ALA C 539 29.37 25.22 -28.07
N SER C 540 30.50 24.65 -28.43
CA SER C 540 31.08 23.48 -27.74
C SER C 540 31.45 23.70 -26.24
N MET C 541 32.15 24.81 -25.96
CA MET C 541 32.49 25.17 -24.60
C MET C 541 31.33 25.51 -23.70
N VAL C 542 30.32 26.17 -24.19
CA VAL C 542 29.15 26.54 -23.43
C VAL C 542 28.40 25.28 -22.98
N PHE C 543 28.18 24.28 -23.89
CA PHE C 543 27.74 22.97 -23.37
C PHE C 543 28.67 22.39 -22.35
N SER C 544 30.00 22.23 -22.68
CA SER C 544 30.97 21.63 -21.83
C SER C 544 30.86 22.24 -20.42
N LEU C 545 30.47 23.49 -20.37
CA LEU C 545 30.35 24.27 -19.14
C LEU C 545 29.00 23.94 -18.43
N ALA C 546 27.87 23.99 -19.12
CA ALA C 546 26.66 23.57 -18.49
C ALA C 546 26.78 22.12 -17.93
N MET C 547 27.40 21.21 -18.74
CA MET C 547 27.75 19.86 -18.32
C MET C 547 28.68 19.87 -17.09
N GLY C 548 29.69 20.67 -17.08
CA GLY C 548 30.62 20.65 -15.91
C GLY C 548 29.84 20.97 -14.67
N TRP C 549 28.95 22.01 -14.65
CA TRP C 549 28.28 22.31 -13.37
C TRP C 549 27.31 21.21 -13.08
N THR C 550 26.58 20.71 -14.11
CA THR C 550 25.65 19.65 -13.88
C THR C 550 26.44 18.39 -13.46
N ASN C 551 27.74 18.22 -13.74
CA ASN C 551 28.44 17.06 -13.30
C ASN C 551 28.94 17.21 -11.82
N MET C 552 28.70 18.43 -11.28
CA MET C 552 28.88 18.62 -9.86
C MET C 552 27.83 17.78 -9.07
N LEU C 553 26.75 17.37 -9.67
CA LEU C 553 25.73 16.60 -8.93
C LEU C 553 26.40 15.30 -8.43
N TYR C 554 27.33 14.67 -9.17
CA TYR C 554 27.59 13.31 -8.80
C TYR C 554 28.31 13.22 -7.49
N TYR C 555 29.12 14.27 -7.18
CA TYR C 555 30.16 14.30 -6.15
C TYR C 555 29.50 14.44 -4.74
N THR C 556 28.21 14.64 -4.73
CA THR C 556 27.41 14.27 -3.56
C THR C 556 27.60 12.80 -3.14
N ARG C 557 27.49 11.83 -4.09
CA ARG C 557 27.14 10.54 -3.60
C ARG C 557 28.16 9.84 -2.66
N GLY C 558 27.83 9.12 -1.54
CA GLY C 558 26.62 9.29 -0.75
C GLY C 558 26.84 10.42 0.23
N PHE C 559 26.13 11.57 0.13
CA PHE C 559 25.99 12.29 1.35
C PHE C 559 25.05 11.54 2.33
N GLN C 560 24.48 10.46 1.88
CA GLN C 560 23.23 9.86 2.35
C GLN C 560 21.99 10.64 1.89
N GLN C 561 21.93 11.92 2.09
CA GLN C 561 20.76 12.70 1.69
C GLN C 561 20.83 13.37 0.28
N MET C 562 22.02 13.82 -0.11
CA MET C 562 22.10 14.35 -1.49
C MET C 562 22.23 13.28 -2.57
N GLY C 563 22.70 12.09 -2.19
CA GLY C 563 23.03 11.17 -3.23
C GLY C 563 21.79 10.47 -3.72
N ILE C 564 20.67 10.75 -3.08
CA ILE C 564 19.38 10.43 -3.69
C ILE C 564 19.03 11.35 -4.84
N TYR C 565 19.23 12.70 -4.78
CA TYR C 565 18.70 13.48 -5.89
C TYR C 565 19.53 13.26 -7.19
N ALA C 566 20.78 12.77 -7.06
CA ALA C 566 21.57 12.43 -8.20
C ALA C 566 21.22 11.05 -8.82
N VAL C 567 20.83 10.06 -8.04
CA VAL C 567 20.33 8.83 -8.73
C VAL C 567 18.96 9.09 -9.42
N MET C 568 18.02 9.82 -8.81
CA MET C 568 16.71 10.05 -9.35
C MET C 568 16.79 10.70 -10.75
N ILE C 569 17.43 11.88 -10.89
CA ILE C 569 17.61 12.54 -12.20
C ILE C 569 18.21 11.60 -13.21
N GLU C 570 19.07 10.69 -12.77
CA GLU C 570 19.83 9.74 -13.56
C GLU C 570 19.00 8.58 -14.08
N LYS C 571 18.06 8.06 -13.25
CA LYS C 571 17.25 6.92 -13.58
C LYS C 571 16.06 7.35 -14.41
N MET C 572 15.52 8.55 -14.09
CA MET C 572 14.48 9.10 -14.87
C MET C 572 15.02 9.47 -16.28
N ILE C 573 16.25 10.00 -16.42
CA ILE C 573 16.63 10.23 -17.77
C ILE C 573 16.87 8.95 -18.52
N LEU C 574 17.34 7.83 -17.91
CA LEU C 574 17.64 6.67 -18.76
C LEU C 574 16.37 5.91 -19.02
N ARG C 575 15.60 5.58 -17.95
CA ARG C 575 14.45 4.72 -18.23
C ARG C 575 13.33 5.56 -18.88
N ASP C 576 12.88 6.57 -18.17
CA ASP C 576 11.62 7.20 -18.56
C ASP C 576 11.77 7.79 -19.96
N LEU C 577 12.86 8.54 -20.17
CA LEU C 577 13.00 9.19 -21.43
C LEU C 577 13.01 8.08 -22.49
N CYS C 578 13.82 7.00 -22.41
CA CYS C 578 13.87 6.11 -23.62
C CYS C 578 12.56 5.49 -23.96
N ARG C 579 11.76 5.12 -22.90
CA ARG C 579 10.52 4.47 -23.13
C ARG C 579 9.52 5.46 -23.69
N PHE C 580 9.88 6.80 -23.61
CA PHE C 580 8.93 7.87 -23.76
C PHE C 580 9.21 8.78 -24.94
N MET C 581 10.45 8.96 -25.28
CA MET C 581 10.91 9.88 -26.31
C MET C 581 10.56 9.26 -27.67
N PHE C 582 10.61 7.95 -27.82
CA PHE C 582 9.87 7.40 -28.98
C PHE C 582 8.32 7.57 -28.99
N VAL C 583 7.59 7.18 -27.95
CA VAL C 583 6.17 7.37 -28.09
C VAL C 583 5.84 8.86 -28.07
N TYR C 584 6.69 9.73 -27.62
CA TYR C 584 6.49 11.13 -27.97
C TYR C 584 6.86 11.55 -29.41
N LEU C 585 8.02 11.16 -29.99
CA LEU C 585 8.30 11.73 -31.31
C LEU C 585 7.28 11.28 -32.37
N VAL C 586 6.52 10.21 -32.09
CA VAL C 586 5.54 9.79 -33.10
C VAL C 586 4.20 10.56 -33.05
N PHE C 587 3.80 11.14 -31.90
CA PHE C 587 2.76 12.19 -31.92
C PHE C 587 3.26 13.52 -32.41
N LEU C 588 4.56 13.93 -32.13
CA LEU C 588 4.92 15.27 -32.56
C LEU C 588 5.18 15.25 -34.07
N PHE C 589 5.88 14.23 -34.54
CA PHE C 589 6.31 14.19 -35.96
C PHE C 589 5.10 14.10 -36.86
N GLY C 590 4.06 13.47 -36.35
CA GLY C 590 2.88 13.14 -37.10
C GLY C 590 2.01 14.35 -37.29
N PHE C 591 1.56 15.00 -36.20
CA PHE C 591 0.81 16.22 -36.26
C PHE C 591 1.65 17.37 -36.82
N SER C 592 2.96 17.42 -36.47
CA SER C 592 3.77 18.41 -37.12
C SER C 592 3.77 18.28 -38.66
N THR C 593 3.88 17.07 -39.18
CA THR C 593 3.86 16.89 -40.61
C THR C 593 2.45 17.26 -41.10
N ALA C 594 1.38 16.99 -40.38
CA ALA C 594 0.05 17.42 -40.72
C ALA C 594 -0.16 18.90 -40.72
N VAL C 595 0.34 19.63 -39.70
CA VAL C 595 0.07 21.06 -39.78
C VAL C 595 0.91 21.70 -40.90
N VAL C 596 2.09 21.13 -41.26
CA VAL C 596 2.79 21.73 -42.39
C VAL C 596 1.99 21.48 -43.70
N THR C 597 1.53 20.28 -43.98
CA THR C 597 0.76 20.00 -45.16
C THR C 597 -0.43 20.99 -45.15
N LEU C 598 -1.26 21.01 -44.09
CA LEU C 598 -2.48 21.82 -44.09
C LEU C 598 -2.06 23.28 -44.27
N ILE C 599 -1.15 23.77 -43.41
CA ILE C 599 -0.86 25.23 -43.38
C ILE C 599 0.08 25.59 -44.54
N GLU C 600 0.09 26.85 -44.89
CA GLU C 600 0.88 27.34 -46.04
C GLU C 600 2.15 28.09 -45.53
N ASP C 601 2.18 28.74 -44.38
CA ASP C 601 3.29 29.68 -44.15
C ASP C 601 3.33 30.33 -42.75
N GLY C 602 4.44 31.07 -42.48
CA GLY C 602 4.65 31.82 -41.23
C GLY C 602 5.90 31.52 -40.39
N LYS C 603 6.93 30.82 -40.91
CA LYS C 603 7.89 30.14 -40.03
C LYS C 603 7.23 29.37 -38.89
N TYR C 627 4.77 28.92 -40.65
CA TYR C 627 4.42 27.89 -39.72
C TYR C 627 4.58 26.51 -40.43
N ASN C 628 5.45 26.46 -41.43
CA ASN C 628 5.44 25.51 -42.47
C ASN C 628 6.83 24.79 -42.56
N SER C 629 7.88 25.55 -42.30
CA SER C 629 9.12 24.87 -42.07
C SER C 629 8.98 23.84 -40.93
N LEU C 630 9.23 22.60 -41.22
CA LEU C 630 8.84 21.53 -40.29
C LEU C 630 9.60 21.72 -38.99
N TYR C 631 10.88 22.02 -39.05
CA TYR C 631 11.68 22.24 -37.84
C TYR C 631 11.02 23.27 -36.97
N SER C 632 10.55 24.38 -37.58
CA SER C 632 9.83 25.43 -36.78
C SER C 632 8.53 24.91 -36.25
N THR C 633 7.76 24.11 -36.97
CA THR C 633 6.59 23.54 -36.41
C THR C 633 6.94 22.65 -35.25
N CYS C 634 7.84 21.66 -35.42
CA CYS C 634 7.95 20.60 -34.47
C CYS C 634 8.43 21.12 -33.15
N LEU C 635 9.14 22.27 -33.22
CA LEU C 635 9.38 23.13 -32.10
C LEU C 635 8.10 23.87 -31.67
N GLU C 636 7.37 24.56 -32.54
CA GLU C 636 6.20 25.22 -31.98
C GLU C 636 5.30 24.25 -31.31
N LEU C 637 4.96 23.19 -31.98
CA LEU C 637 4.05 22.22 -31.29
C LEU C 637 4.73 21.71 -30.05
N PHE C 638 6.06 21.78 -30.03
CA PHE C 638 6.66 21.34 -28.79
C PHE C 638 6.38 22.35 -27.66
N LYS C 639 6.20 23.62 -27.99
CA LYS C 639 5.77 24.59 -26.97
C LYS C 639 4.61 24.08 -26.16
N PHE C 640 3.56 23.51 -26.84
CA PHE C 640 2.35 23.28 -26.17
C PHE C 640 2.60 22.32 -25.00
N THR C 641 3.16 21.12 -25.26
CA THR C 641 3.47 20.13 -24.26
C THR C 641 4.23 20.73 -23.12
N ILE C 642 5.34 21.44 -23.39
CA ILE C 642 6.01 22.06 -22.28
C ILE C 642 5.18 23.19 -21.64
N GLY C 643 4.10 23.62 -22.34
CA GLY C 643 3.00 24.38 -21.67
C GLY C 643 3.24 25.84 -21.90
N MET C 644 4.17 26.21 -22.81
CA MET C 644 4.19 27.53 -23.39
C MET C 644 3.31 27.66 -24.60
N GLY C 645 2.03 27.34 -24.58
CA GLY C 645 1.22 27.45 -25.74
C GLY C 645 0.61 28.78 -26.00
N ASP C 646 0.59 29.23 -27.23
CA ASP C 646 0.11 30.56 -27.62
C ASP C 646 -1.34 30.44 -28.13
N LEU C 647 -1.89 29.24 -28.12
CA LEU C 647 -3.16 28.97 -28.73
C LEU C 647 -3.10 29.52 -30.13
N GLU C 648 -3.98 30.41 -30.67
CA GLU C 648 -4.26 30.65 -32.06
C GLU C 648 -3.44 31.79 -32.56
N PHE C 649 -2.18 31.49 -33.00
CA PHE C 649 -1.21 32.54 -33.19
C PHE C 649 -1.23 33.07 -34.64
N THR C 650 -2.23 32.71 -35.48
CA THR C 650 -2.09 33.00 -36.91
C THR C 650 -3.43 33.15 -37.62
N GLU C 651 -3.60 33.88 -38.68
CA GLU C 651 -4.81 34.11 -39.43
C GLU C 651 -4.79 33.36 -40.72
N ASN C 652 -3.61 32.90 -41.12
CA ASN C 652 -3.34 32.41 -42.53
C ASN C 652 -3.72 30.91 -42.55
N TYR C 653 -4.91 30.58 -42.95
CA TYR C 653 -5.17 29.24 -43.35
C TYR C 653 -6.44 29.14 -44.19
N ASP C 654 -6.38 28.62 -45.39
CA ASP C 654 -7.69 28.33 -46.01
C ASP C 654 -8.44 27.30 -45.09
N PHE C 655 -9.77 27.29 -45.19
CA PHE C 655 -10.58 26.29 -44.54
C PHE C 655 -10.67 26.38 -43.07
N LYS C 656 -10.54 27.62 -42.50
CA LYS C 656 -11.12 27.85 -41.23
C LYS C 656 -10.71 26.85 -40.17
N ALA C 657 -11.59 26.13 -39.48
CA ALA C 657 -11.27 25.46 -38.26
C ALA C 657 -10.52 24.13 -38.40
N VAL C 658 -10.35 23.54 -39.62
CA VAL C 658 -9.70 22.20 -39.56
C VAL C 658 -8.25 22.27 -39.11
N PHE C 659 -7.71 23.51 -39.01
CA PHE C 659 -6.55 23.65 -38.13
C PHE C 659 -6.90 23.59 -36.61
N ILE C 660 -7.94 24.30 -36.11
CA ILE C 660 -7.95 24.39 -34.60
C ILE C 660 -8.32 23.05 -33.99
N ILE C 661 -9.33 22.33 -34.61
CA ILE C 661 -9.64 21.02 -34.08
C ILE C 661 -8.44 20.04 -34.25
N LEU C 662 -7.66 20.10 -35.36
CA LEU C 662 -6.52 19.21 -35.46
C LEU C 662 -5.55 19.52 -34.27
N LEU C 663 -5.55 20.79 -33.82
CA LEU C 663 -4.44 21.27 -33.04
C LEU C 663 -4.83 21.10 -31.59
N LEU C 664 -6.10 21.38 -31.22
CA LEU C 664 -6.72 20.99 -29.97
C LEU C 664 -6.67 19.51 -29.89
N ALA C 665 -6.91 18.78 -31.01
CA ALA C 665 -6.88 17.36 -30.90
C ALA C 665 -5.50 17.00 -30.40
N TYR C 666 -4.40 17.54 -31.00
CA TYR C 666 -3.13 17.43 -30.33
C TYR C 666 -3.09 17.97 -28.91
N VAL C 667 -3.58 19.17 -28.56
CA VAL C 667 -3.31 19.67 -27.21
C VAL C 667 -4.02 18.90 -26.17
N ILE C 668 -5.32 18.59 -26.35
CA ILE C 668 -5.91 17.66 -25.36
C ILE C 668 -5.16 16.30 -25.47
N LEU C 669 -4.63 15.94 -26.58
CA LEU C 669 -4.06 14.61 -26.68
C LEU C 669 -2.65 14.55 -26.10
N THR C 670 -1.92 15.68 -25.97
CA THR C 670 -0.47 15.58 -25.84
C THR C 670 -0.08 16.28 -24.51
N TYR C 671 -0.62 17.45 -24.18
CA TYR C 671 -0.31 18.07 -22.93
C TYR C 671 -1.18 17.53 -21.82
N ILE C 672 -2.47 17.36 -22.08
CA ILE C 672 -3.37 16.96 -21.04
C ILE C 672 -3.42 15.47 -20.90
N LEU C 673 -2.96 14.66 -21.89
CA LEU C 673 -3.05 13.21 -21.78
C LEU C 673 -1.66 12.63 -21.69
N LEU C 674 -0.71 12.95 -22.59
CA LEU C 674 0.52 12.19 -22.55
C LEU C 674 1.28 12.56 -21.28
N LEU C 675 1.58 13.80 -21.03
CA LEU C 675 2.57 14.09 -20.02
C LEU C 675 2.06 13.59 -18.69
N ASN C 676 0.78 13.64 -18.41
CA ASN C 676 0.39 13.19 -17.05
C ASN C 676 0.81 11.74 -16.91
N MET C 677 0.70 10.98 -17.99
CA MET C 677 1.29 9.67 -18.08
C MET C 677 2.84 9.78 -17.80
N LEU C 678 3.57 10.70 -18.40
CA LEU C 678 5.01 10.74 -18.19
C LEU C 678 5.36 11.11 -16.78
N ILE C 679 4.81 12.19 -16.19
CA ILE C 679 4.98 12.41 -14.74
C ILE C 679 4.56 11.19 -13.97
N ALA C 680 3.41 10.61 -14.31
CA ALA C 680 2.86 9.62 -13.43
C ALA C 680 3.78 8.43 -13.42
N LEU C 681 4.53 8.17 -14.52
CA LEU C 681 5.64 7.23 -14.51
C LEU C 681 6.68 7.69 -13.49
N MET C 682 7.28 8.92 -13.72
CA MET C 682 8.33 9.47 -12.90
C MET C 682 7.96 9.41 -11.41
N GLY C 683 6.85 10.00 -11.01
CA GLY C 683 6.44 9.97 -9.58
C GLY C 683 6.19 8.55 -9.20
N GLU C 684 5.81 7.69 -10.14
CA GLU C 684 5.84 6.28 -9.81
C GLU C 684 7.22 5.76 -9.50
N THR C 685 8.30 6.35 -10.08
CA THR C 685 9.66 6.05 -9.60
C THR C 685 9.99 6.88 -8.33
N VAL C 686 9.61 8.14 -8.21
CA VAL C 686 10.10 8.89 -7.04
C VAL C 686 9.60 8.22 -5.78
N ASN C 687 8.53 7.46 -5.90
CA ASN C 687 8.11 6.46 -4.95
C ASN C 687 9.17 5.38 -4.65
N LYS C 688 9.62 4.65 -5.65
CA LYS C 688 10.41 3.45 -5.31
C LYS C 688 11.90 3.73 -5.20
N ILE C 689 12.42 4.64 -6.02
CA ILE C 689 13.89 4.84 -5.97
C ILE C 689 14.26 5.76 -4.83
N ALA C 690 13.22 6.20 -4.05
CA ALA C 690 13.57 6.83 -2.76
C ALA C 690 14.15 5.85 -1.75
N GLN C 691 13.60 4.67 -1.55
CA GLN C 691 13.93 3.97 -0.25
C GLN C 691 14.84 2.76 -0.37
N GLU C 692 14.49 1.75 -1.16
CA GLU C 692 15.41 0.60 -1.28
C GLU C 692 16.59 1.00 -2.19
N SER C 693 16.48 2.10 -2.82
CA SER C 693 17.73 2.74 -3.34
C SER C 693 18.78 2.97 -2.33
N LYS C 694 18.47 3.04 -1.05
CA LYS C 694 19.37 3.79 -0.14
C LYS C 694 20.73 3.12 -0.19
N ASN C 695 20.85 1.85 0.22
CA ASN C 695 22.22 1.36 0.36
C ASN C 695 23.12 1.37 -0.93
N ILE C 696 22.53 1.63 -2.07
CA ILE C 696 23.34 1.99 -3.25
C ILE C 696 24.18 3.28 -3.04
N TRP C 697 23.97 4.14 -2.02
CA TRP C 697 24.89 5.17 -1.64
C TRP C 697 26.02 4.51 -0.84
N LYS C 698 25.75 3.49 -0.09
CA LYS C 698 26.80 2.71 0.53
C LYS C 698 27.72 2.14 -0.53
N LEU C 699 27.18 1.90 -1.77
CA LEU C 699 27.92 1.16 -2.78
C LEU C 699 28.62 2.17 -3.68
N GLN C 700 28.00 3.28 -3.95
CA GLN C 700 28.77 4.23 -4.83
C GLN C 700 29.82 4.91 -3.97
N ARG C 701 29.57 5.02 -2.67
CA ARG C 701 30.66 5.41 -1.81
C ARG C 701 31.79 4.35 -1.84
N ALA C 702 31.34 3.10 -1.83
CA ALA C 702 32.30 1.98 -1.98
C ALA C 702 33.01 1.96 -3.27
N ILE C 703 32.34 2.48 -4.33
CA ILE C 703 33.17 2.60 -5.60
C ILE C 703 34.03 3.85 -5.63
N THR C 704 33.61 4.91 -4.93
CA THR C 704 34.42 6.06 -4.67
C THR C 704 35.51 5.64 -3.67
N ILE C 705 35.40 4.50 -2.91
CA ILE C 705 36.46 3.99 -2.15
C ILE C 705 37.32 2.94 -2.94
N LEU C 706 36.75 1.97 -3.59
CA LEU C 706 37.53 0.87 -4.13
C LEU C 706 38.56 1.46 -5.06
N ASP C 707 38.25 2.57 -5.80
CA ASP C 707 39.13 3.12 -6.76
C ASP C 707 40.18 4.04 -6.16
N THR C 708 39.87 4.89 -5.24
CA THR C 708 40.73 5.99 -4.81
C THR C 708 42.00 5.41 -4.23
N GLU C 709 41.91 4.30 -3.51
CA GLU C 709 43.04 3.40 -3.20
C GLU C 709 43.68 2.78 -4.45
N LYS C 710 42.93 2.26 -5.44
CA LYS C 710 43.55 1.67 -6.63
C LYS C 710 44.23 2.77 -7.48
N SER C 711 43.94 4.03 -7.29
CA SER C 711 44.48 5.13 -8.04
C SER C 711 45.31 6.08 -7.11
N PHE C 712 45.65 5.65 -5.90
CA PHE C 712 46.51 6.32 -4.96
C PHE C 712 47.76 5.56 -4.67
N LEU C 713 48.14 4.68 -5.57
CA LEU C 713 49.40 3.92 -5.52
C LEU C 713 49.45 2.97 -4.34
N LYS C 714 48.47 2.10 -4.08
CA LYS C 714 48.67 0.86 -3.29
C LYS C 714 49.49 0.99 -2.03
N CYS C 715 49.17 1.94 -1.20
CA CYS C 715 50.02 2.45 -0.13
C CYS C 715 49.70 1.70 1.20
N MET C 716 50.22 2.17 2.32
CA MET C 716 49.81 1.60 3.61
C MET C 716 48.37 1.95 3.92
N ARG C 717 47.40 1.05 3.83
CA ARG C 717 46.10 1.17 4.51
C ARG C 717 45.91 -0.06 5.35
N LYS C 718 44.73 -0.33 5.97
CA LYS C 718 44.59 -1.48 6.80
C LYS C 718 44.56 -2.85 6.01
N ALA C 719 45.63 -3.68 6.03
CA ALA C 719 45.90 -4.69 5.04
C ALA C 719 47.22 -5.37 5.31
N LEU D 111 -61.39 -46.25 -0.12
CA LEU D 111 -61.17 -45.38 -1.26
C LEU D 111 -60.08 -44.40 -1.03
N TYR D 112 -59.46 -43.84 -2.11
CA TYR D 112 -58.37 -42.91 -2.10
C TYR D 112 -58.45 -41.90 -3.28
N ASP D 113 -58.03 -40.66 -3.04
CA ASP D 113 -57.78 -39.64 -4.08
C ASP D 113 -56.38 -39.11 -3.96
N ARG D 114 -55.95 -38.27 -4.92
CA ARG D 114 -54.62 -37.72 -4.91
C ARG D 114 -54.25 -37.18 -3.55
N ARG D 115 -55.09 -36.23 -3.09
CA ARG D 115 -54.86 -35.50 -1.88
C ARG D 115 -54.64 -36.49 -0.67
N SER D 116 -55.22 -37.64 -0.83
CA SER D 116 -55.21 -38.64 0.25
C SER D 116 -53.85 -39.31 0.35
N ILE D 117 -53.24 -39.60 -0.77
CA ILE D 117 -51.79 -39.99 -0.65
C ILE D 117 -50.87 -38.80 -0.51
N PHE D 118 -51.00 -37.71 -1.27
CA PHE D 118 -50.07 -36.57 -1.09
C PHE D 118 -50.10 -36.04 0.30
N ASP D 119 -51.18 -35.99 1.06
CA ASP D 119 -51.06 -35.82 2.52
C ASP D 119 -50.33 -36.93 3.18
N ALA D 120 -50.68 -38.21 2.89
CA ALA D 120 -50.31 -39.34 3.69
C ALA D 120 -48.76 -39.47 3.64
N VAL D 121 -48.16 -39.34 2.47
CA VAL D 121 -46.72 -39.27 2.32
C VAL D 121 -46.15 -38.09 3.05
N ALA D 122 -46.87 -36.98 3.18
CA ALA D 122 -46.21 -35.77 3.64
C ALA D 122 -45.72 -36.00 5.07
N GLN D 123 -46.53 -36.60 5.87
CA GLN D 123 -46.13 -36.95 7.24
C GLN D 123 -45.66 -38.40 7.38
N SER D 124 -45.14 -38.97 6.32
CA SER D 124 -44.31 -40.21 6.46
C SER D 124 -45.19 -41.27 7.08
N ASN D 125 -46.46 -41.24 6.83
CA ASN D 125 -47.44 -42.23 7.30
C ASN D 125 -47.52 -43.38 6.34
N CYS D 126 -46.77 -44.49 6.59
CA CYS D 126 -47.06 -45.69 5.79
C CYS D 126 -48.33 -46.44 6.17
N GLN D 127 -48.94 -46.04 7.27
CA GLN D 127 -50.25 -46.55 7.64
C GLN D 127 -51.44 -46.00 6.90
N GLU D 128 -51.45 -44.71 6.47
CA GLU D 128 -52.64 -44.27 5.74
C GLU D 128 -52.59 -44.80 4.29
N LEU D 129 -51.51 -45.55 3.95
CA LEU D 129 -51.41 -46.27 2.68
C LEU D 129 -51.43 -47.78 2.88
N GLU D 130 -51.86 -48.38 4.00
CA GLU D 130 -51.91 -49.82 4.04
C GLU D 130 -53.00 -50.42 3.13
N SER D 131 -54.24 -50.01 3.32
CA SER D 131 -55.36 -50.50 2.55
C SER D 131 -55.36 -49.91 1.16
N LEU D 132 -54.47 -49.01 0.91
CA LEU D 132 -54.10 -48.62 -0.45
C LEU D 132 -53.74 -49.82 -1.30
N LEU D 133 -52.96 -50.81 -0.91
CA LEU D 133 -52.65 -51.94 -1.82
C LEU D 133 -53.95 -52.59 -2.24
N PRO D 134 -54.88 -52.93 -1.31
CA PRO D 134 -56.14 -53.53 -1.84
C PRO D 134 -57.07 -52.51 -2.42
N PHE D 135 -56.92 -51.18 -2.26
CA PHE D 135 -57.82 -50.30 -2.94
C PHE D 135 -57.54 -50.32 -4.47
N LEU D 136 -56.25 -50.30 -4.89
CA LEU D 136 -56.07 -49.95 -6.31
C LEU D 136 -56.03 -51.23 -7.11
N GLN D 137 -56.36 -52.31 -6.44
CA GLN D 137 -56.91 -53.55 -7.05
C GLN D 137 -58.36 -53.45 -7.38
N ARG D 138 -59.20 -52.60 -6.68
CA ARG D 138 -60.65 -52.71 -6.91
C ARG D 138 -61.12 -51.82 -8.03
N SER D 139 -60.86 -50.48 -7.89
CA SER D 139 -61.40 -49.59 -8.89
C SER D 139 -60.46 -49.60 -10.07
N LYS D 140 -59.28 -50.24 -9.90
CA LYS D 140 -58.24 -50.33 -10.94
C LYS D 140 -57.68 -48.92 -11.26
N LYS D 141 -57.91 -48.00 -10.38
CA LYS D 141 -57.25 -46.73 -10.38
C LYS D 141 -55.80 -46.91 -10.05
N ARG D 142 -54.94 -46.08 -10.55
CA ARG D 142 -53.50 -46.21 -10.38
C ARG D 142 -52.88 -44.94 -9.89
N LEU D 143 -51.56 -44.81 -9.81
CA LEU D 143 -50.92 -43.74 -9.05
C LEU D 143 -50.03 -42.90 -9.92
N THR D 144 -49.74 -43.34 -11.12
CA THR D 144 -49.16 -42.47 -12.12
C THR D 144 -50.30 -41.72 -12.80
N ASP D 145 -51.57 -41.95 -12.41
CA ASP D 145 -52.55 -41.33 -13.24
C ASP D 145 -52.46 -39.83 -13.12
N SER D 146 -52.99 -39.08 -14.16
CA SER D 146 -53.12 -37.63 -13.97
C SER D 146 -53.73 -37.32 -12.64
N GLU D 147 -54.64 -38.19 -12.16
CA GLU D 147 -55.28 -37.87 -10.89
C GLU D 147 -54.36 -37.98 -9.71
N PHE D 148 -53.48 -39.02 -9.55
CA PHE D 148 -52.67 -39.02 -8.36
C PHE D 148 -51.35 -38.26 -8.45
N LYS D 149 -50.98 -37.65 -9.60
CA LYS D 149 -49.98 -36.64 -9.62
C LYS D 149 -50.53 -35.25 -9.47
N ASP D 150 -49.93 -34.35 -8.67
CA ASP D 150 -50.34 -32.95 -8.83
C ASP D 150 -50.26 -32.52 -10.30
N PRO D 151 -51.37 -32.04 -10.84
CA PRO D 151 -51.47 -32.10 -12.31
C PRO D 151 -50.50 -31.21 -13.02
N GLU D 152 -49.79 -30.29 -12.34
CA GLU D 152 -49.11 -29.12 -12.91
C GLU D 152 -47.62 -29.13 -12.64
N THR D 153 -47.24 -29.59 -11.46
CA THR D 153 -45.87 -29.81 -11.10
C THR D 153 -45.47 -31.22 -11.44
N GLY D 154 -46.19 -31.93 -12.37
CA GLY D 154 -45.70 -33.22 -12.88
C GLY D 154 -45.27 -34.12 -11.77
N LYS D 155 -45.91 -34.00 -10.61
CA LYS D 155 -45.39 -34.39 -9.32
C LYS D 155 -46.28 -35.44 -8.79
N THR D 156 -45.80 -36.49 -8.23
CA THR D 156 -46.46 -37.74 -8.10
C THR D 156 -46.31 -38.21 -6.68
N CYS D 157 -46.96 -39.24 -6.20
CA CYS D 157 -46.81 -39.49 -4.73
C CYS D 157 -45.36 -39.82 -4.45
N LEU D 158 -44.54 -40.19 -5.42
CA LEU D 158 -43.10 -40.10 -5.26
C LEU D 158 -42.50 -38.67 -5.28
N LEU D 159 -42.77 -37.77 -6.28
CA LEU D 159 -42.10 -36.45 -6.14
C LEU D 159 -42.72 -35.67 -4.98
N LYS D 160 -43.86 -36.10 -4.47
CA LYS D 160 -44.35 -35.50 -3.26
C LYS D 160 -43.58 -36.18 -2.07
N ALA D 161 -43.23 -37.44 -2.17
CA ALA D 161 -42.30 -37.95 -1.20
C ALA D 161 -40.99 -37.17 -1.36
N MET D 162 -40.63 -36.71 -2.53
CA MET D 162 -39.24 -36.18 -2.70
C MET D 162 -39.24 -34.72 -2.33
N LEU D 163 -40.37 -33.99 -2.37
CA LEU D 163 -40.31 -32.64 -1.77
C LEU D 163 -40.46 -32.80 -0.25
N ASN D 164 -41.05 -33.89 0.19
CA ASN D 164 -41.26 -34.10 1.60
C ASN D 164 -40.42 -35.23 2.12
N LEU D 165 -39.18 -35.32 1.66
CA LEU D 165 -38.24 -36.11 2.42
C LEU D 165 -38.22 -35.59 3.88
N HIS D 166 -38.40 -36.50 4.79
CA HIS D 166 -38.00 -36.28 6.16
C HIS D 166 -36.77 -37.08 6.51
N ASN D 167 -35.65 -36.43 6.92
CA ASN D 167 -34.34 -36.99 7.08
C ASN D 167 -33.84 -37.77 5.81
N GLY D 168 -34.32 -37.28 4.62
CA GLY D 168 -33.79 -37.91 3.40
C GLY D 168 -34.34 -39.29 3.29
N GLN D 169 -35.36 -39.64 4.11
CA GLN D 169 -35.89 -40.98 4.03
C GLN D 169 -37.41 -40.90 4.07
N ASN D 170 -38.01 -42.01 3.76
CA ASN D 170 -39.39 -42.36 4.15
C ASN D 170 -39.70 -43.77 3.73
N ASP D 171 -40.69 -44.40 4.43
CA ASP D 171 -41.08 -45.75 4.05
C ASP D 171 -42.40 -45.79 3.40
N THR D 172 -43.14 -44.67 3.29
CA THR D 172 -44.16 -44.52 2.25
C THR D 172 -43.46 -44.65 0.92
N ILE D 173 -42.19 -44.23 0.77
CA ILE D 173 -41.57 -44.50 -0.51
C ILE D 173 -41.43 -45.98 -0.77
N ALA D 174 -40.99 -46.79 0.22
CA ALA D 174 -40.99 -48.18 0.02
C ALA D 174 -42.39 -48.70 -0.32
N LEU D 175 -43.44 -48.23 0.39
CA LEU D 175 -44.74 -48.90 0.26
C LEU D 175 -45.54 -48.34 -0.90
N LEU D 176 -45.69 -47.05 -1.09
CA LEU D 176 -46.14 -46.43 -2.32
C LEU D 176 -45.50 -47.03 -3.54
N LEU D 177 -44.20 -47.01 -3.68
CA LEU D 177 -43.63 -47.41 -4.95
C LEU D 177 -43.99 -48.86 -5.14
N ASP D 178 -43.95 -49.62 -4.05
CA ASP D 178 -44.49 -50.94 -3.97
C ASP D 178 -45.97 -51.07 -4.28
N VAL D 179 -46.78 -50.05 -4.03
CA VAL D 179 -48.09 -50.12 -4.71
C VAL D 179 -47.95 -49.86 -6.18
N ALA D 180 -47.12 -48.91 -6.58
CA ALA D 180 -47.11 -48.42 -7.93
C ALA D 180 -46.53 -49.50 -8.81
N ARG D 181 -45.72 -50.38 -8.25
CA ARG D 181 -45.40 -51.65 -8.83
C ARG D 181 -46.64 -52.58 -8.99
N LYS D 182 -47.45 -52.64 -7.94
CA LYS D 182 -48.67 -53.49 -7.96
C LYS D 182 -49.77 -53.03 -8.93
N THR D 183 -49.88 -51.76 -9.28
CA THR D 183 -50.67 -51.39 -10.50
C THR D 183 -49.78 -51.31 -11.73
N ASP D 184 -48.49 -51.50 -11.62
CA ASP D 184 -47.55 -51.23 -12.71
C ASP D 184 -47.85 -49.90 -13.35
N SER D 185 -48.17 -48.92 -12.54
CA SER D 185 -48.02 -47.53 -12.84
C SER D 185 -46.56 -47.16 -12.83
N LEU D 186 -45.73 -48.09 -12.31
CA LEU D 186 -44.44 -47.83 -11.74
C LEU D 186 -43.54 -46.93 -12.59
N LYS D 187 -43.21 -47.29 -13.80
CA LYS D 187 -42.11 -46.67 -14.46
C LYS D 187 -42.37 -45.21 -14.78
N GLN D 188 -43.55 -44.90 -15.43
CA GLN D 188 -44.09 -43.53 -15.43
C GLN D 188 -44.42 -43.03 -14.06
N PHE D 189 -44.69 -43.94 -13.09
CA PHE D 189 -45.06 -43.43 -11.79
C PHE D 189 -43.88 -42.81 -11.11
N VAL D 190 -42.66 -43.27 -11.46
CA VAL D 190 -41.46 -42.82 -10.81
C VAL D 190 -40.80 -41.73 -11.64
N ASN D 191 -41.38 -41.43 -12.84
CA ASN D 191 -40.71 -40.63 -13.85
C ASN D 191 -41.52 -39.43 -14.30
N ALA D 192 -42.64 -39.12 -13.70
CA ALA D 192 -43.24 -37.84 -14.10
C ALA D 192 -42.39 -36.77 -13.57
N SER D 193 -42.20 -35.74 -14.35
CA SER D 193 -41.30 -34.58 -13.99
C SER D 193 -42.11 -33.31 -14.05
N TYR D 194 -41.65 -32.30 -13.35
CA TYR D 194 -42.42 -31.06 -13.30
C TYR D 194 -42.76 -30.58 -14.70
N THR D 195 -44.06 -30.25 -15.00
CA THR D 195 -44.42 -29.74 -16.34
C THR D 195 -44.71 -28.29 -16.22
N ASP D 196 -44.68 -27.62 -15.04
CA ASP D 196 -44.69 -26.20 -15.00
C ASP D 196 -43.35 -25.73 -15.50
N SER D 197 -43.29 -24.45 -15.96
CA SER D 197 -42.03 -24.04 -16.54
C SER D 197 -40.87 -24.18 -15.52
N TYR D 198 -41.17 -24.07 -14.20
CA TYR D 198 -40.18 -23.75 -13.19
C TYR D 198 -39.31 -24.87 -12.76
N TYR D 199 -39.80 -25.96 -12.18
CA TYR D 199 -39.02 -27.11 -11.94
C TYR D 199 -38.99 -28.07 -13.15
N LYS D 200 -39.31 -27.53 -14.40
CA LYS D 200 -39.67 -28.40 -15.53
C LYS D 200 -38.76 -29.57 -15.80
N GLY D 201 -39.36 -30.75 -16.21
CA GLY D 201 -38.59 -31.97 -16.53
C GLY D 201 -37.64 -32.44 -15.45
N GLN D 202 -37.88 -32.05 -14.24
CA GLN D 202 -37.23 -32.58 -13.02
C GLN D 202 -37.94 -33.76 -12.43
N THR D 203 -37.33 -34.93 -12.46
CA THR D 203 -37.96 -36.23 -12.06
C THR D 203 -37.48 -36.56 -10.63
N ALA D 204 -38.04 -37.50 -9.96
CA ALA D 204 -37.69 -37.93 -8.56
C ALA D 204 -36.21 -38.33 -8.46
N LEU D 205 -35.61 -38.98 -9.43
CA LEU D 205 -34.18 -39.13 -9.38
C LEU D 205 -33.45 -37.77 -9.37
N HIS D 206 -33.84 -36.79 -10.23
CA HIS D 206 -33.27 -35.47 -10.04
C HIS D 206 -33.42 -35.07 -8.58
N ILE D 207 -34.54 -35.33 -7.93
CA ILE D 207 -34.60 -34.79 -6.58
C ILE D 207 -33.74 -35.62 -5.65
N ALA D 208 -33.70 -36.93 -5.79
CA ALA D 208 -33.06 -37.74 -4.78
C ALA D 208 -31.56 -37.42 -4.82
N ILE D 209 -31.01 -37.33 -6.00
CA ILE D 209 -29.68 -36.73 -6.20
C ILE D 209 -29.61 -35.28 -5.67
N GLU D 210 -30.61 -34.45 -5.89
CA GLU D 210 -30.44 -33.12 -5.35
C GLU D 210 -30.53 -33.17 -3.82
N ARG D 211 -31.06 -34.27 -3.26
CA ARG D 211 -31.21 -34.49 -1.82
C ARG D 211 -30.18 -35.46 -1.28
N ARG D 212 -29.16 -35.78 -2.10
CA ARG D 212 -27.93 -36.47 -1.63
C ARG D 212 -28.12 -37.82 -0.99
N ASN D 213 -28.66 -38.75 -1.69
CA ASN D 213 -29.25 -39.92 -1.05
C ASN D 213 -29.03 -41.22 -1.78
N MET D 214 -27.95 -41.95 -1.42
CA MET D 214 -27.58 -43.17 -2.22
C MET D 214 -28.78 -44.13 -2.29
N THR D 215 -29.74 -44.07 -1.41
CA THR D 215 -30.64 -45.21 -1.07
C THR D 215 -31.91 -45.09 -1.87
N LEU D 216 -32.66 -43.97 -1.81
CA LEU D 216 -33.82 -43.76 -2.61
C LEU D 216 -33.38 -43.70 -4.05
N VAL D 217 -32.14 -43.12 -4.29
CA VAL D 217 -31.58 -43.35 -5.61
C VAL D 217 -31.53 -44.82 -5.91
N THR D 218 -30.88 -45.76 -5.13
CA THR D 218 -30.62 -47.07 -5.66
C THR D 218 -31.95 -47.78 -5.81
N LEU D 219 -32.94 -47.62 -4.97
CA LEU D 219 -34.26 -48.15 -5.14
C LEU D 219 -34.97 -47.54 -6.38
N LEU D 220 -35.02 -46.25 -6.62
CA LEU D 220 -35.90 -45.79 -7.72
C LEU D 220 -35.35 -46.31 -9.01
N VAL D 221 -34.07 -46.31 -9.17
CA VAL D 221 -33.52 -46.86 -10.42
C VAL D 221 -33.54 -48.41 -10.40
N GLU D 222 -33.73 -49.08 -9.24
CA GLU D 222 -34.12 -50.51 -9.28
C GLU D 222 -35.57 -50.66 -9.86
N ASN D 223 -36.51 -49.95 -9.35
CA ASN D 223 -37.91 -49.99 -9.78
C ASN D 223 -38.10 -49.36 -11.14
N GLY D 224 -37.06 -48.74 -11.65
CA GLY D 224 -36.91 -48.52 -13.06
C GLY D 224 -37.07 -47.05 -13.36
N ALA D 225 -36.68 -46.13 -12.43
CA ALA D 225 -36.83 -44.70 -12.75
C ALA D 225 -36.18 -44.44 -14.09
N ASP D 226 -36.67 -43.46 -14.85
CA ASP D 226 -35.84 -43.07 -15.95
C ASP D 226 -34.64 -42.15 -15.54
N VAL D 227 -33.51 -42.39 -16.18
CA VAL D 227 -32.27 -41.71 -15.84
C VAL D 227 -31.84 -40.82 -17.02
N GLN D 228 -32.58 -40.78 -18.14
CA GLN D 228 -32.49 -39.67 -19.05
C GLN D 228 -33.73 -38.75 -19.10
N ALA D 229 -34.34 -38.51 -17.88
CA ALA D 229 -35.43 -37.58 -17.77
C ALA D 229 -34.83 -36.12 -17.76
N ALA D 230 -34.71 -35.53 -18.90
CA ALA D 230 -34.44 -34.08 -19.10
C ALA D 230 -35.21 -33.19 -18.17
N ALA D 231 -34.50 -32.26 -17.45
CA ALA D 231 -35.06 -31.04 -16.93
C ALA D 231 -34.64 -29.81 -17.73
N ASN D 232 -35.57 -29.09 -18.29
CA ASN D 232 -35.36 -28.05 -19.29
C ASN D 232 -36.19 -26.77 -19.06
N GLY D 233 -36.63 -26.53 -17.85
CA GLY D 233 -37.18 -25.17 -17.59
C GLY D 233 -36.16 -24.11 -17.80
N ASP D 234 -36.60 -22.83 -17.80
CA ASP D 234 -35.78 -21.68 -17.68
C ASP D 234 -35.04 -21.72 -16.32
N PHE D 235 -35.50 -22.53 -15.34
CA PHE D 235 -34.73 -22.70 -14.08
C PHE D 235 -33.34 -23.30 -14.29
N PHE D 236 -33.17 -24.16 -15.25
CA PHE D 236 -31.96 -25.01 -15.46
C PHE D 236 -31.04 -24.34 -16.45
N LYS D 237 -31.62 -23.67 -17.48
CA LYS D 237 -30.87 -22.79 -18.31
C LYS D 237 -30.55 -21.46 -17.55
N LYS D 238 -29.95 -20.50 -18.24
CA LYS D 238 -29.33 -19.42 -17.50
C LYS D 238 -30.33 -18.47 -16.77
N THR D 239 -29.86 -17.92 -15.61
CA THR D 239 -30.70 -17.18 -14.66
C THR D 239 -31.32 -15.91 -15.24
N LYS D 240 -32.67 -15.83 -15.36
CA LYS D 240 -33.37 -14.68 -15.96
C LYS D 240 -33.09 -13.32 -15.33
N GLY D 241 -33.20 -13.03 -13.98
CA GLY D 241 -33.10 -14.05 -12.91
C GLY D 241 -34.31 -14.85 -12.59
N ARG D 242 -34.25 -16.21 -12.78
CA ARG D 242 -35.20 -17.06 -12.12
C ARG D 242 -34.96 -17.32 -10.64
N PRO D 243 -33.77 -17.72 -10.07
CA PRO D 243 -32.69 -18.47 -10.74
C PRO D 243 -33.30 -19.79 -11.22
N GLY D 244 -32.64 -20.83 -11.83
CA GLY D 244 -31.24 -21.08 -11.69
C GLY D 244 -31.09 -22.28 -10.77
N PHE D 245 -30.20 -23.22 -10.93
CA PHE D 245 -28.94 -23.07 -11.61
C PHE D 245 -28.73 -24.10 -12.74
N TYR D 246 -27.68 -23.91 -13.56
CA TYR D 246 -27.25 -24.74 -14.66
C TYR D 246 -26.13 -25.74 -14.33
N PHE D 247 -26.51 -26.97 -13.93
CA PHE D 247 -25.67 -28.19 -14.05
C PHE D 247 -25.80 -28.88 -15.35
N GLY D 248 -26.69 -28.48 -16.24
CA GLY D 248 -26.81 -29.20 -17.44
C GLY D 248 -27.70 -30.40 -17.40
N GLU D 249 -28.83 -30.37 -16.73
CA GLU D 249 -29.97 -31.28 -17.06
C GLU D 249 -29.84 -32.75 -16.69
N LEU D 250 -28.86 -33.50 -17.19
CA LEU D 250 -29.12 -34.96 -17.23
C LEU D 250 -28.71 -35.56 -15.91
N PRO D 251 -29.43 -36.60 -15.36
CA PRO D 251 -29.41 -36.83 -13.93
C PRO D 251 -27.97 -37.16 -13.48
N LEU D 252 -27.19 -37.71 -14.41
CA LEU D 252 -25.78 -37.92 -14.20
C LEU D 252 -25.00 -36.60 -14.23
N SER D 253 -25.19 -35.72 -15.25
CA SER D 253 -24.49 -34.49 -15.18
C SER D 253 -24.86 -33.77 -13.91
N LEU D 254 -26.14 -33.86 -13.46
CA LEU D 254 -26.47 -33.43 -12.12
C LEU D 254 -25.61 -34.18 -11.15
N ALA D 255 -25.48 -35.53 -11.29
CA ALA D 255 -24.81 -36.25 -10.24
C ALA D 255 -23.38 -35.92 -10.07
N ALA D 256 -22.57 -36.00 -11.16
CA ALA D 256 -21.20 -35.57 -11.16
C ALA D 256 -21.21 -34.07 -10.79
N CYS D 257 -22.01 -33.26 -11.40
CA CYS D 257 -21.97 -31.81 -11.08
C CYS D 257 -22.28 -31.53 -9.60
N THR D 258 -22.98 -32.44 -8.91
CA THR D 258 -23.21 -32.22 -7.48
C THR D 258 -22.16 -32.98 -6.71
N ASN D 259 -20.99 -33.33 -7.28
CA ASN D 259 -19.83 -33.81 -6.57
C ASN D 259 -20.18 -35.04 -5.76
N GLN D 260 -20.80 -36.02 -6.40
CA GLN D 260 -21.16 -37.22 -5.67
C GLN D 260 -20.59 -38.45 -6.29
N LEU D 261 -19.32 -38.81 -5.94
CA LEU D 261 -18.54 -39.68 -6.80
C LEU D 261 -19.08 -41.11 -6.72
N ALA D 262 -19.79 -41.41 -5.69
CA ALA D 262 -20.28 -42.73 -5.53
C ALA D 262 -21.54 -42.89 -6.41
N ILE D 263 -22.56 -41.99 -6.35
CA ILE D 263 -23.74 -42.29 -7.18
C ILE D 263 -23.35 -42.24 -8.66
N VAL D 264 -22.52 -41.28 -9.05
CA VAL D 264 -22.13 -41.36 -10.47
C VAL D 264 -21.55 -42.71 -10.83
N LYS D 265 -20.74 -43.25 -9.99
CA LYS D 265 -20.32 -44.64 -10.17
C LYS D 265 -21.50 -45.54 -10.18
N PHE D 266 -22.51 -45.32 -9.37
CA PHE D 266 -23.62 -46.22 -9.35
C PHE D 266 -24.35 -46.08 -10.66
N LEU D 267 -24.84 -44.92 -11.07
CA LEU D 267 -25.76 -44.77 -12.18
C LEU D 267 -25.10 -45.39 -13.43
N LEU D 268 -23.79 -45.34 -13.55
CA LEU D 268 -23.14 -45.84 -14.78
C LEU D 268 -22.88 -47.34 -14.57
N GLN D 269 -22.42 -47.78 -13.41
CA GLN D 269 -21.92 -49.15 -13.27
C GLN D 269 -23.01 -50.01 -12.69
N ASN D 270 -24.24 -49.51 -12.68
CA ASN D 270 -25.35 -50.30 -12.18
C ASN D 270 -25.86 -51.30 -13.19
N SER D 271 -27.00 -51.97 -12.87
CA SER D 271 -27.55 -52.99 -13.80
C SER D 271 -28.73 -52.52 -14.69
N TRP D 272 -29.74 -51.90 -14.12
CA TRP D 272 -31.05 -51.82 -14.64
C TRP D 272 -31.01 -50.90 -15.90
N GLN D 273 -30.40 -49.73 -15.83
CA GLN D 273 -29.87 -49.07 -17.03
C GLN D 273 -28.66 -48.25 -16.69
N PRO D 274 -27.49 -48.71 -17.09
CA PRO D 274 -26.32 -47.87 -16.85
C PRO D 274 -26.51 -46.53 -17.55
N ALA D 275 -26.12 -45.41 -16.90
CA ALA D 275 -26.45 -44.11 -17.54
C ALA D 275 -25.59 -43.96 -18.76
N ASP D 276 -26.20 -43.56 -19.92
CA ASP D 276 -25.30 -43.31 -21.06
C ASP D 276 -24.48 -42.10 -20.85
N ILE D 277 -23.23 -42.05 -21.38
CA ILE D 277 -22.27 -41.03 -20.94
C ILE D 277 -22.26 -39.83 -21.91
N SER D 278 -22.62 -39.99 -23.22
CA SER D 278 -22.45 -38.98 -24.24
C SER D 278 -23.70 -38.24 -24.60
N ALA D 279 -24.67 -38.27 -23.72
CA ALA D 279 -25.99 -37.66 -24.00
C ALA D 279 -25.92 -36.12 -23.94
N ARG D 280 -25.97 -35.48 -25.09
CA ARG D 280 -25.81 -34.03 -24.96
C ARG D 280 -27.10 -33.33 -24.48
N ASP D 281 -26.96 -32.33 -23.64
CA ASP D 281 -28.05 -31.46 -23.19
C ASP D 281 -28.61 -30.64 -24.38
N SER D 282 -29.77 -30.02 -24.24
CA SER D 282 -30.30 -29.07 -25.16
C SER D 282 -29.33 -27.94 -25.56
N VAL D 283 -28.34 -27.57 -24.72
CA VAL D 283 -27.31 -26.63 -25.18
C VAL D 283 -26.15 -27.39 -25.77
N GLY D 284 -26.32 -28.74 -25.95
CA GLY D 284 -25.23 -29.60 -26.34
C GLY D 284 -24.40 -30.08 -25.19
N ASN D 285 -24.58 -29.60 -23.97
CA ASN D 285 -23.54 -29.90 -22.98
C ASN D 285 -23.60 -31.28 -22.49
N THR D 286 -22.55 -32.05 -22.75
CA THR D 286 -22.19 -33.31 -22.12
C THR D 286 -21.82 -33.06 -20.66
N VAL D 287 -21.84 -34.05 -19.79
CA VAL D 287 -21.39 -33.89 -18.43
C VAL D 287 -20.04 -33.14 -18.40
N LEU D 288 -19.14 -33.46 -19.31
CA LEU D 288 -17.85 -32.75 -19.28
C LEU D 288 -18.12 -31.27 -19.47
N HIS D 289 -18.97 -30.92 -20.39
CA HIS D 289 -19.26 -29.52 -20.68
C HIS D 289 -19.92 -28.88 -19.44
N ALA D 290 -20.57 -29.71 -18.65
CA ALA D 290 -21.25 -29.27 -17.45
C ALA D 290 -20.27 -29.11 -16.30
N LEU D 291 -19.46 -30.05 -15.96
CA LEU D 291 -18.34 -29.86 -15.03
C LEU D 291 -17.62 -28.53 -15.27
N VAL D 292 -17.15 -28.31 -16.48
CA VAL D 292 -16.34 -27.15 -16.75
C VAL D 292 -17.13 -25.88 -16.60
N GLU D 293 -18.46 -25.94 -16.91
CA GLU D 293 -19.39 -24.84 -16.83
C GLU D 293 -19.55 -24.37 -15.40
N VAL D 294 -19.12 -25.18 -14.45
CA VAL D 294 -19.44 -25.06 -13.05
C VAL D 294 -18.17 -24.89 -12.21
N ALA D 295 -17.04 -25.10 -12.86
CA ALA D 295 -15.75 -24.60 -12.27
C ALA D 295 -15.69 -23.11 -12.18
N ASP D 296 -15.08 -22.56 -11.11
CA ASP D 296 -15.21 -21.10 -10.88
C ASP D 296 -13.87 -20.54 -10.38
N ASN D 297 -12.80 -21.35 -10.51
CA ASN D 297 -11.46 -20.93 -10.20
C ASN D 297 -11.19 -20.66 -8.73
N THR D 298 -11.99 -21.23 -7.88
CA THR D 298 -11.57 -21.41 -6.47
C THR D 298 -10.78 -22.68 -6.21
N VAL D 299 -9.87 -22.73 -5.22
CA VAL D 299 -8.83 -23.72 -5.08
C VAL D 299 -9.46 -25.11 -4.72
N ASP D 300 -10.51 -25.18 -3.86
CA ASP D 300 -11.26 -26.38 -3.63
C ASP D 300 -12.13 -26.69 -4.80
N ASN D 301 -12.76 -25.64 -5.46
CA ASN D 301 -13.64 -26.06 -6.51
C ASN D 301 -12.96 -26.53 -7.73
N THR D 302 -11.78 -26.04 -8.09
CA THR D 302 -10.86 -26.73 -8.95
C THR D 302 -10.70 -28.11 -8.36
N LYS D 303 -10.53 -28.23 -7.02
CA LYS D 303 -9.95 -29.46 -6.57
C LYS D 303 -10.88 -30.62 -6.85
N PHE D 304 -12.24 -30.45 -6.79
CA PHE D 304 -13.18 -31.51 -7.00
C PHE D 304 -13.72 -31.60 -8.47
N VAL D 305 -13.84 -30.49 -9.24
CA VAL D 305 -14.41 -30.74 -10.60
C VAL D 305 -13.34 -31.42 -11.46
N THR D 306 -12.06 -30.98 -11.25
CA THR D 306 -10.91 -31.52 -11.96
C THR D 306 -10.87 -33.02 -11.75
N SER D 307 -11.14 -33.51 -10.59
CA SER D 307 -10.80 -34.85 -10.29
C SER D 307 -12.02 -35.77 -10.62
N MET D 308 -13.22 -35.29 -10.41
CA MET D 308 -14.38 -35.94 -10.92
C MET D 308 -14.46 -35.92 -12.41
N TYR D 309 -13.80 -35.06 -13.10
CA TYR D 309 -13.43 -35.14 -14.52
C TYR D 309 -12.44 -36.22 -14.69
N ASN D 310 -11.34 -36.18 -13.89
CA ASN D 310 -10.29 -37.22 -14.00
C ASN D 310 -10.96 -38.60 -13.94
N GLU D 311 -11.96 -38.71 -13.07
CA GLU D 311 -12.67 -39.91 -12.73
C GLU D 311 -13.51 -40.36 -13.88
N ILE D 312 -14.36 -39.49 -14.42
CA ILE D 312 -15.21 -40.03 -15.54
C ILE D 312 -14.35 -40.52 -16.67
N LEU D 313 -13.19 -39.93 -16.93
CA LEU D 313 -12.39 -40.36 -18.04
C LEU D 313 -11.71 -41.72 -17.83
N ILE D 314 -11.04 -41.98 -16.72
CA ILE D 314 -10.56 -43.29 -16.36
C ILE D 314 -11.62 -44.36 -16.54
N LEU D 315 -12.82 -44.07 -16.08
CA LEU D 315 -13.99 -44.90 -16.26
C LEU D 315 -14.46 -44.97 -17.71
N GLY D 316 -14.51 -43.93 -18.46
CA GLY D 316 -15.06 -44.00 -19.82
C GLY D 316 -14.10 -44.82 -20.67
N ALA D 317 -12.80 -44.70 -20.44
CA ALA D 317 -11.78 -45.59 -20.92
C ALA D 317 -12.04 -46.99 -20.33
N LYS D 318 -12.45 -47.14 -19.11
CA LYS D 318 -12.66 -48.45 -18.57
C LYS D 318 -13.82 -49.16 -19.32
N LEU D 319 -14.83 -48.43 -19.91
CA LEU D 319 -16.11 -49.09 -20.23
C LEU D 319 -16.41 -49.11 -21.74
N HIS D 320 -16.46 -47.96 -22.34
CA HIS D 320 -16.89 -47.84 -23.71
C HIS D 320 -15.77 -47.16 -24.50
N PRO D 321 -14.60 -47.79 -24.50
CA PRO D 321 -13.30 -47.10 -24.72
C PRO D 321 -13.19 -46.55 -26.10
N THR D 322 -13.90 -47.13 -27.01
CA THR D 322 -13.95 -46.65 -28.41
C THR D 322 -14.48 -45.20 -28.40
N LEU D 323 -15.29 -44.76 -27.40
CA LEU D 323 -15.91 -43.46 -27.42
C LEU D 323 -14.95 -42.38 -26.97
N LYS D 324 -14.21 -41.77 -27.97
CA LYS D 324 -13.35 -40.66 -27.66
C LYS D 324 -14.16 -39.50 -27.05
N LEU D 325 -13.93 -39.15 -25.75
CA LEU D 325 -15.04 -38.51 -25.09
C LEU D 325 -14.71 -37.01 -24.84
N GLU D 326 -13.48 -36.58 -24.92
CA GLU D 326 -13.21 -35.16 -24.95
C GLU D 326 -13.25 -34.62 -26.38
N GLU D 327 -13.72 -35.43 -27.34
CA GLU D 327 -14.14 -34.89 -28.63
C GLU D 327 -15.62 -34.45 -28.66
N ILE D 328 -16.47 -34.80 -27.74
CA ILE D 328 -17.90 -34.54 -28.01
C ILE D 328 -18.19 -33.08 -27.96
N THR D 329 -18.54 -32.44 -29.04
CA THR D 329 -18.70 -30.96 -29.14
C THR D 329 -20.10 -30.60 -28.61
N ASN D 330 -20.31 -29.37 -28.03
CA ASN D 330 -21.64 -28.93 -27.71
C ASN D 330 -22.26 -28.29 -28.93
N ARG D 331 -23.40 -27.60 -28.77
CA ARG D 331 -24.20 -27.15 -29.89
C ARG D 331 -23.37 -26.17 -30.77
N LYS D 332 -22.36 -25.58 -30.10
CA LYS D 332 -21.72 -24.36 -30.61
C LYS D 332 -20.29 -24.75 -31.01
N GLY D 333 -20.02 -26.04 -31.16
CA GLY D 333 -18.80 -26.47 -31.79
C GLY D 333 -17.68 -26.54 -30.80
N LEU D 334 -17.98 -26.42 -29.47
CA LEU D 334 -16.86 -26.37 -28.50
C LEU D 334 -16.63 -27.80 -27.98
N THR D 335 -15.39 -28.28 -27.99
CA THR D 335 -14.92 -29.36 -27.16
C THR D 335 -14.96 -28.87 -25.67
N PRO D 336 -14.91 -29.81 -24.70
CA PRO D 336 -15.19 -29.44 -23.29
C PRO D 336 -14.14 -28.42 -22.85
N LEU D 337 -12.94 -28.67 -23.26
CA LEU D 337 -11.91 -27.63 -23.22
C LEU D 337 -12.17 -26.38 -24.02
N ALA D 338 -12.52 -26.43 -25.30
CA ALA D 338 -12.68 -25.18 -26.01
C ALA D 338 -13.81 -24.38 -25.30
N LEU D 339 -14.65 -25.05 -24.55
CA LEU D 339 -15.51 -24.40 -23.59
C LEU D 339 -14.80 -23.93 -22.35
N ALA D 340 -13.80 -24.60 -21.73
CA ALA D 340 -13.13 -23.94 -20.57
C ALA D 340 -12.55 -22.57 -20.96
N ALA D 341 -11.65 -22.58 -21.93
CA ALA D 341 -10.77 -21.46 -22.27
C ALA D 341 -11.54 -20.30 -22.82
N SER D 342 -12.70 -20.61 -23.46
CA SER D 342 -13.66 -19.65 -23.95
C SER D 342 -14.26 -18.96 -22.71
N SER D 343 -14.16 -19.56 -21.55
CA SER D 343 -14.65 -18.91 -20.31
C SER D 343 -13.68 -18.83 -19.18
N GLY D 344 -12.39 -18.86 -19.46
CA GLY D 344 -11.44 -18.30 -18.46
C GLY D 344 -11.51 -19.17 -17.22
N LYS D 345 -11.88 -20.40 -17.35
CA LYS D 345 -11.89 -21.35 -16.24
C LYS D 345 -10.44 -21.84 -16.05
N ILE D 346 -9.62 -21.08 -15.38
CA ILE D 346 -8.19 -21.21 -15.58
C ILE D 346 -7.58 -22.40 -14.75
N GLY D 347 -8.22 -22.84 -13.69
CA GLY D 347 -7.85 -24.17 -13.10
C GLY D 347 -8.13 -25.39 -13.93
N VAL D 348 -9.23 -25.46 -14.71
CA VAL D 348 -9.54 -26.69 -15.44
C VAL D 348 -8.87 -26.72 -16.86
N LEU D 349 -8.65 -25.55 -17.42
CA LEU D 349 -7.68 -25.37 -18.47
C LEU D 349 -6.31 -25.86 -18.06
N ALA D 350 -5.75 -25.42 -16.98
CA ALA D 350 -4.35 -25.66 -16.70
C ALA D 350 -4.18 -27.12 -16.41
N TYR D 351 -5.24 -27.75 -15.98
CA TYR D 351 -5.34 -29.23 -15.76
C TYR D 351 -5.43 -30.09 -16.99
N ILE D 352 -6.40 -29.82 -17.84
CA ILE D 352 -6.75 -30.90 -18.73
C ILE D 352 -5.67 -31.03 -19.77
N LEU D 353 -4.86 -29.96 -19.94
CA LEU D 353 -3.69 -30.04 -20.82
C LEU D 353 -2.51 -30.53 -19.98
N GLN D 354 -2.40 -30.20 -18.71
CA GLN D 354 -1.24 -30.59 -17.93
C GLN D 354 -1.27 -32.09 -17.63
N ARG D 355 -2.46 -32.73 -17.76
CA ARG D 355 -2.64 -33.98 -16.99
C ARG D 355 -1.96 -35.21 -17.69
N GLU D 356 -1.49 -36.10 -16.87
CA GLU D 356 -1.35 -37.50 -17.34
C GLU D 356 -1.64 -38.45 -16.25
N ILE D 357 -2.59 -39.42 -16.47
CA ILE D 357 -2.66 -40.57 -15.63
C ILE D 357 -1.56 -41.60 -15.91
N HIS D 358 -0.77 -42.02 -14.87
CA HIS D 358 -0.10 -43.29 -14.88
C HIS D 358 -1.01 -44.41 -14.34
N GLU D 359 -1.15 -45.51 -15.10
CA GLU D 359 -2.04 -46.64 -14.89
C GLU D 359 -1.95 -47.59 -16.10
N PRO D 360 -2.45 -48.84 -16.05
CA PRO D 360 -2.82 -49.49 -17.35
C PRO D 360 -4.00 -48.86 -18.05
N GLU D 361 -4.03 -48.78 -19.40
CA GLU D 361 -5.11 -48.04 -20.08
C GLU D 361 -5.22 -46.56 -19.64
N CYS D 362 -4.17 -46.03 -19.13
CA CYS D 362 -4.10 -44.62 -18.67
C CYS D 362 -3.90 -43.71 -19.86
N ARG D 363 -3.20 -44.25 -20.90
CA ARG D 363 -2.52 -43.35 -21.80
C ARG D 363 -3.41 -42.82 -22.85
N HIS D 364 -4.38 -43.68 -23.23
CA HIS D 364 -5.45 -43.12 -24.08
C HIS D 364 -6.07 -41.99 -23.33
N LEU D 365 -6.06 -41.96 -21.95
CA LEU D 365 -6.67 -40.89 -21.15
C LEU D 365 -5.77 -39.64 -21.24
N SER D 366 -4.47 -39.80 -21.36
CA SER D 366 -3.52 -38.70 -20.94
C SER D 366 -3.00 -37.79 -22.07
N ARG D 367 -2.31 -36.74 -21.67
CA ARG D 367 -1.99 -35.60 -22.52
C ARG D 367 -0.52 -35.45 -22.76
N LYS D 368 0.27 -35.32 -21.65
CA LYS D 368 1.57 -34.66 -21.71
C LYS D 368 2.53 -35.54 -20.97
N PHE D 369 3.11 -36.54 -21.66
CA PHE D 369 3.86 -37.51 -20.93
C PHE D 369 5.21 -36.92 -20.54
N THR D 370 5.82 -37.33 -19.45
CA THR D 370 7.19 -36.92 -19.09
C THR D 370 8.19 -37.89 -19.80
N GLU D 371 8.99 -37.43 -20.80
CA GLU D 371 9.93 -38.29 -21.49
C GLU D 371 11.08 -38.71 -20.64
N TRP D 372 11.78 -37.79 -19.91
CA TRP D 372 12.91 -38.16 -19.06
C TRP D 372 13.04 -37.10 -17.92
N ALA D 373 12.79 -37.48 -16.68
CA ALA D 373 13.28 -36.70 -15.57
C ALA D 373 14.80 -36.94 -15.35
N TYR D 374 15.62 -35.85 -15.51
CA TYR D 374 16.90 -35.96 -14.81
C TYR D 374 16.81 -35.32 -13.45
N GLY D 375 17.83 -35.29 -12.65
CA GLY D 375 17.65 -35.11 -11.21
C GLY D 375 16.83 -33.87 -10.87
N PRO D 376 17.10 -32.70 -11.40
CA PRO D 376 16.29 -31.52 -11.00
C PRO D 376 15.16 -31.20 -11.91
N VAL D 377 14.99 -31.98 -12.97
CA VAL D 377 14.26 -31.45 -14.15
C VAL D 377 13.08 -32.30 -14.54
N HIS D 378 12.46 -31.92 -15.68
CA HIS D 378 11.57 -32.83 -16.38
C HIS D 378 11.35 -32.31 -17.77
N SER D 379 11.56 -33.16 -18.79
CA SER D 379 10.91 -32.95 -20.03
C SER D 379 9.55 -33.49 -20.08
N SER D 380 8.67 -32.97 -20.95
CA SER D 380 7.34 -33.51 -21.26
C SER D 380 7.09 -33.46 -22.78
N LEU D 381 6.20 -34.21 -23.31
CA LEU D 381 5.82 -34.06 -24.73
C LEU D 381 4.35 -33.75 -24.78
N TYR D 382 3.99 -32.48 -24.94
CA TYR D 382 2.58 -32.03 -24.86
C TYR D 382 1.89 -32.36 -26.16
N ASP D 383 0.53 -32.44 -26.34
CA ASP D 383 0.02 -33.22 -27.39
C ASP D 383 0.26 -32.70 -28.82
N LEU D 384 -0.11 -31.48 -29.26
CA LEU D 384 -1.19 -30.70 -28.68
C LEU D 384 -2.31 -30.58 -29.69
N SER D 385 -3.56 -30.57 -29.18
CA SER D 385 -4.74 -30.33 -30.01
C SER D 385 -4.92 -28.88 -30.41
N CYS D 386 -4.40 -27.90 -29.62
CA CYS D 386 -4.90 -26.53 -29.71
C CYS D 386 -4.32 -25.71 -30.90
N ILE D 387 -2.98 -25.56 -30.90
CA ILE D 387 -2.41 -24.70 -31.96
C ILE D 387 -2.70 -25.29 -33.35
N ASP D 388 -2.94 -26.61 -33.40
CA ASP D 388 -3.13 -27.39 -34.63
C ASP D 388 -4.50 -27.98 -34.76
N THR D 389 -5.46 -27.65 -33.91
CA THR D 389 -6.83 -27.77 -34.30
C THR D 389 -7.25 -26.42 -34.96
N CYS D 390 -6.49 -25.94 -35.97
CA CYS D 390 -6.82 -24.68 -36.58
C CYS D 390 -8.13 -24.83 -37.40
N GLU D 391 -8.57 -26.05 -37.60
CA GLU D 391 -9.84 -26.39 -38.23
C GLU D 391 -11.05 -25.79 -37.56
N LYS D 392 -11.22 -25.86 -36.22
CA LYS D 392 -12.55 -25.70 -35.70
C LYS D 392 -12.60 -24.53 -34.69
N ASN D 393 -12.27 -24.75 -33.39
CA ASN D 393 -12.07 -23.61 -32.47
C ASN D 393 -10.85 -23.90 -31.67
N SER D 394 -9.68 -23.50 -32.22
CA SER D 394 -8.51 -23.70 -31.41
C SER D 394 -8.70 -23.15 -30.02
N VAL D 395 -8.19 -23.85 -28.99
CA VAL D 395 -8.02 -23.16 -27.73
C VAL D 395 -7.39 -21.80 -27.95
N LEU D 396 -6.20 -21.82 -28.66
CA LEU D 396 -5.54 -20.56 -28.86
C LEU D 396 -6.55 -19.60 -29.49
N GLU D 397 -7.05 -19.88 -30.64
CA GLU D 397 -8.08 -19.01 -31.28
C GLU D 397 -9.20 -18.64 -30.34
N VAL D 398 -9.58 -19.46 -29.34
CA VAL D 398 -10.65 -19.12 -28.41
C VAL D 398 -10.22 -18.33 -27.20
N ILE D 399 -8.98 -18.48 -26.70
CA ILE D 399 -8.38 -17.59 -25.65
C ILE D 399 -7.49 -16.57 -26.33
N ALA D 400 -7.66 -16.43 -27.65
CA ALA D 400 -6.91 -15.44 -28.52
C ALA D 400 -7.99 -14.39 -29.01
N TYR D 401 -9.20 -14.80 -29.23
CA TYR D 401 -10.42 -14.05 -29.19
C TYR D 401 -11.26 -14.60 -28.04
N SER D 402 -11.10 -14.32 -26.73
CA SER D 402 -10.46 -13.10 -26.15
C SER D 402 -11.33 -11.94 -26.45
N SER D 403 -12.61 -12.19 -26.46
CA SER D 403 -13.48 -11.01 -26.18
C SER D 403 -13.10 -10.54 -24.75
N SER D 404 -12.55 -11.48 -23.93
CA SER D 404 -11.69 -11.23 -22.80
C SER D 404 -12.44 -10.42 -21.84
N GLU D 405 -13.73 -10.45 -21.93
CA GLU D 405 -14.69 -9.88 -20.97
C GLU D 405 -14.82 -10.88 -19.80
N THR D 406 -14.18 -12.01 -19.81
CA THR D 406 -13.88 -12.68 -18.59
C THR D 406 -12.49 -12.22 -18.13
N PRO D 407 -12.36 -11.52 -16.97
CA PRO D 407 -11.10 -11.06 -16.43
C PRO D 407 -10.19 -12.22 -16.13
N ASN D 408 -10.79 -13.44 -15.98
CA ASN D 408 -10.01 -14.62 -15.76
C ASN D 408 -9.01 -14.89 -16.90
N ARG D 409 -9.35 -14.42 -18.12
CA ARG D 409 -8.73 -14.96 -19.33
C ARG D 409 -7.24 -14.56 -19.41
N HIS D 410 -6.89 -13.26 -19.19
CA HIS D 410 -5.53 -12.87 -19.68
C HIS D 410 -4.47 -13.60 -18.95
N ASP D 411 -4.76 -13.96 -17.68
CA ASP D 411 -3.81 -14.74 -16.95
C ASP D 411 -3.56 -16.06 -17.55
N MET D 412 -4.59 -16.56 -18.31
CA MET D 412 -4.73 -17.97 -18.71
C MET D 412 -4.23 -18.18 -20.15
N LEU D 413 -3.43 -17.24 -20.68
CA LEU D 413 -2.52 -17.52 -21.80
C LEU D 413 -1.16 -17.91 -21.20
N LEU D 414 -1.09 -18.47 -19.99
CA LEU D 414 0.16 -18.41 -19.27
C LEU D 414 0.97 -19.72 -19.33
N VAL D 415 0.90 -20.71 -18.42
CA VAL D 415 2.07 -21.56 -18.30
C VAL D 415 1.93 -22.94 -19.00
N GLU D 416 0.85 -23.65 -18.93
CA GLU D 416 1.03 -25.11 -19.12
C GLU D 416 1.48 -25.57 -20.49
N PRO D 417 0.69 -25.52 -21.56
CA PRO D 417 1.19 -25.95 -22.86
C PRO D 417 1.51 -24.80 -23.81
N LEU D 418 1.22 -23.57 -23.36
CA LEU D 418 0.99 -22.57 -24.38
C LEU D 418 1.88 -21.35 -24.27
N ASN D 419 2.38 -20.89 -23.13
CA ASN D 419 3.41 -19.91 -23.20
C ASN D 419 4.55 -20.47 -23.96
N ARG D 420 5.03 -21.66 -23.59
CA ARG D 420 6.36 -22.04 -24.04
C ARG D 420 6.29 -22.24 -25.57
N LEU D 421 5.05 -22.43 -26.03
CA LEU D 421 4.74 -22.58 -27.44
C LEU D 421 4.54 -21.25 -28.16
N LEU D 422 3.73 -20.30 -27.61
CA LEU D 422 3.67 -19.01 -28.31
C LEU D 422 4.95 -18.20 -28.11
N GLN D 423 5.72 -18.50 -27.09
CA GLN D 423 7.07 -18.04 -27.21
C GLN D 423 7.77 -18.66 -28.44
N ASP D 424 7.52 -19.92 -28.69
CA ASP D 424 8.19 -20.68 -29.73
C ASP D 424 7.72 -20.30 -31.14
N LYS D 425 6.42 -20.01 -31.38
CA LYS D 425 6.13 -19.46 -32.71
C LYS D 425 6.89 -18.19 -32.95
N TRP D 426 7.09 -17.37 -31.90
CA TRP D 426 7.56 -16.03 -32.12
C TRP D 426 9.02 -16.14 -32.50
N ASP D 427 9.75 -17.05 -31.91
CA ASP D 427 11.09 -17.36 -32.25
C ASP D 427 11.28 -17.85 -33.62
N ARG D 428 10.39 -18.80 -34.05
CA ARG D 428 10.77 -19.50 -35.28
C ARG D 428 10.48 -18.68 -36.53
N PHE D 429 9.20 -18.32 -36.74
CA PHE D 429 8.82 -17.66 -37.95
C PHE D 429 8.09 -16.39 -37.72
N VAL D 430 7.38 -16.21 -36.58
CA VAL D 430 6.47 -15.06 -36.63
C VAL D 430 7.26 -13.73 -36.55
N LYS D 431 8.31 -13.63 -35.78
CA LYS D 431 8.80 -12.25 -35.48
C LYS D 431 9.45 -11.64 -36.74
N ARG D 432 10.18 -12.51 -37.54
CA ARG D 432 10.68 -12.15 -38.82
C ARG D 432 9.57 -11.63 -39.76
N ILE D 433 8.45 -12.35 -39.81
CA ILE D 433 7.35 -11.75 -40.62
C ILE D 433 6.73 -10.56 -39.94
N PHE D 434 6.72 -10.51 -38.59
CA PHE D 434 6.24 -9.28 -38.00
C PHE D 434 7.09 -8.04 -38.40
N TYR D 435 8.44 -8.11 -38.29
CA TYR D 435 9.17 -6.84 -38.45
C TYR D 435 9.21 -6.46 -39.89
N PHE D 436 9.10 -7.48 -40.77
CA PHE D 436 8.93 -7.07 -42.18
C PHE D 436 7.60 -6.33 -42.36
N ASN D 437 6.53 -6.82 -41.74
CA ASN D 437 5.22 -6.27 -41.95
C ASN D 437 5.14 -4.85 -41.30
N PHE D 438 6.11 -4.53 -40.47
CA PHE D 438 6.28 -3.23 -39.86
C PHE D 438 7.05 -2.26 -40.70
N PHE D 439 8.30 -2.66 -41.08
CA PHE D 439 9.09 -1.88 -41.96
C PHE D 439 8.33 -1.57 -43.21
N VAL D 440 7.53 -2.52 -43.79
CA VAL D 440 6.79 -2.15 -44.95
C VAL D 440 5.75 -1.06 -44.59
N TYR D 441 5.15 -1.05 -43.45
CA TYR D 441 4.33 0.10 -42.99
C TYR D 441 5.13 1.37 -42.84
N CYS D 442 6.30 1.38 -42.24
CA CYS D 442 7.04 2.62 -42.08
C CYS D 442 7.23 3.31 -43.46
N LEU D 443 7.62 2.56 -44.47
CA LEU D 443 7.93 3.20 -45.75
C LEU D 443 6.63 3.62 -46.40
N TYR D 444 5.48 2.83 -46.24
CA TYR D 444 4.17 3.35 -46.51
C TYR D 444 3.95 4.67 -45.82
N MET D 445 4.32 4.83 -44.55
CA MET D 445 4.24 6.15 -43.94
C MET D 445 5.18 7.20 -44.53
N ILE D 446 6.44 6.92 -44.83
CA ILE D 446 7.21 8.00 -45.42
C ILE D 446 6.68 8.38 -46.79
N ILE D 447 6.36 7.44 -47.62
CA ILE D 447 5.90 7.76 -48.92
C ILE D 447 4.59 8.47 -48.90
N PHE D 448 3.83 8.28 -47.82
CA PHE D 448 2.60 9.05 -47.62
C PHE D 448 2.84 10.46 -47.10
N THR D 449 3.72 10.67 -46.10
CA THR D 449 4.29 11.97 -45.81
C THR D 449 4.74 12.66 -47.08
N ALA D 450 5.56 12.04 -47.86
CA ALA D 450 6.38 12.78 -48.88
C ALA D 450 5.42 13.37 -49.92
N ALA D 451 4.39 12.55 -50.31
CA ALA D 451 3.27 13.05 -51.15
C ALA D 451 2.51 14.16 -50.53
N ALA D 452 2.17 14.00 -49.22
CA ALA D 452 1.31 15.07 -48.59
C ALA D 452 2.13 16.31 -48.46
N TYR D 453 3.43 16.23 -48.54
CA TYR D 453 4.29 17.30 -48.13
C TYR D 453 4.72 18.16 -49.35
N TYR D 454 4.94 17.51 -50.53
CA TYR D 454 5.29 18.22 -51.76
C TYR D 454 4.14 18.34 -52.72
N ARG D 455 2.89 18.46 -52.18
CA ARG D 455 1.71 18.65 -53.00
C ARG D 455 1.60 20.11 -53.55
N PRO D 456 0.75 20.32 -54.63
CA PRO D 456 0.73 21.64 -55.21
C PRO D 456 -0.24 22.63 -54.57
N VAL D 457 -0.20 23.91 -55.06
CA VAL D 457 -1.08 24.96 -54.57
C VAL D 457 -2.07 25.35 -55.69
N GLU D 458 -1.91 24.89 -56.96
CA GLU D 458 -2.82 25.32 -58.01
C GLU D 458 -4.22 24.87 -57.64
N GLY D 459 -5.28 25.67 -57.84
CA GLY D 459 -6.57 25.40 -57.29
C GLY D 459 -7.23 24.27 -58.08
N LEU D 460 -8.26 23.65 -57.60
CA LEU D 460 -9.08 22.67 -58.30
C LEU D 460 -8.25 21.48 -58.79
N PRO D 461 -7.57 20.69 -57.89
CA PRO D 461 -6.46 19.93 -58.42
C PRO D 461 -6.84 18.60 -59.05
N PRO D 462 -6.11 18.03 -60.07
CA PRO D 462 -4.71 18.39 -60.18
C PRO D 462 -4.58 19.59 -61.11
N TYR D 463 -5.26 19.73 -62.23
CA TYR D 463 -5.80 18.61 -62.98
C TYR D 463 -4.78 18.22 -64.08
N LYS D 464 -4.39 16.96 -64.16
CA LYS D 464 -3.19 16.53 -64.93
C LYS D 464 -1.86 16.91 -64.30
N LEU D 465 -0.76 16.33 -64.89
CA LEU D 465 0.54 16.11 -64.21
C LEU D 465 1.66 15.72 -65.20
N LYS D 466 2.84 15.37 -64.65
CA LYS D 466 3.96 14.77 -65.40
C LYS D 466 4.78 15.71 -66.25
N ASN D 467 4.63 17.04 -66.14
CA ASN D 467 5.81 17.82 -66.54
C ASN D 467 6.99 17.27 -65.70
N THR D 468 8.05 16.86 -66.39
CA THR D 468 9.33 16.45 -65.88
C THR D 468 9.28 15.36 -64.80
N VAL D 469 9.95 15.50 -63.61
CA VAL D 469 10.33 14.26 -62.90
C VAL D 469 9.81 14.14 -61.52
N GLY D 470 9.93 15.16 -60.66
CA GLY D 470 9.36 15.06 -59.30
C GLY D 470 7.87 14.87 -59.42
N ASP D 471 7.24 15.46 -60.47
CA ASP D 471 5.86 15.16 -60.75
C ASP D 471 5.62 13.65 -60.88
N TYR D 472 6.58 12.96 -61.57
CA TYR D 472 6.59 11.48 -61.63
C TYR D 472 6.72 10.78 -60.32
N PHE D 473 7.65 11.24 -59.46
CA PHE D 473 7.90 10.60 -58.19
C PHE D 473 6.79 10.83 -57.22
N ARG D 474 6.31 12.10 -57.06
CA ARG D 474 5.12 12.39 -56.22
C ARG D 474 3.91 11.58 -56.73
N VAL D 475 3.63 11.71 -58.02
CA VAL D 475 2.32 11.20 -58.41
C VAL D 475 2.21 9.71 -58.21
N THR D 476 3.30 8.95 -58.39
CA THR D 476 3.39 7.58 -57.96
C THR D 476 3.13 7.52 -56.45
N GLY D 477 3.74 8.43 -55.62
CA GLY D 477 3.40 8.44 -54.22
C GLY D 477 2.01 8.81 -53.82
N GLU D 478 1.28 9.67 -54.57
CA GLU D 478 -0.12 9.84 -54.21
C GLU D 478 -0.83 8.53 -54.51
N ILE D 479 -0.25 7.67 -55.36
CA ILE D 479 -0.81 6.32 -55.56
C ILE D 479 -0.30 5.28 -54.61
N LEU D 480 0.97 5.18 -54.26
CA LEU D 480 1.36 4.06 -53.36
C LEU D 480 0.60 4.19 -52.08
N SER D 481 0.29 5.45 -51.68
CA SER D 481 -0.62 5.73 -50.59
C SER D 481 -2.01 5.15 -50.70
N VAL D 482 -2.80 5.53 -51.73
CA VAL D 482 -4.24 5.32 -51.60
C VAL D 482 -4.54 3.84 -51.72
N SER D 483 -3.64 3.11 -52.44
CA SER D 483 -3.49 1.70 -52.38
C SER D 483 -3.29 1.20 -50.96
N GLY D 484 -2.39 1.79 -50.19
CA GLY D 484 -2.29 1.37 -48.78
C GLY D 484 -3.51 1.81 -47.98
N GLY D 485 -4.20 2.86 -48.35
CA GLY D 485 -5.44 3.21 -47.66
C GLY D 485 -6.58 2.23 -47.91
N VAL D 486 -6.88 1.93 -49.20
CA VAL D 486 -7.85 0.85 -49.46
C VAL D 486 -7.37 -0.43 -48.81
N TYR D 487 -6.05 -0.67 -48.65
CA TYR D 487 -5.57 -1.92 -48.12
C TYR D 487 -6.03 -2.16 -46.71
N PHE D 488 -5.84 -1.13 -45.86
CA PHE D 488 -6.48 -1.13 -44.53
C PHE D 488 -8.03 -1.20 -44.58
N PHE D 489 -8.68 -0.35 -45.34
CA PHE D 489 -10.15 -0.40 -45.44
C PHE D 489 -10.53 -1.81 -45.80
N PHE D 490 -9.72 -2.53 -46.60
CA PHE D 490 -9.93 -3.92 -46.90
C PHE D 490 -9.63 -4.93 -45.77
N ARG D 491 -8.42 -4.93 -45.14
CA ARG D 491 -7.99 -5.82 -44.13
C ARG D 491 -8.86 -5.64 -42.91
N GLY D 492 -9.27 -4.39 -42.64
CA GLY D 492 -10.16 -4.09 -41.59
C GLY D 492 -11.63 -4.45 -41.84
N ILE D 493 -12.17 -4.28 -43.02
CA ILE D 493 -13.57 -4.81 -43.18
C ILE D 493 -13.63 -6.35 -43.06
N GLN D 494 -12.54 -7.02 -43.54
CA GLN D 494 -12.49 -8.42 -43.22
C GLN D 494 -12.51 -8.70 -41.69
N TYR D 495 -11.71 -7.97 -40.94
CA TYR D 495 -11.72 -8.08 -39.46
C TYR D 495 -13.13 -7.93 -38.96
N PHE D 496 -13.81 -6.78 -39.35
CA PHE D 496 -15.17 -6.61 -38.99
C PHE D 496 -15.99 -7.80 -39.39
N LEU D 497 -15.61 -8.56 -40.38
CA LEU D 497 -16.30 -9.78 -40.84
C LEU D 497 -15.95 -11.03 -40.01
N GLN D 498 -14.68 -11.25 -39.74
CA GLN D 498 -14.38 -12.59 -39.20
C GLN D 498 -14.85 -12.78 -37.76
N ARG D 499 -14.82 -11.66 -37.06
CA ARG D 499 -15.44 -11.51 -35.77
C ARG D 499 -16.78 -10.81 -35.84
N ARG D 500 -17.40 -10.93 -37.00
CA ARG D 500 -18.65 -10.19 -37.27
C ARG D 500 -19.84 -10.77 -36.51
N PRO D 501 -20.83 -10.03 -35.97
CA PRO D 501 -20.70 -8.61 -35.53
C PRO D 501 -20.11 -8.61 -34.16
N SER D 502 -18.85 -8.11 -33.96
CA SER D 502 -18.41 -7.78 -32.65
C SER D 502 -18.90 -6.45 -32.18
N VAL D 508 -15.08 -1.63 -26.17
CA VAL D 508 -14.04 -1.91 -27.13
C VAL D 508 -13.14 -3.09 -26.75
N ASP D 509 -13.11 -4.14 -27.60
CA ASP D 509 -12.27 -5.27 -27.46
C ASP D 509 -11.01 -5.16 -28.25
N SER D 510 -11.14 -4.77 -29.50
CA SER D 510 -10.00 -4.38 -30.34
C SER D 510 -10.15 -2.97 -30.83
N TYR D 511 -9.65 -2.02 -30.02
CA TYR D 511 -9.36 -0.68 -30.38
C TYR D 511 -8.45 -0.58 -31.55
N SER D 512 -7.32 -1.25 -31.60
CA SER D 512 -6.40 -1.01 -32.74
C SER D 512 -6.80 -1.64 -33.99
N GLU D 513 -7.78 -2.57 -34.01
CA GLU D 513 -8.43 -2.90 -35.26
C GLU D 513 -9.15 -1.75 -35.86
N ILE D 514 -9.72 -0.83 -35.09
CA ILE D 514 -10.52 0.26 -35.61
C ILE D 514 -9.67 1.43 -36.07
N LEU D 515 -8.54 1.70 -35.47
CA LEU D 515 -7.91 2.98 -35.74
C LEU D 515 -7.02 2.83 -36.98
N PHE D 516 -6.82 1.65 -37.50
CA PHE D 516 -6.45 1.52 -38.92
C PHE D 516 -7.64 1.56 -39.81
N PHE D 517 -8.81 1.10 -39.38
CA PHE D 517 -9.92 1.35 -40.25
C PHE D 517 -10.32 2.82 -40.33
N VAL D 518 -10.18 3.69 -39.28
CA VAL D 518 -10.64 5.07 -39.49
C VAL D 518 -9.63 5.86 -40.24
N GLN D 519 -8.32 5.54 -40.06
CA GLN D 519 -7.24 6.24 -40.71
C GLN D 519 -7.30 6.07 -42.22
N SER D 520 -7.91 4.97 -42.66
CA SER D 520 -7.99 4.70 -44.08
C SER D 520 -9.23 5.24 -44.65
N LEU D 521 -10.36 5.18 -43.89
CA LEU D 521 -11.56 5.91 -44.30
C LEU D 521 -11.16 7.33 -44.56
N PHE D 522 -10.15 7.92 -43.82
CA PHE D 522 -9.77 9.26 -44.20
C PHE D 522 -8.86 9.43 -45.36
N MET D 523 -8.15 8.41 -45.80
CA MET D 523 -7.58 8.40 -47.14
C MET D 523 -8.68 8.39 -48.26
N LEU D 524 -9.85 7.87 -47.99
CA LEU D 524 -10.80 7.49 -49.02
C LEU D 524 -11.86 8.54 -49.08
N VAL D 525 -12.33 9.10 -47.96
CA VAL D 525 -13.08 10.37 -48.14
C VAL D 525 -12.16 11.43 -48.66
N SER D 526 -10.79 11.37 -48.47
CA SER D 526 -10.02 12.38 -49.10
C SER D 526 -10.03 12.20 -50.60
N VAL D 527 -9.73 10.95 -51.02
CA VAL D 527 -9.55 10.64 -52.43
C VAL D 527 -10.84 10.90 -53.18
N VAL D 528 -12.04 10.61 -52.56
CA VAL D 528 -13.23 10.88 -53.34
C VAL D 528 -13.32 12.37 -53.56
N LEU D 529 -12.93 13.17 -52.58
CA LEU D 529 -12.94 14.61 -52.70
C LEU D 529 -11.87 15.02 -53.68
N TYR D 530 -10.83 14.24 -53.90
CA TYR D 530 -9.76 14.77 -54.78
C TYR D 530 -10.27 14.82 -56.23
N PHE D 531 -11.39 14.12 -56.50
CA PHE D 531 -11.95 13.91 -57.85
C PHE D 531 -13.25 14.64 -58.06
N SER D 532 -13.92 15.06 -56.98
CA SER D 532 -14.95 16.11 -56.97
C SER D 532 -14.22 17.47 -57.25
N GLN D 533 -12.91 17.47 -57.16
CA GLN D 533 -12.03 18.65 -57.07
C GLN D 533 -12.57 19.66 -56.08
N ARG D 534 -13.05 19.14 -54.96
CA ARG D 534 -13.12 19.95 -53.75
C ARG D 534 -11.73 20.35 -53.23
N LYS D 535 -11.62 21.65 -52.88
CA LYS D 535 -10.36 22.18 -52.39
C LYS D 535 -9.97 21.56 -51.07
N GLU D 536 -10.93 20.86 -50.41
CA GLU D 536 -10.90 20.44 -49.02
C GLU D 536 -10.21 19.09 -48.81
N TYR D 537 -9.85 18.36 -49.87
CA TYR D 537 -9.51 16.95 -49.66
C TYR D 537 -8.40 16.77 -48.66
N VAL D 538 -7.60 17.76 -48.56
CA VAL D 538 -6.36 17.75 -47.70
C VAL D 538 -6.74 17.67 -46.22
N ALA D 539 -7.80 18.40 -45.83
CA ALA D 539 -8.41 18.21 -44.50
C ALA D 539 -8.44 16.70 -44.22
N SER D 540 -8.79 15.92 -45.20
CA SER D 540 -8.81 14.46 -44.93
C SER D 540 -7.42 13.82 -45.10
N MET D 541 -6.52 14.22 -45.98
CA MET D 541 -5.16 13.66 -45.99
C MET D 541 -4.48 13.92 -44.66
N VAL D 542 -4.65 15.08 -44.08
CA VAL D 542 -3.91 15.47 -42.86
C VAL D 542 -4.41 14.66 -41.65
N PHE D 543 -5.69 14.45 -41.49
CA PHE D 543 -6.07 13.58 -40.32
C PHE D 543 -5.53 12.15 -40.57
N SER D 544 -5.58 11.63 -41.76
CA SER D 544 -5.14 10.33 -42.11
C SER D 544 -3.66 10.22 -41.70
N LEU D 545 -2.85 11.25 -42.02
CA LEU D 545 -1.42 11.26 -41.70
C LEU D 545 -1.15 11.28 -40.22
N ALA D 546 -1.63 12.33 -39.48
CA ALA D 546 -1.46 12.38 -38.06
C ALA D 546 -1.98 11.06 -37.46
N MET D 547 -3.09 10.49 -37.94
CA MET D 547 -3.38 9.13 -37.56
C MET D 547 -2.41 8.06 -37.98
N GLY D 548 -1.90 8.03 -39.20
CA GLY D 548 -1.00 6.93 -39.58
C GLY D 548 0.22 6.95 -38.70
N TRP D 549 0.73 8.16 -38.36
CA TRP D 549 1.93 8.17 -37.56
C TRP D 549 1.56 7.73 -36.13
N THR D 550 0.47 8.19 -35.55
CA THR D 550 0.14 7.77 -34.22
C THR D 550 -0.27 6.28 -34.27
N ASN D 551 -0.77 5.70 -35.39
CA ASN D 551 -1.12 4.33 -35.40
C ASN D 551 0.14 3.45 -35.44
N MET D 552 1.28 4.13 -35.69
CA MET D 552 2.54 3.41 -35.44
C MET D 552 2.72 2.98 -34.01
N LEU D 553 2.05 3.64 -33.07
CA LEU D 553 2.27 3.34 -31.67
C LEU D 553 1.84 1.87 -31.41
N TYR D 554 0.96 1.27 -32.19
CA TYR D 554 0.46 -0.02 -31.80
C TYR D 554 1.55 -1.06 -32.02
N TYR D 555 2.40 -0.80 -32.94
CA TYR D 555 3.31 -1.75 -33.60
C TYR D 555 4.48 -2.00 -32.71
N THR D 556 4.56 -1.30 -31.60
CA THR D 556 5.38 -1.72 -30.48
C THR D 556 4.87 -3.00 -29.82
N ARG D 557 3.60 -3.13 -29.50
CA ARG D 557 3.32 -4.06 -28.44
C ARG D 557 3.62 -5.55 -28.73
N GLY D 558 4.09 -6.43 -27.83
CA GLY D 558 4.88 -6.09 -26.64
C GLY D 558 6.34 -6.00 -27.04
N PHE D 559 7.00 -4.83 -27.11
CA PHE D 559 8.47 -4.91 -26.93
C PHE D 559 8.74 -5.41 -25.54
N GLN D 560 7.72 -5.45 -24.61
CA GLN D 560 7.84 -5.69 -23.18
C GLN D 560 8.54 -4.55 -22.44
N GLN D 561 8.86 -3.49 -23.09
CA GLN D 561 9.06 -2.20 -22.48
C GLN D 561 8.25 -1.09 -23.11
N MET D 562 7.97 -1.12 -24.44
CA MET D 562 7.15 -0.05 -25.12
C MET D 562 5.72 -0.47 -25.25
N GLY D 563 5.40 -1.78 -25.29
CA GLY D 563 4.06 -2.21 -25.52
C GLY D 563 3.20 -1.79 -24.38
N ILE D 564 3.82 -1.50 -23.25
CA ILE D 564 3.04 -1.03 -22.16
C ILE D 564 2.53 0.40 -22.49
N TYR D 565 3.33 1.24 -23.13
CA TYR D 565 2.89 2.64 -23.19
C TYR D 565 1.80 2.77 -24.22
N ALA D 566 1.85 1.91 -25.26
CA ALA D 566 0.76 1.75 -26.14
C ALA D 566 -0.49 1.59 -25.32
N VAL D 567 -0.53 0.66 -24.34
CA VAL D 567 -1.83 0.43 -23.79
C VAL D 567 -2.36 1.62 -23.03
N MET D 568 -1.51 2.33 -22.26
CA MET D 568 -2.03 3.27 -21.22
C MET D 568 -2.80 4.42 -21.93
N ILE D 569 -2.25 4.99 -22.99
CA ILE D 569 -2.95 5.95 -23.85
C ILE D 569 -4.24 5.37 -24.39
N GLU D 570 -4.31 4.05 -24.67
CA GLU D 570 -5.58 3.52 -25.20
C GLU D 570 -6.62 3.35 -24.16
N LYS D 571 -6.28 3.46 -22.88
CA LYS D 571 -7.16 3.04 -21.83
C LYS D 571 -7.56 4.23 -20.99
N MET D 572 -6.70 5.21 -20.85
CA MET D 572 -7.11 6.54 -20.47
C MET D 572 -8.03 7.09 -21.59
N ILE D 573 -7.68 6.92 -22.86
CA ILE D 573 -8.67 7.41 -23.84
C ILE D 573 -10.06 6.69 -23.83
N LEU D 574 -10.10 5.42 -23.56
CA LEU D 574 -11.43 4.85 -23.43
C LEU D 574 -12.09 5.13 -22.12
N ARG D 575 -11.41 4.87 -21.01
CA ARG D 575 -12.07 5.09 -19.74
C ARG D 575 -12.15 6.58 -19.40
N ASP D 576 -10.92 7.21 -19.30
CA ASP D 576 -10.93 8.47 -18.58
C ASP D 576 -11.76 9.46 -19.35
N LEU D 577 -11.62 9.42 -20.69
CA LEU D 577 -12.28 10.50 -21.43
C LEU D 577 -13.76 10.32 -21.26
N CYS D 578 -14.41 9.23 -21.59
CA CYS D 578 -15.88 9.29 -21.67
C CYS D 578 -16.56 9.60 -20.29
N ARG D 579 -15.92 9.11 -19.21
CA ARG D 579 -16.35 9.33 -17.82
C ARG D 579 -16.11 10.75 -17.39
N PHE D 580 -15.33 11.47 -18.18
CA PHE D 580 -14.85 12.79 -17.84
C PHE D 580 -15.36 13.88 -18.80
N MET D 581 -15.53 13.52 -20.06
CA MET D 581 -15.80 14.50 -21.05
C MET D 581 -17.25 15.01 -20.94
N PHE D 582 -18.16 14.16 -20.39
CA PHE D 582 -19.43 14.64 -20.01
C PHE D 582 -19.49 15.46 -18.70
N VAL D 583 -18.82 15.07 -17.62
CA VAL D 583 -18.80 16.00 -16.47
C VAL D 583 -17.97 17.26 -16.84
N TYR D 584 -17.16 17.26 -17.92
CA TYR D 584 -16.62 18.55 -18.38
C TYR D 584 -17.51 19.36 -19.34
N LEU D 585 -18.31 18.74 -20.29
CA LEU D 585 -19.10 19.64 -21.11
C LEU D 585 -20.25 20.30 -20.40
N VAL D 586 -20.62 19.82 -19.20
CA VAL D 586 -21.56 20.65 -18.43
C VAL D 586 -20.90 21.84 -17.78
N PHE D 587 -19.65 21.79 -17.35
CA PHE D 587 -19.10 22.98 -16.71
C PHE D 587 -18.65 23.95 -17.76
N LEU D 588 -18.45 23.51 -18.99
CA LEU D 588 -18.04 24.44 -20.06
C LEU D 588 -19.28 24.98 -20.71
N PHE D 589 -20.23 24.09 -21.05
CA PHE D 589 -21.36 24.57 -21.87
C PHE D 589 -22.15 25.58 -21.01
N GLY D 590 -22.19 25.39 -19.70
CA GLY D 590 -23.05 26.22 -18.85
C GLY D 590 -22.39 27.54 -18.50
N PHE D 591 -21.08 27.59 -18.22
CA PHE D 591 -20.38 28.85 -18.17
C PHE D 591 -20.25 29.58 -19.52
N SER D 592 -20.20 28.85 -20.65
CA SER D 592 -19.95 29.48 -21.92
C SER D 592 -21.24 30.25 -22.30
N THR D 593 -22.34 29.58 -22.32
CA THR D 593 -23.66 30.12 -22.22
C THR D 593 -23.76 31.24 -21.20
N ALA D 594 -23.26 31.12 -19.94
CA ALA D 594 -23.31 32.18 -18.96
C ALA D 594 -22.50 33.37 -19.51
N VAL D 595 -21.27 33.12 -20.09
CA VAL D 595 -20.59 34.27 -20.60
C VAL D 595 -21.31 34.90 -21.76
N VAL D 596 -21.80 34.16 -22.75
CA VAL D 596 -22.28 34.90 -23.91
C VAL D 596 -23.47 35.79 -23.56
N THR D 597 -24.37 35.33 -22.75
CA THR D 597 -25.43 36.19 -22.20
C THR D 597 -24.79 37.36 -21.49
N LEU D 598 -23.81 37.15 -20.60
CA LEU D 598 -23.34 38.22 -19.75
C LEU D 598 -22.59 39.25 -20.62
N ILE D 599 -21.60 38.85 -21.44
CA ILE D 599 -20.81 39.80 -22.19
C ILE D 599 -21.35 40.03 -23.58
N GLU D 600 -21.03 41.13 -24.25
CA GLU D 600 -21.78 41.55 -25.44
C GLU D 600 -20.95 41.30 -26.75
N ASP D 601 -19.64 40.96 -26.73
CA ASP D 601 -18.90 41.11 -27.97
C ASP D 601 -17.43 40.55 -27.88
N GLY D 602 -16.82 40.19 -29.03
CA GLY D 602 -15.35 40.04 -29.12
C GLY D 602 -14.78 38.81 -29.83
N LYS D 603 -15.61 37.93 -30.46
CA LYS D 603 -15.25 36.57 -30.77
C LYS D 603 -14.91 35.75 -29.54
N TYR D 627 -16.25 37.55 -27.74
CA TYR D 627 -16.37 36.46 -26.81
C TYR D 627 -17.88 36.17 -26.53
N ASN D 628 -18.68 36.36 -27.58
CA ASN D 628 -20.06 35.96 -27.60
C ASN D 628 -20.38 34.78 -28.49
N SER D 629 -19.70 34.65 -29.65
CA SER D 629 -20.07 33.52 -30.49
C SER D 629 -19.88 32.25 -29.65
N LEU D 630 -20.85 31.37 -29.56
CA LEU D 630 -20.84 30.44 -28.40
C LEU D 630 -19.63 29.55 -28.54
N TYR D 631 -19.34 29.15 -29.76
CA TYR D 631 -18.13 28.34 -30.18
C TYR D 631 -16.89 29.08 -29.78
N SER D 632 -16.81 30.37 -30.09
CA SER D 632 -15.56 31.13 -29.79
C SER D 632 -15.36 31.30 -28.28
N THR D 633 -16.44 31.24 -27.54
CA THR D 633 -16.31 31.29 -26.11
C THR D 633 -16.01 29.89 -25.54
N CYS D 634 -16.61 28.83 -26.01
CA CYS D 634 -16.33 27.53 -25.45
C CYS D 634 -14.91 27.12 -25.60
N LEU D 635 -14.28 27.52 -26.72
CA LEU D 635 -12.82 27.54 -26.93
C LEU D 635 -12.12 28.50 -25.97
N GLU D 636 -12.50 29.81 -25.96
CA GLU D 636 -11.75 30.71 -25.12
C GLU D 636 -11.79 30.23 -23.65
N LEU D 637 -12.91 29.55 -23.26
CA LEU D 637 -13.01 29.01 -21.92
C LEU D 637 -12.23 27.70 -21.79
N PHE D 638 -12.09 26.97 -22.88
CA PHE D 638 -11.22 25.77 -22.95
C PHE D 638 -9.79 26.07 -22.70
N LYS D 639 -9.23 27.17 -23.30
CA LYS D 639 -7.79 27.46 -22.95
C LYS D 639 -7.43 27.47 -21.50
N PHE D 640 -8.10 28.24 -20.65
CA PHE D 640 -7.82 28.31 -19.26
C PHE D 640 -7.56 26.93 -18.69
N THR D 641 -8.49 25.99 -19.01
CA THR D 641 -8.46 24.63 -18.57
C THR D 641 -7.31 23.96 -19.25
N ILE D 642 -6.88 24.30 -20.46
CA ILE D 642 -5.59 23.72 -20.89
C ILE D 642 -4.46 24.19 -19.99
N GLY D 643 -4.61 25.48 -19.53
CA GLY D 643 -3.43 26.25 -19.12
C GLY D 643 -3.18 27.41 -20.01
N MET D 644 -3.72 27.54 -21.21
CA MET D 644 -3.43 28.70 -22.02
C MET D 644 -4.29 29.89 -21.72
N GLY D 645 -4.36 30.35 -20.48
CA GLY D 645 -5.44 31.28 -20.10
C GLY D 645 -5.04 32.73 -20.34
N ASP D 646 -5.91 33.52 -21.05
CA ASP D 646 -5.65 34.92 -21.17
C ASP D 646 -6.40 35.69 -20.10
N LEU D 647 -6.63 35.08 -18.94
CA LEU D 647 -6.86 35.90 -17.75
C LEU D 647 -7.96 36.91 -17.92
N GLU D 648 -7.81 38.24 -17.74
CA GLU D 648 -8.76 39.27 -18.06
C GLU D 648 -8.39 39.89 -19.37
N PHE D 649 -9.20 39.57 -20.44
CA PHE D 649 -8.86 40.01 -21.76
C PHE D 649 -9.60 41.21 -22.18
N THR D 650 -10.67 41.54 -21.48
CA THR D 650 -11.74 42.38 -22.08
C THR D 650 -12.16 43.50 -21.19
N GLU D 651 -12.05 44.75 -21.60
CA GLU D 651 -12.49 45.94 -20.91
C GLU D 651 -14.04 46.10 -21.07
N ASN D 652 -14.67 45.34 -21.93
CA ASN D 652 -16.05 45.58 -22.27
C ASN D 652 -17.12 44.84 -21.40
N TYR D 653 -17.70 45.61 -20.47
CA TYR D 653 -19.03 45.19 -20.02
C TYR D 653 -19.83 46.31 -19.36
N ASP D 654 -21.12 46.38 -19.50
CA ASP D 654 -21.87 47.13 -18.45
C ASP D 654 -21.77 46.34 -17.16
N PHE D 655 -22.32 46.88 -16.04
CA PHE D 655 -22.67 46.09 -14.86
C PHE D 655 -21.45 45.62 -14.12
N LYS D 656 -20.27 46.25 -14.27
CA LYS D 656 -19.23 46.17 -13.25
C LYS D 656 -18.76 44.75 -12.91
N ALA D 657 -18.29 44.41 -11.73
CA ALA D 657 -17.37 43.27 -11.48
C ALA D 657 -17.86 41.92 -12.00
N VAL D 658 -19.21 41.66 -12.09
CA VAL D 658 -19.57 40.21 -12.06
C VAL D 658 -18.96 39.36 -13.22
N PHE D 659 -18.45 39.88 -14.32
CA PHE D 659 -17.68 38.95 -15.19
C PHE D 659 -16.43 38.35 -14.50
N ILE D 660 -15.69 39.08 -13.68
CA ILE D 660 -14.51 38.46 -13.20
C ILE D 660 -14.81 37.38 -12.14
N ILE D 661 -15.75 37.58 -11.29
CA ILE D 661 -16.12 36.45 -10.39
C ILE D 661 -16.61 35.24 -11.16
N LEU D 662 -17.39 35.46 -12.17
CA LEU D 662 -17.96 34.35 -12.92
C LEU D 662 -16.81 33.54 -13.50
N LEU D 663 -15.82 34.22 -14.12
CA LEU D 663 -14.67 33.56 -14.68
C LEU D 663 -13.68 33.02 -13.66
N LEU D 664 -13.31 33.75 -12.63
CA LEU D 664 -12.48 33.13 -11.59
C LEU D 664 -13.20 31.92 -11.05
N ALA D 665 -14.53 32.05 -10.82
CA ALA D 665 -15.26 30.91 -10.30
C ALA D 665 -14.99 29.71 -11.22
N TYR D 666 -15.16 29.79 -12.51
CA TYR D 666 -14.74 28.79 -13.45
C TYR D 666 -13.23 28.47 -13.35
N VAL D 667 -12.31 29.45 -13.11
CA VAL D 667 -10.90 29.01 -13.20
C VAL D 667 -10.46 28.24 -11.94
N ILE D 668 -10.82 28.77 -10.76
CA ILE D 668 -10.61 27.93 -9.55
C ILE D 668 -11.43 26.66 -9.59
N LEU D 669 -12.50 26.66 -10.41
CA LEU D 669 -13.38 25.46 -10.41
C LEU D 669 -12.98 24.48 -11.47
N THR D 670 -12.31 24.88 -12.52
CA THR D 670 -12.23 24.11 -13.76
C THR D 670 -10.73 23.78 -14.01
N TYR D 671 -9.77 24.74 -13.95
CA TYR D 671 -8.38 24.36 -14.06
C TYR D 671 -7.86 23.79 -12.70
N ILE D 672 -8.19 24.55 -11.62
CA ILE D 672 -7.51 24.17 -10.37
C ILE D 672 -8.15 22.97 -9.71
N LEU D 673 -9.42 22.61 -10.16
CA LEU D 673 -10.23 21.72 -9.32
C LEU D 673 -10.73 20.53 -10.10
N LEU D 674 -11.07 20.61 -11.41
CA LEU D 674 -11.48 19.39 -12.09
C LEU D 674 -10.23 18.58 -12.47
N LEU D 675 -9.34 19.17 -13.19
CA LEU D 675 -8.32 18.38 -13.91
C LEU D 675 -7.52 17.61 -12.84
N ASN D 676 -7.22 18.23 -11.73
CA ASN D 676 -6.44 17.51 -10.75
C ASN D 676 -7.15 16.22 -10.45
N MET D 677 -8.52 16.24 -10.34
CA MET D 677 -9.22 14.98 -10.45
C MET D 677 -9.01 14.18 -11.72
N LEU D 678 -9.05 14.74 -12.97
CA LEU D 678 -8.77 13.92 -14.14
C LEU D 678 -7.39 13.32 -14.16
N ILE D 679 -6.32 14.08 -14.07
CA ILE D 679 -4.94 13.54 -13.79
C ILE D 679 -5.05 12.53 -12.64
N ALA D 680 -5.66 12.88 -11.47
CA ALA D 680 -5.45 11.98 -10.37
C ALA D 680 -6.09 10.61 -10.67
N LEU D 681 -7.16 10.56 -11.44
CA LEU D 681 -7.62 9.29 -11.97
C LEU D 681 -6.60 8.68 -12.94
N MET D 682 -6.00 9.49 -13.87
CA MET D 682 -5.05 8.90 -14.75
C MET D 682 -3.82 8.36 -13.99
N GLY D 683 -3.22 9.11 -13.09
CA GLY D 683 -2.12 8.50 -12.34
C GLY D 683 -2.65 7.31 -11.56
N GLU D 684 -3.94 7.26 -11.29
CA GLU D 684 -4.65 6.10 -10.78
C GLU D 684 -4.75 4.92 -11.81
N THR D 685 -4.96 5.12 -13.11
CA THR D 685 -4.64 4.05 -14.04
C THR D 685 -3.13 3.81 -13.94
N VAL D 686 -2.24 4.79 -14.23
CA VAL D 686 -0.83 4.57 -14.46
C VAL D 686 -0.25 3.79 -13.28
N ASN D 687 -0.84 3.85 -12.07
CA ASN D 687 -0.44 2.93 -10.99
C ASN D 687 -0.53 1.45 -11.39
N LYS D 688 -1.74 1.04 -11.72
CA LYS D 688 -1.99 -0.43 -11.79
C LYS D 688 -1.80 -0.92 -13.21
N ILE D 689 -2.11 -0.05 -14.19
CA ILE D 689 -1.97 -0.58 -15.58
C ILE D 689 -0.51 -0.57 -15.99
N ALA D 690 0.37 -0.02 -15.17
CA ALA D 690 1.79 -0.26 -15.39
C ALA D 690 2.12 -1.72 -15.15
N GLN D 691 1.62 -2.34 -14.05
CA GLN D 691 2.42 -3.53 -13.62
C GLN D 691 1.72 -4.89 -13.80
N GLU D 692 0.53 -5.12 -13.26
CA GLU D 692 -0.13 -6.41 -13.50
C GLU D 692 -0.82 -6.35 -14.86
N SER D 693 -0.90 -5.14 -15.45
CA SER D 693 -1.16 -5.16 -16.86
C SER D 693 -0.22 -6.11 -17.63
N LYS D 694 0.99 -6.28 -17.14
CA LYS D 694 2.05 -6.68 -18.03
C LYS D 694 1.70 -7.86 -18.89
N ASN D 695 1.34 -9.04 -18.33
CA ASN D 695 1.26 -10.18 -19.27
C ASN D 695 0.24 -10.09 -20.43
N ILE D 696 -0.64 -9.08 -20.38
CA ILE D 696 -1.37 -8.63 -21.60
C ILE D 696 -0.48 -8.49 -22.82
N TRP D 697 0.78 -8.00 -22.78
CA TRP D 697 1.59 -8.07 -24.02
C TRP D 697 1.59 -9.51 -24.47
N LYS D 698 1.83 -10.51 -23.64
CA LYS D 698 2.02 -11.84 -24.17
C LYS D 698 0.79 -12.25 -25.04
N LEU D 699 -0.40 -11.71 -24.68
CA LEU D 699 -1.61 -11.99 -25.45
C LEU D 699 -1.55 -11.23 -26.76
N GLN D 700 -1.12 -10.02 -26.69
CA GLN D 700 -1.06 -9.35 -27.97
C GLN D 700 0.04 -9.88 -28.88
N ARG D 701 1.11 -10.28 -28.25
CA ARG D 701 2.02 -11.17 -29.02
C ARG D 701 1.24 -12.43 -29.48
N ALA D 702 0.31 -12.93 -28.65
CA ALA D 702 -0.40 -14.14 -29.16
C ALA D 702 -1.35 -13.78 -30.28
N ILE D 703 -1.88 -12.53 -30.35
CA ILE D 703 -2.90 -12.16 -31.28
C ILE D 703 -2.30 -11.61 -32.60
N THR D 704 -1.16 -10.94 -32.57
CA THR D 704 -0.44 -10.78 -33.82
C THR D 704 0.27 -12.09 -34.24
N ILE D 705 0.33 -13.18 -33.44
CA ILE D 705 0.50 -14.52 -33.93
C ILE D 705 -0.76 -15.15 -34.46
N LEU D 706 -1.83 -15.21 -33.69
CA LEU D 706 -2.83 -16.17 -34.08
C LEU D 706 -3.47 -15.84 -35.44
N ASP D 707 -3.42 -14.54 -35.77
CA ASP D 707 -3.78 -14.06 -37.09
C ASP D 707 -2.78 -14.30 -38.14
N THR D 708 -1.49 -13.95 -37.94
CA THR D 708 -0.57 -13.81 -39.05
C THR D 708 -0.36 -15.18 -39.62
N GLU D 709 -0.20 -16.26 -38.82
CA GLU D 709 -0.42 -17.66 -39.22
C GLU D 709 -1.80 -17.85 -39.88
N LYS D 710 -2.90 -17.34 -39.38
CA LYS D 710 -4.19 -17.50 -40.08
C LYS D 710 -4.25 -16.74 -41.39
N SER D 711 -3.41 -15.77 -41.63
CA SER D 711 -3.47 -14.86 -42.75
C SER D 711 -2.22 -15.00 -43.64
N PHE D 712 -1.43 -16.01 -43.33
CA PHE D 712 -0.26 -16.41 -44.16
C PHE D 712 -0.46 -17.78 -44.85
N LEU D 713 -1.70 -18.13 -45.10
CA LEU D 713 -2.10 -19.30 -45.85
C LEU D 713 -1.78 -20.66 -45.17
N LYS D 714 -2.00 -20.82 -43.83
CA LYS D 714 -2.23 -22.17 -43.25
C LYS D 714 -1.17 -23.21 -43.68
N CYS D 715 0.11 -22.91 -43.33
CA CYS D 715 1.21 -23.52 -43.96
C CYS D 715 2.06 -24.29 -42.97
N MET D 716 3.21 -24.78 -43.42
CA MET D 716 3.95 -25.75 -42.59
C MET D 716 4.59 -25.12 -41.34
N ARG D 717 4.07 -25.41 -40.15
CA ARG D 717 4.58 -24.92 -38.90
C ARG D 717 4.37 -25.98 -37.86
N LYS D 718 4.72 -25.83 -36.60
CA LYS D 718 4.81 -27.07 -35.76
C LYS D 718 3.33 -27.53 -35.46
N ALA D 719 2.88 -28.58 -36.19
CA ALA D 719 1.46 -29.01 -36.21
C ALA D 719 1.31 -30.39 -36.91
#